data_1UY3
# 
_entry.id   1UY3 
# 
_audit_conform.dict_name       mmcif_pdbx.dic 
_audit_conform.dict_version    5.382 
_audit_conform.dict_location   http://mmcif.pdb.org/dictionaries/ascii/mmcif_pdbx.dic 
# 
loop_
_database_2.database_id 
_database_2.database_code 
_database_2.pdbx_database_accession 
_database_2.pdbx_DOI 
PDB   1UY3         pdb_00001uy3 10.2210/pdb1uy3/pdb 
PDBE  EBI-14697    ?            ?                   
WWPDB D_1290014697 ?            ?                   
# 
loop_
_pdbx_database_related.db_name 
_pdbx_database_related.db_id 
_pdbx_database_related.content_type 
_pdbx_database_related.details 
PDB 1NAE unspecified 'STRUCTURE OF CSCBM6-3 FROM CLOSTRIDIUM STERCORARIUM INCOMPLEX WITH XYLOTRIOSE' 
PDB 1OD3 unspecified 'STRUCTURE OF CBM6-3 IN COMPLEX WITH LAMINARIBIOSE'                             
PDB 1UY1 unspecified 'STRUCTURE OF CARBOHYDRATE-BINDING MODULE LAMINARIBIOSE'                        
PDB 1UY2 unspecified 'STRUCTURE OF CARBOHYDRATE-BINDING MODULE LAMINARIBIOSE'                        
PDB 1UY4 unspecified 'STRUCTURE OF CARBOHYDRATE-BINDING MODULE LAMINARIBIOSE'                        
# 
_pdbx_database_status.status_code                     REL 
_pdbx_database_status.entry_id                        1UY3 
_pdbx_database_status.deposit_site                    PDBE 
_pdbx_database_status.process_site                    PDBE 
_pdbx_database_status.SG_entry                        . 
_pdbx_database_status.recvd_initial_deposition_date   2004-03-01 
_pdbx_database_status.pdb_format_compatible           Y 
_pdbx_database_status.status_code_sf                  REL 
_pdbx_database_status.status_code_mr                  ? 
_pdbx_database_status.status_code_cs                  ? 
_pdbx_database_status.methods_development_category    ? 
_pdbx_database_status.status_code_nmr_data            ? 
# 
loop_
_audit_author.name 
_audit_author.pdbx_ordinal 
'Van Bueren, A.L.' 1 
'Boraston, A.B.'   2 
# 
_citation.id                        primary 
_citation.title                     
;Binding Sub-Site Dissection of a Carbohydrate-Binding Module Reveals the Contribution of Entropy to Oligosaccharide Recognition at "Non-Primary" Binding Subsites.
;
_citation.journal_abbrev            J.Mol.Biol. 
_citation.journal_volume            340 
_citation.page_first                869 
_citation.page_last                 ? 
_citation.year                      2004 
_citation.journal_id_ASTM           JMOBAK 
_citation.country                   UK 
_citation.journal_id_ISSN           0022-2836 
_citation.journal_id_CSD            0070 
_citation.book_publisher            ? 
_citation.pdbx_database_id_PubMed   15223327 
_citation.pdbx_database_id_DOI      10.1016/J.JMB.2004.05.038 
# 
loop_
_citation_author.citation_id 
_citation_author.name 
_citation_author.ordinal 
_citation_author.identifier_ORCID 
primary 'Van Bueren, A.L.' 1 ? 
primary 'Boraston, A.B.'   2 ? 
# 
_cell.entry_id           1UY3 
_cell.length_a           83.413 
_cell.length_b           83.413 
_cell.length_c           44.659 
_cell.angle_alpha        90.00 
_cell.angle_beta         90.00 
_cell.angle_gamma        90.00 
_cell.Z_PDB              8 
_cell.pdbx_unique_axis   ? 
# 
_symmetry.entry_id                         1UY3 
_symmetry.space_group_name_H-M             'P 41 21 2' 
_symmetry.pdbx_full_space_group_name_H-M   ? 
_symmetry.cell_setting                     ? 
_symmetry.Int_Tables_number                92 
# 
loop_
_entity.id 
_entity.type 
_entity.src_method 
_entity.pdbx_description 
_entity.formula_weight 
_entity.pdbx_number_of_molecules 
_entity.pdbx_ec 
_entity.pdbx_mutation 
_entity.pdbx_fragment 
_entity.details 
1 polymer     man 'ENDO-1,4-BETA-XYLANASE A'                                                15240.524 1   ? ? 
'CARBOHYDRATE-BINDING MODULE, RESIDUES 236-374' ? 
2 branched    man 'beta-D-xylopyranose-(1-4)-beta-D-xylopyranose-(1-4)-beta-D-xylopyranose' 414.360   1   ? ? ? ? 
3 non-polymer syn 'SODIUM ION'                                                              22.990    1   ? ? ? ? 
4 non-polymer syn 'CALCIUM ION'                                                             40.078    1   ? ? ? ? 
5 non-polymer syn GLYCEROL                                                                  92.094    1   ? ? ? ? 
6 water       nat water                                                                     18.015    156 ? ? ? ? 
# 
loop_
_entity_name_com.entity_id 
_entity_name_com.name 
1 'CSCBM6-1,1,4-BETA-D-XYLAN XYLANOHYDROLASE A' 
2 4beta-beta-xylotriose                         
# 
_entity_poly.entity_id                      1 
_entity_poly.type                           'polypeptide(L)' 
_entity_poly.nstd_linkage                   no 
_entity_poly.nstd_monomer                   no 
_entity_poly.pdbx_seq_one_letter_code       
;GSHMASPTPAPSQSPIRRDAFSIIEAEEYNSTNSSTLQVIGTPNNGRGIGYIENGNTVTYSNIDFGSGATGFSATVATEV
NTSIQIRSDSPTGTLLGTLYVSSTGSWNTYNTVSTNISKITGVHDIVLVFSGPVNVDNFIFSRSS
;
_entity_poly.pdbx_seq_one_letter_code_can   
;GSHMASPTPAPSQSPIRRDAFSIIEAEEYNSTNSSTLQVIGTPNNGRGIGYIENGNTVTYSNIDFGSGATGFSATVATEV
NTSIQIRSDSPTGTLLGTLYVSSTGSWNTYNTVSTNISKITGVHDIVLVFSGPVNVDNFIFSRSS
;
_entity_poly.pdbx_strand_id                 A 
_entity_poly.pdbx_target_identifier         ? 
# 
loop_
_entity_poly_seq.entity_id 
_entity_poly_seq.num 
_entity_poly_seq.mon_id 
_entity_poly_seq.hetero 
1 1   GLY n 
1 2   SER n 
1 3   HIS n 
1 4   MET n 
1 5   ALA n 
1 6   SER n 
1 7   PRO n 
1 8   THR n 
1 9   PRO n 
1 10  ALA n 
1 11  PRO n 
1 12  SER n 
1 13  GLN n 
1 14  SER n 
1 15  PRO n 
1 16  ILE n 
1 17  ARG n 
1 18  ARG n 
1 19  ASP n 
1 20  ALA n 
1 21  PHE n 
1 22  SER n 
1 23  ILE n 
1 24  ILE n 
1 25  GLU n 
1 26  ALA n 
1 27  GLU n 
1 28  GLU n 
1 29  TYR n 
1 30  ASN n 
1 31  SER n 
1 32  THR n 
1 33  ASN n 
1 34  SER n 
1 35  SER n 
1 36  THR n 
1 37  LEU n 
1 38  GLN n 
1 39  VAL n 
1 40  ILE n 
1 41  GLY n 
1 42  THR n 
1 43  PRO n 
1 44  ASN n 
1 45  ASN n 
1 46  GLY n 
1 47  ARG n 
1 48  GLY n 
1 49  ILE n 
1 50  GLY n 
1 51  TYR n 
1 52  ILE n 
1 53  GLU n 
1 54  ASN n 
1 55  GLY n 
1 56  ASN n 
1 57  THR n 
1 58  VAL n 
1 59  THR n 
1 60  TYR n 
1 61  SER n 
1 62  ASN n 
1 63  ILE n 
1 64  ASP n 
1 65  PHE n 
1 66  GLY n 
1 67  SER n 
1 68  GLY n 
1 69  ALA n 
1 70  THR n 
1 71  GLY n 
1 72  PHE n 
1 73  SER n 
1 74  ALA n 
1 75  THR n 
1 76  VAL n 
1 77  ALA n 
1 78  THR n 
1 79  GLU n 
1 80  VAL n 
1 81  ASN n 
1 82  THR n 
1 83  SER n 
1 84  ILE n 
1 85  GLN n 
1 86  ILE n 
1 87  ARG n 
1 88  SER n 
1 89  ASP n 
1 90  SER n 
1 91  PRO n 
1 92  THR n 
1 93  GLY n 
1 94  THR n 
1 95  LEU n 
1 96  LEU n 
1 97  GLY n 
1 98  THR n 
1 99  LEU n 
1 100 TYR n 
1 101 VAL n 
1 102 SER n 
1 103 SER n 
1 104 THR n 
1 105 GLY n 
1 106 SER n 
1 107 TRP n 
1 108 ASN n 
1 109 THR n 
1 110 TYR n 
1 111 ASN n 
1 112 THR n 
1 113 VAL n 
1 114 SER n 
1 115 THR n 
1 116 ASN n 
1 117 ILE n 
1 118 SER n 
1 119 LYS n 
1 120 ILE n 
1 121 THR n 
1 122 GLY n 
1 123 VAL n 
1 124 HIS n 
1 125 ASP n 
1 126 ILE n 
1 127 VAL n 
1 128 LEU n 
1 129 VAL n 
1 130 PHE n 
1 131 SER n 
1 132 GLY n 
1 133 PRO n 
1 134 VAL n 
1 135 ASN n 
1 136 VAL n 
1 137 ASP n 
1 138 ASN n 
1 139 PHE n 
1 140 ILE n 
1 141 PHE n 
1 142 SER n 
1 143 ARG n 
1 144 SER n 
1 145 SER n 
# 
_entity_src_gen.entity_id                          1 
_entity_src_gen.pdbx_src_id                        1 
_entity_src_gen.pdbx_alt_source_flag               sample 
_entity_src_gen.pdbx_seq_type                      ? 
_entity_src_gen.pdbx_beg_seq_num                   ? 
_entity_src_gen.pdbx_end_seq_num                   ? 
_entity_src_gen.gene_src_common_name               ? 
_entity_src_gen.gene_src_genus                     ? 
_entity_src_gen.pdbx_gene_src_gene                 ? 
_entity_src_gen.gene_src_species                   ? 
_entity_src_gen.gene_src_strain                    'NCIB 11745' 
_entity_src_gen.gene_src_tissue                    ? 
_entity_src_gen.gene_src_tissue_fraction           ? 
_entity_src_gen.gene_src_details                   ? 
_entity_src_gen.pdbx_gene_src_fragment             ? 
_entity_src_gen.pdbx_gene_src_scientific_name      'CLOSTRIDIUM STERCORARIUM' 
_entity_src_gen.pdbx_gene_src_ncbi_taxonomy_id     1510 
_entity_src_gen.pdbx_gene_src_variant              ? 
_entity_src_gen.pdbx_gene_src_cell_line            ? 
_entity_src_gen.pdbx_gene_src_atcc                 ? 
_entity_src_gen.pdbx_gene_src_organ                ? 
_entity_src_gen.pdbx_gene_src_organelle            ? 
_entity_src_gen.pdbx_gene_src_cell                 ? 
_entity_src_gen.pdbx_gene_src_cellular_location    ? 
_entity_src_gen.host_org_common_name               ? 
_entity_src_gen.pdbx_host_org_scientific_name      'ESCHERICHIA COLI' 
_entity_src_gen.pdbx_host_org_ncbi_taxonomy_id     469008 
_entity_src_gen.host_org_genus                     ? 
_entity_src_gen.pdbx_host_org_gene                 ? 
_entity_src_gen.pdbx_host_org_organ                ? 
_entity_src_gen.host_org_species                   ? 
_entity_src_gen.pdbx_host_org_tissue               ? 
_entity_src_gen.pdbx_host_org_tissue_fraction      ? 
_entity_src_gen.pdbx_host_org_strain               'BL21(DE3)' 
_entity_src_gen.pdbx_host_org_variant              ? 
_entity_src_gen.pdbx_host_org_cell_line            ? 
_entity_src_gen.pdbx_host_org_atcc                 ? 
_entity_src_gen.pdbx_host_org_culture_collection   ? 
_entity_src_gen.pdbx_host_org_cell                 ? 
_entity_src_gen.pdbx_host_org_organelle            ? 
_entity_src_gen.pdbx_host_org_cellular_location    ? 
_entity_src_gen.pdbx_host_org_vector_type          ? 
_entity_src_gen.pdbx_host_org_vector               'PET 28' 
_entity_src_gen.host_org_details                   ? 
_entity_src_gen.expression_system_id               ? 
_entity_src_gen.plasmid_name                       PET-CBM6-1 
_entity_src_gen.plasmid_details                    ? 
_entity_src_gen.pdbx_description                   ? 
# 
loop_
_struct_ref.id 
_struct_ref.db_name 
_struct_ref.db_code 
_struct_ref.entity_id 
_struct_ref.pdbx_seq_one_letter_code 
_struct_ref.pdbx_align_begin 
_struct_ref.pdbx_db_accession 
_struct_ref.pdbx_db_isoform 
1 PDB 1UY3   1 ? ? 1UY3   ? 
2 UNP Q93AQ5 1 ? ? Q93AQ5 ? 
# 
loop_
_struct_ref_seq.align_id 
_struct_ref_seq.ref_id 
_struct_ref_seq.pdbx_PDB_id_code 
_struct_ref_seq.pdbx_strand_id 
_struct_ref_seq.seq_align_beg 
_struct_ref_seq.pdbx_seq_align_beg_ins_code 
_struct_ref_seq.seq_align_end 
_struct_ref_seq.pdbx_seq_align_end_ins_code 
_struct_ref_seq.pdbx_db_accession 
_struct_ref_seq.db_align_beg 
_struct_ref_seq.pdbx_db_align_beg_ins_code 
_struct_ref_seq.db_align_end 
_struct_ref_seq.pdbx_db_align_end_ins_code 
_struct_ref_seq.pdbx_auth_seq_align_beg 
_struct_ref_seq.pdbx_auth_seq_align_end 
1 1 1UY3 A 1 ? 6   ? 1UY3   1 ? 6   ? 1 6   
2 2 1UY3 A 7 ? 145 ? Q93AQ5 1 ? 139 ? 7 145 
# 
_struct_ref_seq_dif.align_id                     1 
_struct_ref_seq_dif.pdbx_pdb_id_code             1UY3 
_struct_ref_seq_dif.mon_id                       ASN 
_struct_ref_seq_dif.pdbx_pdb_strand_id           A 
_struct_ref_seq_dif.seq_num                      111 
_struct_ref_seq_dif.pdbx_pdb_ins_code            ? 
_struct_ref_seq_dif.pdbx_seq_db_name             UNP 
_struct_ref_seq_dif.pdbx_seq_db_accession_code   Q93AQ5 
_struct_ref_seq_dif.db_mon_id                    GLN 
_struct_ref_seq_dif.pdbx_seq_db_seq_num          105 
_struct_ref_seq_dif.details                      conflict 
_struct_ref_seq_dif.pdbx_auth_seq_num            111 
_struct_ref_seq_dif.pdbx_ordinal                 1 
# 
loop_
_chem_comp.id 
_chem_comp.type 
_chem_comp.mon_nstd_flag 
_chem_comp.name 
_chem_comp.pdbx_synonyms 
_chem_comp.formula 
_chem_comp.formula_weight 
ALA 'L-peptide linking'          y ALANINE             ?                                 'C3 H7 N O2'     89.093  
ARG 'L-peptide linking'          y ARGININE            ?                                 'C6 H15 N4 O2 1' 175.209 
ASN 'L-peptide linking'          y ASPARAGINE          ?                                 'C4 H8 N2 O3'    132.118 
ASP 'L-peptide linking'          y 'ASPARTIC ACID'     ?                                 'C4 H7 N O4'     133.103 
CA  non-polymer                  . 'CALCIUM ION'       ?                                 'Ca 2'           40.078  
GLN 'L-peptide linking'          y GLUTAMINE           ?                                 'C5 H10 N2 O3'   146.144 
GLU 'L-peptide linking'          y 'GLUTAMIC ACID'     ?                                 'C5 H9 N O4'     147.129 
GLY 'peptide linking'            y GLYCINE             ?                                 'C2 H5 N O2'     75.067  
GOL non-polymer                  . GLYCEROL            'GLYCERIN; PROPANE-1,2,3-TRIOL'   'C3 H8 O3'       92.094  
HIS 'L-peptide linking'          y HISTIDINE           ?                                 'C6 H10 N3 O2 1' 156.162 
HOH non-polymer                  . WATER               ?                                 'H2 O'           18.015  
ILE 'L-peptide linking'          y ISOLEUCINE          ?                                 'C6 H13 N O2'    131.173 
LEU 'L-peptide linking'          y LEUCINE             ?                                 'C6 H13 N O2'    131.173 
LYS 'L-peptide linking'          y LYSINE              ?                                 'C6 H15 N2 O2 1' 147.195 
MET 'L-peptide linking'          y METHIONINE          ?                                 'C5 H11 N O2 S'  149.211 
NA  non-polymer                  . 'SODIUM ION'        ?                                 'Na 1'           22.990  
PHE 'L-peptide linking'          y PHENYLALANINE       ?                                 'C9 H11 N O2'    165.189 
PRO 'L-peptide linking'          y PROLINE             ?                                 'C5 H9 N O2'     115.130 
SER 'L-peptide linking'          y SERINE              ?                                 'C3 H7 N O3'     105.093 
THR 'L-peptide linking'          y THREONINE           ?                                 'C4 H9 N O3'     119.119 
TRP 'L-peptide linking'          y TRYPTOPHAN          ?                                 'C11 H12 N2 O2'  204.225 
TYR 'L-peptide linking'          y TYROSINE            ?                                 'C9 H11 N O3'    181.189 
VAL 'L-peptide linking'          y VALINE              ?                                 'C5 H11 N O2'    117.146 
XYP 'D-saccharide, beta linking' . beta-D-xylopyranose 'beta-D-xylose; D-xylose; xylose' 'C5 H10 O5'      150.130 
# 
_exptl.entry_id          1UY3 
_exptl.method            'X-RAY DIFFRACTION' 
_exptl.crystals_number   1 
# 
_exptl_crystal.id                    1 
_exptl_crystal.density_meas          ? 
_exptl_crystal.density_Matthews      2.55 
_exptl_crystal.density_percent_sol   51.74 
_exptl_crystal.description           ? 
# 
_exptl_crystal_grow.crystal_id      1 
_exptl_crystal_grow.method          ? 
_exptl_crystal_grow.temp            ? 
_exptl_crystal_grow.temp_details    ? 
_exptl_crystal_grow.pH              4.50 
_exptl_crystal_grow.pdbx_pH_range   ? 
_exptl_crystal_grow.pdbx_details    'pH 4.50' 
# 
_diffrn.id                     1 
_diffrn.ambient_temp           113.0 
_diffrn.ambient_temp_details   ? 
_diffrn.crystal_id             1 
# 
_diffrn_detector.diffrn_id              1 
_diffrn_detector.detector               'IMAGE PLATE' 
_diffrn_detector.type                   'RIGAKU R-AXIS IV++' 
_diffrn_detector.pdbx_collection_date   ? 
_diffrn_detector.details                'OSMIC BLUE' 
# 
_diffrn_radiation.diffrn_id                        1 
_diffrn_radiation.wavelength_id                    1 
_diffrn_radiation.pdbx_monochromatic_or_laue_m_l   M 
_diffrn_radiation.monochromator                    ? 
_diffrn_radiation.pdbx_diffrn_protocol             'SINGLE WAVELENGTH' 
_diffrn_radiation.pdbx_scattering_type             x-ray 
# 
_diffrn_radiation_wavelength.id           1 
_diffrn_radiation_wavelength.wavelength   1.5418 
_diffrn_radiation_wavelength.wt           1.0 
# 
_diffrn_source.diffrn_id                   1 
_diffrn_source.source                      'ROTATING ANODE' 
_diffrn_source.type                        'RIGAKU MICROMAX-002' 
_diffrn_source.pdbx_synchrotron_site       ? 
_diffrn_source.pdbx_synchrotron_beamline   ? 
_diffrn_source.pdbx_wavelength             1.5418 
_diffrn_source.pdbx_wavelength_list        ? 
# 
_reflns.pdbx_diffrn_id               1 
_reflns.pdbx_ordinal                 1 
_reflns.entry_id                     1UY3 
_reflns.observed_criterion_sigma_I   ? 
_reflns.observed_criterion_sigma_F   ? 
_reflns.d_resolution_low             20.000 
_reflns.d_resolution_high            1.890 
_reflns.number_obs                   12433 
_reflns.number_all                   ? 
_reflns.percent_possible_obs         99.9 
_reflns.pdbx_Rmerge_I_obs            0.07000 
_reflns.pdbx_Rsym_value              ? 
_reflns.pdbx_netI_over_sigmaI        16.0000 
_reflns.B_iso_Wilson_estimate        ? 
_reflns.pdbx_redundancy              8.200 
# 
_reflns_shell.pdbx_diffrn_id         1 
_reflns_shell.pdbx_ordinal           1 
_reflns_shell.d_res_high             1.89 
_reflns_shell.d_res_low              1.96 
_reflns_shell.percent_possible_all   100.0 
_reflns_shell.Rmerge_I_obs           0.35400 
_reflns_shell.pdbx_Rsym_value        ? 
_reflns_shell.meanI_over_sigI_obs    5.200 
_reflns_shell.pdbx_redundancy        8.00 
# 
_refine.pdbx_refine_id                           'X-RAY DIFFRACTION' 
_refine.entry_id                                 1UY3 
_refine.pdbx_diffrn_id                           1 
_refine.pdbx_TLS_residual_ADP_flag               ? 
_refine.ls_number_reflns_obs                     12433 
_refine.ls_number_reflns_all                     ? 
_refine.pdbx_ls_sigma_I                          ? 
_refine.pdbx_ls_sigma_F                          ? 
_refine.pdbx_data_cutoff_high_absF               ? 
_refine.pdbx_data_cutoff_low_absF                ? 
_refine.pdbx_data_cutoff_high_rms_absF           ? 
_refine.ls_d_res_low                             20.00 
_refine.ls_d_res_high                            1.89 
_refine.ls_percent_reflns_obs                    99.9 
_refine.ls_R_factor_obs                          0.132 
_refine.ls_R_factor_all                          ? 
_refine.ls_R_factor_R_work                       0.130 
_refine.ls_R_factor_R_free                       0.166 
_refine.ls_R_factor_R_free_error                 ? 
_refine.ls_R_factor_R_free_error_details         ? 
_refine.ls_percent_reflns_R_free                 5.100 
_refine.ls_number_reflns_R_free                  662 
_refine.ls_number_parameters                     ? 
_refine.ls_number_restraints                     ? 
_refine.occupancy_min                            ? 
_refine.occupancy_max                            ? 
_refine.correlation_coeff_Fo_to_Fc               0.973 
_refine.correlation_coeff_Fo_to_Fc_free          0.965 
_refine.B_iso_mean                               24.18 
_refine.aniso_B[1][1]                            -0.74000 
_refine.aniso_B[2][2]                            -0.74000 
_refine.aniso_B[3][3]                            1.48000 
_refine.aniso_B[1][2]                            0.00000 
_refine.aniso_B[1][3]                            0.00000 
_refine.aniso_B[2][3]                            0.00000 
_refine.solvent_model_details                    'BABINET MODEL WITH MASK' 
_refine.solvent_model_param_ksol                 ? 
_refine.solvent_model_param_bsol                 ? 
_refine.pdbx_solvent_vdw_probe_radii             1.40 
_refine.pdbx_solvent_ion_probe_radii             0.80 
_refine.pdbx_solvent_shrinkage_radii             0.80 
_refine.pdbx_ls_cross_valid_method               THROUGHOUT 
_refine.details                                  'HYDROGENS HAVE BEEN ADDED IN THE RIDING POSITIONS' 
_refine.pdbx_starting_model                      'PDB ENTRY 1GMM' 
_refine.pdbx_method_to_determine_struct          'MOLECULAR REPLACEMENT' 
_refine.pdbx_isotropic_thermal_model             ? 
_refine.pdbx_stereochemistry_target_values       'MAXIMUM LIKELIHOOD' 
_refine.pdbx_stereochem_target_val_spec_case     ? 
_refine.pdbx_R_Free_selection_details            RANDOM 
_refine.pdbx_overall_ESU_R                       0.200 
_refine.pdbx_overall_ESU_R_Free                  0.098 
_refine.overall_SU_ML                            0.060 
_refine.pdbx_overall_phase_error                 ? 
_refine.overall_SU_B                             2.090 
_refine.overall_SU_R_Cruickshank_DPI             ? 
_refine.pdbx_overall_SU_R_free_Cruickshank_DPI   ? 
_refine.pdbx_overall_SU_R_Blow_DPI               ? 
_refine.pdbx_overall_SU_R_free_Blow_DPI          ? 
# 
_refine_hist.pdbx_refine_id                   'X-RAY DIFFRACTION' 
_refine_hist.cycle_id                         LAST 
_refine_hist.pdbx_number_atoms_protein        986 
_refine_hist.pdbx_number_atoms_nucleic_acid   0 
_refine_hist.pdbx_number_atoms_ligand         36 
_refine_hist.number_atoms_solvent             156 
_refine_hist.number_atoms_total               1178 
_refine_hist.d_res_high                       1.89 
_refine_hist.d_res_low                        20.00 
# 
loop_
_refine_ls_restr.type 
_refine_ls_restr.dev_ideal 
_refine_ls_restr.dev_ideal_target 
_refine_ls_restr.weight 
_refine_ls_restr.number 
_refine_ls_restr.pdbx_refine_id 
_refine_ls_restr.pdbx_restraint_function 
r_bond_refined_d             0.018 0.021 ? 1044 'X-RAY DIFFRACTION' ? 
r_bond_other_d               0.002 0.020 ? 895  'X-RAY DIFFRACTION' ? 
r_angle_refined_deg          1.631 1.956 ? 1428 'X-RAY DIFFRACTION' ? 
r_angle_other_deg            0.872 3.000 ? 2081 'X-RAY DIFFRACTION' ? 
r_dihedral_angle_1_deg       6.540 5.000 ? 131  'X-RAY DIFFRACTION' ? 
r_dihedral_angle_2_deg       ?     ?     ? ?    'X-RAY DIFFRACTION' ? 
r_dihedral_angle_3_deg       ?     ?     ? ?    'X-RAY DIFFRACTION' ? 
r_dihedral_angle_4_deg       ?     ?     ? ?    'X-RAY DIFFRACTION' ? 
r_chiral_restr               0.109 0.200 ? 180  'X-RAY DIFFRACTION' ? 
r_gen_planes_refined         0.007 0.020 ? 1144 'X-RAY DIFFRACTION' ? 
r_gen_planes_other           0.003 0.020 ? 204  'X-RAY DIFFRACTION' ? 
r_nbd_refined                0.208 0.200 ? 168  'X-RAY DIFFRACTION' ? 
r_nbd_other                  0.265 0.200 ? 1059 'X-RAY DIFFRACTION' ? 
r_nbtor_refined              ?     ?     ? ?    'X-RAY DIFFRACTION' ? 
r_nbtor_other                0.088 0.200 ? 627  'X-RAY DIFFRACTION' ? 
r_xyhbond_nbd_refined        0.178 0.200 ? 80   'X-RAY DIFFRACTION' ? 
r_xyhbond_nbd_other          ?     ?     ? ?    'X-RAY DIFFRACTION' ? 
r_metal_ion_refined          0.131 0.200 ? 3    'X-RAY DIFFRACTION' ? 
r_metal_ion_other            ?     ?     ? ?    'X-RAY DIFFRACTION' ? 
r_symmetry_vdw_refined       0.174 0.200 ? 13   'X-RAY DIFFRACTION' ? 
r_symmetry_vdw_other         0.246 0.200 ? 31   'X-RAY DIFFRACTION' ? 
r_symmetry_hbond_refined     0.312 0.200 ? 16   'X-RAY DIFFRACTION' ? 
r_symmetry_hbond_other       ?     ?     ? ?    'X-RAY DIFFRACTION' ? 
r_symmetry_metal_ion_refined ?     ?     ? ?    'X-RAY DIFFRACTION' ? 
r_symmetry_metal_ion_other   ?     ?     ? ?    'X-RAY DIFFRACTION' ? 
r_mcbond_it                  1.728 1.500 ? 653  'X-RAY DIFFRACTION' ? 
r_mcbond_other               ?     ?     ? ?    'X-RAY DIFFRACTION' ? 
r_mcangle_it                 2.620 2.000 ? 1071 'X-RAY DIFFRACTION' ? 
r_mcangle_other              ?     ?     ? ?    'X-RAY DIFFRACTION' ? 
r_scbond_it                  4.251 3.000 ? 391  'X-RAY DIFFRACTION' ? 
r_scbond_other               ?     ?     ? ?    'X-RAY DIFFRACTION' ? 
r_scangle_it                 6.126 4.500 ? 357  'X-RAY DIFFRACTION' ? 
r_scangle_other              ?     ?     ? ?    'X-RAY DIFFRACTION' ? 
r_long_range_B_refined       ?     ?     ? ?    'X-RAY DIFFRACTION' ? 
r_long_range_B_other         ?     ?     ? ?    'X-RAY DIFFRACTION' ? 
r_rigid_bond_restr           ?     ?     ? ?    'X-RAY DIFFRACTION' ? 
r_sphericity_free            ?     ?     ? ?    'X-RAY DIFFRACTION' ? 
r_sphericity_bonded          ?     ?     ? ?    'X-RAY DIFFRACTION' ? 
# 
_refine_ls_shell.pdbx_refine_id                   'X-RAY DIFFRACTION' 
_refine_ls_shell.pdbx_total_number_of_bins_used   20 
_refine_ls_shell.d_res_high                       1.89 
_refine_ls_shell.d_res_low                        1.94 
_refine_ls_shell.number_reflns_R_work             908 
_refine_ls_shell.R_factor_R_work                  0.1760 
_refine_ls_shell.percent_reflns_obs               ? 
_refine_ls_shell.R_factor_R_free                  0.2240 
_refine_ls_shell.R_factor_R_free_error            ? 
_refine_ls_shell.percent_reflns_R_free            ? 
_refine_ls_shell.number_reflns_R_free             55 
_refine_ls_shell.number_reflns_all                ? 
_refine_ls_shell.R_factor_all                     ? 
# 
_struct.entry_id                  1UY3 
_struct.title                     
'Binding sub-site dissection of a family 6 carbohydrate-binding module by X-ray crystallography and isothermal titration calorimetry' 
_struct.pdbx_model_details        ? 
_struct.pdbx_CASP_flag            ? 
_struct.pdbx_model_type_details   ? 
# 
_struct_keywords.entry_id        1UY3 
_struct_keywords.pdbx_keywords   'CARBOHYDRATE-BINDING MODULE' 
_struct_keywords.text            
'CARBOHYDRATE-BINDING MODULE, THERMODYNAMICS, PROTEIN STRUCTURE, XYLAN, PROTEIN-CARBOHYDRATE INTERACTIONS' 
# 
loop_
_struct_asym.id 
_struct_asym.pdbx_blank_PDB_chainid_flag 
_struct_asym.pdbx_modified 
_struct_asym.entity_id 
_struct_asym.details 
A N N 1 ? 
B N N 2 ? 
C N N 3 ? 
D N N 4 ? 
E N N 5 ? 
F N N 6 ? 
# 
_struct_biol.id   1 
# 
loop_
_struct_conn.id 
_struct_conn.conn_type_id 
_struct_conn.pdbx_leaving_atom_flag 
_struct_conn.pdbx_PDB_id 
_struct_conn.ptnr1_label_asym_id 
_struct_conn.ptnr1_label_comp_id 
_struct_conn.ptnr1_label_seq_id 
_struct_conn.ptnr1_label_atom_id 
_struct_conn.pdbx_ptnr1_label_alt_id 
_struct_conn.pdbx_ptnr1_PDB_ins_code 
_struct_conn.pdbx_ptnr1_standard_comp_id 
_struct_conn.ptnr1_symmetry 
_struct_conn.ptnr2_label_asym_id 
_struct_conn.ptnr2_label_comp_id 
_struct_conn.ptnr2_label_seq_id 
_struct_conn.ptnr2_label_atom_id 
_struct_conn.pdbx_ptnr2_label_alt_id 
_struct_conn.pdbx_ptnr2_PDB_ins_code 
_struct_conn.ptnr1_auth_asym_id 
_struct_conn.ptnr1_auth_comp_id 
_struct_conn.ptnr1_auth_seq_id 
_struct_conn.ptnr2_auth_asym_id 
_struct_conn.ptnr2_auth_comp_id 
_struct_conn.ptnr2_auth_seq_id 
_struct_conn.ptnr2_symmetry 
_struct_conn.pdbx_ptnr3_label_atom_id 
_struct_conn.pdbx_ptnr3_label_seq_id 
_struct_conn.pdbx_ptnr3_label_comp_id 
_struct_conn.pdbx_ptnr3_label_asym_id 
_struct_conn.pdbx_ptnr3_label_alt_id 
_struct_conn.pdbx_ptnr3_PDB_ins_code 
_struct_conn.details 
_struct_conn.pdbx_dist_value 
_struct_conn.pdbx_value_order 
_struct_conn.pdbx_role 
covale1  covale both ? B XYP .   O4  ? ? ? 1_555 B XYP . C1 ? ? B XYP 1    B XYP 2    1_555 ? ? ? ? ? ? ? 1.440 ? ? 
covale2  covale both ? B XYP .   O4  ? ? ? 1_555 B XYP . C1 ? ? B XYP 2    B XYP 3    1_555 ? ? ? ? ? ? ? 1.454 ? ? 
metalc1  metalc ?    ? A GLU 25  OE1 ? ? ? 1_555 D CA  . CA ? ? A GLU 25   A CA  1147 1_555 ? ? ? ? ? ? ? 2.254 ? ? 
metalc2  metalc ?    ? A GLU 27  OE1 ? ? ? 1_555 D CA  . CA ? ? A GLU 27   A CA  1147 1_555 ? ? ? ? ? ? ? 2.536 ? ? 
metalc3  metalc ?    ? A GLU 27  OE2 ? ? ? 1_555 D CA  . CA ? ? A GLU 27   A CA  1147 1_555 ? ? ? ? ? ? ? 2.619 ? ? 
metalc4  metalc ?    ? A SER 35  OG  ? ? ? 1_555 C NA  . NA ? ? A SER 35   A NA  1146 1_555 ? ? ? ? ? ? ? 2.531 ? ? 
metalc5  metalc ?    ? A ARG 47  O   ? ? ? 1_555 D CA  . CA ? ? A ARG 47   A CA  1147 1_555 ? ? ? ? ? ? ? 2.283 ? ? 
metalc6  metalc ?    ? A THR 98  O   ? ? ? 3_545 C NA  . NA ? ? A THR 98   A NA  1146 1_555 ? ? ? ? ? ? ? 2.472 ? ? 
metalc7  metalc ?    ? A THR 115 OG1 ? ? ? 3_545 C NA  . NA ? ? A THR 115  A NA  1146 1_555 ? ? ? ? ? ? ? 2.502 ? ? 
metalc8  metalc ?    ? A ASP 137 O   ? ? ? 1_555 D CA  . CA ? ? A ASP 137  A CA  1147 1_555 ? ? ? ? ? ? ? 2.449 ? ? 
metalc9  metalc ?    ? A ASP 137 OD1 ? ? ? 1_555 D CA  . CA ? ? A ASP 137  A CA  1147 1_555 ? ? ? ? ? ? ? 2.350 ? ? 
metalc10 metalc ?    ? C NA  .   NA  ? ? ? 1_555 F HOH . O  ? ? A NA  1146 A HOH 2123 3_545 ? ? ? ? ? ? ? 2.476 ? ? 
metalc11 metalc ?    ? C NA  .   NA  ? ? ? 1_555 F HOH . O  ? ? A NA  1146 A HOH 2125 3_545 ? ? ? ? ? ? ? 2.485 ? ? 
metalc12 metalc ?    ? C NA  .   NA  ? ? ? 1_555 F HOH . O  ? ? A NA  1146 A HOH 2126 3_545 ? ? ? ? ? ? ? 2.265 ? ? 
metalc13 metalc ?    ? D CA  .   CA  ? ? ? 1_555 F HOH . O  ? ? A CA  1147 A HOH 2056 1_555 ? ? ? ? ? ? ? 2.470 ? ? 
# 
loop_
_struct_conn_type.id 
_struct_conn_type.criteria 
_struct_conn_type.reference 
covale ? ? 
metalc ? ? 
# 
loop_
_struct_sheet.id 
_struct_sheet.type 
_struct_sheet.number_strands 
_struct_sheet.details 
AA ? 3 ? 
AB ? 5 ? 
AC ? 4 ? 
AD ? 2 ? 
# 
loop_
_struct_sheet_order.sheet_id 
_struct_sheet_order.range_id_1 
_struct_sheet_order.range_id_2 
_struct_sheet_order.offset 
_struct_sheet_order.sense 
AA 1 2 ? parallel      
AA 2 3 ? anti-parallel 
AB 1 2 ? parallel      
AB 2 3 ? anti-parallel 
AB 3 4 ? anti-parallel 
AB 4 5 ? anti-parallel 
AC 1 2 ? anti-parallel 
AC 2 3 ? anti-parallel 
AC 3 4 ? anti-parallel 
AD 1 2 ? anti-parallel 
# 
loop_
_struct_sheet_range.sheet_id 
_struct_sheet_range.id 
_struct_sheet_range.beg_label_comp_id 
_struct_sheet_range.beg_label_asym_id 
_struct_sheet_range.beg_label_seq_id 
_struct_sheet_range.pdbx_beg_PDB_ins_code 
_struct_sheet_range.end_label_comp_id 
_struct_sheet_range.end_label_asym_id 
_struct_sheet_range.end_label_seq_id 
_struct_sheet_range.pdbx_end_PDB_ins_code 
_struct_sheet_range.beg_auth_comp_id 
_struct_sheet_range.beg_auth_asym_id 
_struct_sheet_range.beg_auth_seq_id 
_struct_sheet_range.end_auth_comp_id 
_struct_sheet_range.end_auth_asym_id 
_struct_sheet_range.end_auth_seq_id 
AA 1 ARG A 18  ? ASP A 19  ? ARG A 18  ASP A 19  
AA 2 THR A 57  ? ASP A 64  ? THR A 57  ASP A 64  
AA 3 SER A 31  ? THR A 32  ? SER A 31  THR A 32  
AB 1 ARG A 18  ? ASP A 19  ? ARG A 18  ASP A 19  
AB 2 THR A 57  ? ASP A 64  ? THR A 57  ASP A 64  
AB 3 VAL A 123 ? PHE A 130 ? VAL A 123 PHE A 130 
AB 4 THR A 82  ? SER A 88  ? THR A 82  SER A 88  
AB 5 LEU A 95  ? VAL A 101 ? LEU A 95  VAL A 101 
AC 1 ILE A 24  ? GLU A 25  ? ILE A 24  GLU A 25  
AC 2 ASN A 135 ? ARG A 143 ? ASN A 135 ARG A 143 
AC 3 ALA A 69  ? ALA A 77  ? ALA A 69  ALA A 77  
AC 4 ASN A 111 ? ILE A 120 ? ASN A 111 ILE A 120 
AD 1 GLN A 38  ? GLY A 41  ? GLN A 38  GLY A 41  
AD 2 ARG A 47  ? GLY A 50  ? ARG A 47  GLY A 50  
# 
loop_
_pdbx_struct_sheet_hbond.sheet_id 
_pdbx_struct_sheet_hbond.range_id_1 
_pdbx_struct_sheet_hbond.range_id_2 
_pdbx_struct_sheet_hbond.range_1_label_atom_id 
_pdbx_struct_sheet_hbond.range_1_label_comp_id 
_pdbx_struct_sheet_hbond.range_1_label_asym_id 
_pdbx_struct_sheet_hbond.range_1_label_seq_id 
_pdbx_struct_sheet_hbond.range_1_PDB_ins_code 
_pdbx_struct_sheet_hbond.range_1_auth_atom_id 
_pdbx_struct_sheet_hbond.range_1_auth_comp_id 
_pdbx_struct_sheet_hbond.range_1_auth_asym_id 
_pdbx_struct_sheet_hbond.range_1_auth_seq_id 
_pdbx_struct_sheet_hbond.range_2_label_atom_id 
_pdbx_struct_sheet_hbond.range_2_label_comp_id 
_pdbx_struct_sheet_hbond.range_2_label_asym_id 
_pdbx_struct_sheet_hbond.range_2_label_seq_id 
_pdbx_struct_sheet_hbond.range_2_PDB_ins_code 
_pdbx_struct_sheet_hbond.range_2_auth_atom_id 
_pdbx_struct_sheet_hbond.range_2_auth_comp_id 
_pdbx_struct_sheet_hbond.range_2_auth_asym_id 
_pdbx_struct_sheet_hbond.range_2_auth_seq_id 
AA 1 2 N ARG A 18  ? N ARG A 18  O ASN A 62  ? O ASN A 62  
AA 2 3 N THR A 59  ? N THR A 59  O SER A 31  ? O SER A 31  
AB 1 2 N ARG A 18  ? N ARG A 18  O ASN A 62  ? O ASN A 62  
AB 2 3 N ILE A 63  ? N ILE A 63  O HIS A 124 ? O HIS A 124 
AB 3 4 N VAL A 129 ? N VAL A 129 O GLN A 85  ? O GLN A 85  
AB 4 5 O ILE A 86  ? O ILE A 86  N LEU A 96  ? N LEU A 96  
AC 1 2 N ILE A 24  ? N ILE A 24  O PHE A 139 ? O PHE A 139 
AC 2 3 O SER A 142 ? O SER A 142 N THR A 70  ? N THR A 70  
AC 3 4 N VAL A 76  ? N VAL A 76  O ASN A 111 ? O ASN A 111 
AD 1 2 N ILE A 40  ? N ILE A 40  O GLY A 48  ? O GLY A 48  
# 
_atom_sites.entry_id                    1UY3 
_atom_sites.fract_transf_matrix[1][1]   0.01159075 
_atom_sites.fract_transf_matrix[1][2]   0.00216216 
_atom_sites.fract_transf_matrix[1][3]   -0.00216605 
_atom_sites.fract_transf_matrix[2][1]   -0.00296702 
_atom_sites.fract_transf_matrix[2][2]   0.00585739 
_atom_sites.fract_transf_matrix[2][3]   -0.01002995 
_atom_sites.fract_transf_matrix[3][1]   -0.00140214 
_atom_sites.fract_transf_matrix[3][2]   0.01911515 
_atom_sites.fract_transf_matrix[3][3]   0.01157785 
_atom_sites.fract_transf_vector[1]      0.292516 
_atom_sites.fract_transf_vector[2]      0.108355 
_atom_sites.fract_transf_vector[3]      0.084043 
# 
loop_
_atom_type.symbol 
C  
CA 
N  
NA 
O  
# 
loop_
_atom_site.group_PDB 
_atom_site.id 
_atom_site.type_symbol 
_atom_site.label_atom_id 
_atom_site.label_alt_id 
_atom_site.label_comp_id 
_atom_site.label_asym_id 
_atom_site.label_entity_id 
_atom_site.label_seq_id 
_atom_site.pdbx_PDB_ins_code 
_atom_site.Cartn_x 
_atom_site.Cartn_y 
_atom_site.Cartn_z 
_atom_site.occupancy 
_atom_site.B_iso_or_equiv 
_atom_site.pdbx_formal_charge 
_atom_site.auth_seq_id 
_atom_site.auth_comp_id 
_atom_site.auth_asym_id 
_atom_site.auth_atom_id 
_atom_site.pdbx_PDB_model_num 
ATOM   1    N  N   . SER A 1 14  ? -5.092  -11.400 10.138  1.00 45.19 ? 14   SER A N   1 
ATOM   2    C  CA  . SER A 1 14  ? -4.993  -11.010 8.677   1.00 43.41 ? 14   SER A CA  1 
ATOM   3    C  C   . SER A 1 14  ? -4.429  -12.186 7.918   1.00 42.89 ? 14   SER A C   1 
ATOM   4    O  O   . SER A 1 14  ? -3.732  -13.017 8.515   1.00 42.81 ? 14   SER A O   1 
ATOM   5    C  CB  . SER A 1 14  ? -4.083  -9.783  8.502   1.00 43.88 ? 14   SER A CB  1 
ATOM   6    O  OG  . SER A 1 14  ? -4.741  -8.606  8.893   1.00 41.01 ? 14   SER A OG  1 
ATOM   7    N  N   . PRO A 1 15  ? -4.689  -12.293 6.617   1.00 42.06 ? 15   PRO A N   1 
ATOM   8    C  CA  . PRO A 1 15  ? -4.243  -13.500 5.870   1.00 42.14 ? 15   PRO A CA  1 
ATOM   9    C  C   . PRO A 1 15  ? -2.719  -13.676 5.957   1.00 41.65 ? 15   PRO A C   1 
ATOM   10   O  O   . PRO A 1 15  ? -1.981  -12.668 5.937   1.00 41.55 ? 15   PRO A O   1 
ATOM   11   C  CB  . PRO A 1 15  ? -4.686  -13.253 4.420   1.00 41.75 ? 15   PRO A CB  1 
ATOM   12   C  CG  . PRO A 1 15  ? -5.699  -12.074 4.501   1.00 43.02 ? 15   PRO A CG  1 
ATOM   13   C  CD  . PRO A 1 15  ? -5.423  -11.325 5.788   1.00 42.06 ? 15   PRO A CD  1 
ATOM   14   N  N   . ILE A 1 16  ? -2.274  -14.918 6.104   1.00 41.36 ? 16   ILE A N   1 
ATOM   15   C  CA  . ILE A 1 16  ? -0.855  -15.235 6.162   1.00 42.04 ? 16   ILE A CA  1 
ATOM   16   C  C   . ILE A 1 16  ? -0.147  -15.091 4.786   1.00 40.69 ? 16   ILE A C   1 
ATOM   17   O  O   . ILE A 1 16  ? 1.083   -14.898 4.719   1.00 39.74 ? 16   ILE A O   1 
ATOM   18   C  CB  . ILE A 1 16  ? -0.672  -16.643 6.771   1.00 43.45 ? 16   ILE A CB  1 
ATOM   19   C  CG1 . ILE A 1 16  ? 0.793   -16.869 7.174   1.00 47.28 ? 16   ILE A CG1 1 
ATOM   20   C  CG2 . ILE A 1 16  ? -1.079  -17.730 5.798   1.00 44.55 ? 16   ILE A CG2 1 
ATOM   21   C  CD1 . ILE A 1 16  ? 1.143   -16.270 8.532   1.00 51.53 ? 16   ILE A CD1 1 
ATOM   22   N  N   . ARG A 1 17  ? -0.924  -15.185 3.698   1.00 39.01 ? 17   ARG A N   1 
ATOM   23   C  CA  . ARG A 1 17  ? -0.415  -15.028 2.346   1.00 38.38 ? 17   ARG A CA  1 
ATOM   24   C  C   . ARG A 1 17  ? -1.511  -14.562 1.386   1.00 36.16 ? 17   ARG A C   1 
ATOM   25   O  O   . ARG A 1 17  ? -2.724  -14.758 1.657   1.00 36.07 ? 17   ARG A O   1 
ATOM   26   C  CB  . ARG A 1 17  ? 0.162   -16.330 1.799   1.00 39.72 ? 17   ARG A CB  1 
ATOM   27   C  CG  . ARG A 1 17  ? -0.820  -17.452 1.581   1.00 42.86 ? 17   ARG A CG  1 
ATOM   28   C  CD  . ARG A 1 17  ? -0.109  -18.793 1.173   1.00 50.80 ? 17   ARG A CD  1 
ATOM   29   N  NE  . ARG A 1 17  ? 1.166   -18.989 1.904   1.00 56.24 ? 17   ARG A NE  1 
ATOM   30   C  CZ  . ARG A 1 17  ? 2.434   -18.785 1.409   1.00 59.99 ? 17   ARG A CZ  1 
ATOM   31   N  NH1 . ARG A 1 17  ? 3.482   -18.982 2.223   1.00 58.34 ? 17   ARG A NH1 1 
ATOM   32   N  NH2 . ARG A 1 17  ? 2.671   -18.415 0.122   1.00 56.66 ? 17   ARG A NH2 1 
ATOM   33   N  N   . ARG A 1 18  ? -1.073  -14.000 0.263   1.00 31.74 ? 18   ARG A N   1 
ATOM   34   C  CA  . ARG A 1 18  ? -1.978  -13.390 -0.711  1.00 29.33 ? 18   ARG A CA  1 
ATOM   35   C  C   . ARG A 1 18  ? -1.393  -13.350 -2.129  1.00 26.77 ? 18   ARG A C   1 
ATOM   36   O  O   . ARG A 1 18  ? -0.197  -13.526 -2.335  1.00 25.11 ? 18   ARG A O   1 
ATOM   37   C  CB  . ARG A 1 18  ? -2.384  -11.986 -0.258  1.00 30.11 ? 18   ARG A CB  1 
ATOM   38   C  CG  . ARG A 1 18  ? -3.587  -12.002 0.777   1.00 32.54 ? 18   ARG A CG  1 
ATOM   39   C  CD  . ARG A 1 18  ? -3.924  -10.621 1.309   1.00 34.11 ? 18   ARG A CD  1 
ATOM   40   N  NE  . ARG A 1 18  ? -2.959  -10.326 2.391   1.00 35.82 ? 18   ARG A NE  1 
ATOM   41   C  CZ  . ARG A 1 18  ? -3.070  -9.353  3.283   1.00 33.21 ? 18   ARG A CZ  1 
ATOM   42   N  NH1 . ARG A 1 18  ? -2.144  -9.272  4.215   1.00 33.50 ? 18   ARG A NH1 1 
ATOM   43   N  NH2 . ARG A 1 18  ? -4.082  -8.485  3.257   1.00 34.64 ? 18   ARG A NH2 1 
ATOM   44   N  N   . ASP A 1 19  ? -2.282  -13.230 -3.112  1.00 24.95 ? 19   ASP A N   1 
ATOM   45   C  CA  . ASP A 1 19  ? -1.907  -13.129 -4.522  1.00 24.79 ? 19   ASP A CA  1 
ATOM   46   C  C   . ASP A 1 19  ? -1.653  -11.644 -4.838  1.00 25.01 ? 19   ASP A C   1 
ATOM   47   O  O   . ASP A 1 19  ? -2.454  -10.810 -4.446  1.00 24.14 ? 19   ASP A O   1 
ATOM   48   C  CB  . ASP A 1 19  ? -3.097  -13.670 -5.300  1.00 25.83 ? 19   ASP A CB  1 
ATOM   49   C  CG  . ASP A 1 19  ? -2.953  -13.664 -6.848  1.00 29.46 ? 19   ASP A CG  1 
ATOM   50   O  OD1 . ASP A 1 19  ? -1.990  -13.254 -7.476  1.00 30.38 ? 19   ASP A OD1 1 
ATOM   51   O  OD2 . ASP A 1 19  ? -3.935  -14.051 -7.572  1.00 41.52 ? 19   ASP A OD2 1 
ATOM   52   N  N   . ALA A 1 20  ? -0.556  -11.316 -5.524  1.00 23.86 ? 20   ALA A N   1 
ATOM   53   C  CA  . ALA A 1 20  ? -0.278  -9.924  -5.925  1.00 22.14 ? 20   ALA A CA  1 
ATOM   54   C  C   . ALA A 1 20  ? -1.284  -9.357  -6.918  1.00 23.03 ? 20   ALA A C   1 
ATOM   55   O  O   . ALA A 1 20  ? -1.410  -8.141  -7.011  1.00 22.69 ? 20   ALA A O   1 
ATOM   56   C  CB  . ALA A 1 20  ? 1.079   -9.828  -6.531  1.00 22.35 ? 20   ALA A CB  1 
ATOM   57   N  N   . PHE A 1 21  ? -1.960  -10.244 -7.679  1.00 21.97 ? 21   PHE A N   1 
ATOM   58   C  CA  . PHE A 1 21  ? -2.831  -9.869  -8.786  1.00 23.83 ? 21   PHE A CA  1 
ATOM   59   C  C   . PHE A 1 21  ? -4.284  -10.123 -8.449  1.00 24.23 ? 21   PHE A C   1 
ATOM   60   O  O   . PHE A 1 21  ? -5.065  -10.589 -9.279  1.00 26.10 ? 21   PHE A O   1 
ATOM   61   C  CB  . PHE A 1 21  ? -2.421  -10.613 -10.057 1.00 23.02 ? 21   PHE A CB  1 
ATOM   62   C  CG  . PHE A 1 21  ? -0.936  -10.575 -10.315 1.00 23.60 ? 21   PHE A CG  1 
ATOM   63   C  CD1 . PHE A 1 21  ? -0.290  -9.377  -10.620 1.00 24.33 ? 21   PHE A CD1 1 
ATOM   64   C  CD2 . PHE A 1 21  ? -0.163  -11.713 -10.162 1.00 25.65 ? 21   PHE A CD2 1 
ATOM   65   C  CE1 . PHE A 1 21  ? 1.088   -9.339  -10.785 1.00 26.77 ? 21   PHE A CE1 1 
ATOM   66   C  CE2 . PHE A 1 21  ? 1.269   -11.671 -10.337 1.00 26.12 ? 21   PHE A CE2 1 
ATOM   67   C  CZ  . PHE A 1 21  ? 1.867   -10.484 -10.655 1.00 24.34 ? 21   PHE A CZ  1 
ATOM   68   N  N   . SER A 1 22  ? -4.624  -9.868  -7.202  1.00 24.23 ? 22   SER A N   1 
ATOM   69   C  CA  . SER A 1 22  ? -6.009  -9.762  -6.755  1.00 24.27 ? 22   SER A CA  1 
ATOM   70   C  C   . SER A 1 22  ? -5.973  -8.663  -5.681  1.00 22.96 ? 22   SER A C   1 
ATOM   71   O  O   . SER A 1 22  ? -4.916  -8.425  -5.098  1.00 21.44 ? 22   SER A O   1 
ATOM   72   C  CB  . SER A 1 22  ? -6.522  -11.106 -6.245  1.00 26.30 ? 22   SER A CB  1 
ATOM   73   O  OG  . SER A 1 22  ? -7.805  -11.016 -5.622  1.00 27.51 ? 22   SER A OG  1 
ATOM   74   N  N   . ILE A 1 23  ? -7.098  -7.994  -5.418  1.00 22.07 ? 23   ILE A N   1 
ATOM   75   C  CA  . ILE A 1 23  ? -7.146  -6.850  -4.526  1.00 21.94 ? 23   ILE A CA  1 
ATOM   76   C  C   . ILE A 1 23  ? -6.653  -7.283  -3.145  1.00 23.40 ? 23   ILE A C   1 
ATOM   77   O  O   . ILE A 1 23  ? -7.078  -8.368  -2.584  1.00 22.52 ? 23   ILE A O   1 
ATOM   78   C  CB  . ILE A 1 23  ? -8.588  -6.307  -4.417  1.00 22.08 ? 23   ILE A CB  1 
ATOM   79   C  CG1 . ILE A 1 23  ? -9.026  -5.588  -5.695  1.00 21.97 ? 23   ILE A CG1 1 
ATOM   80   C  CG2 . ILE A 1 23  ? -8.759  -5.389  -3.173  1.00 20.22 ? 23   ILE A CG2 1 
ATOM   81   C  CD1 . ILE A 1 23  ? -8.302  -4.339  -6.070  1.00 20.18 ? 23   ILE A CD1 1 
ATOM   82   N  N   . ILE A 1 24  ? -5.774  -6.460  -2.590  1.00 21.93 ? 24   ILE A N   1 
ATOM   83   C  CA  . ILE A 1 24  ? -5.284  -6.632  -1.214  1.00 21.87 ? 24   ILE A CA  1 
ATOM   84   C  C   . ILE A 1 24  ? -5.872  -5.481  -0.422  1.00 21.54 ? 24   ILE A C   1 
ATOM   85   O  O   . ILE A 1 24  ? -5.748  -4.338  -0.797  1.00 20.31 ? 24   ILE A O   1 
ATOM   86   C  CB  . ILE A 1 24  ? -3.737  -6.622  -1.169  1.00 22.14 ? 24   ILE A CB  1 
ATOM   87   C  CG1 . ILE A 1 24  ? -3.204  -7.817  -1.984  1.00 21.94 ? 24   ILE A CG1 1 
ATOM   88   C  CG2 . ILE A 1 24  ? -3.177  -6.691  0.280   1.00 22.81 ? 24   ILE A CG2 1 
ATOM   89   C  CD1 . ILE A 1 24  ? -1.694  -7.644  -2.381  1.00 23.90 ? 24   ILE A CD1 1 
ATOM   90   N  N   . GLU A 1 25  ? -6.560  -5.796  0.660   1.00 23.15 ? 25   GLU A N   1 
ATOM   91   C  CA  . GLU A 1 25  ? -7.183  -4.768  1.513   1.00 23.46 ? 25   GLU A CA  1 
ATOM   92   C  C   . GLU A 1 25  ? -6.150  -4.199  2.481   1.00 23.89 ? 25   GLU A C   1 
ATOM   93   O  O   . GLU A 1 25  ? -5.478  -4.943  3.203   1.00 23.40 ? 25   GLU A O   1 
ATOM   94   C  CB  . GLU A 1 25  ? -8.369  -5.371  2.280   1.00 24.32 ? 25   GLU A CB  1 
ATOM   95   C  CG  . GLU A 1 25  ? -9.471  -5.871  1.355   1.00 23.85 ? 25   GLU A CG  1 
ATOM   96   C  CD  . GLU A 1 25  ? -10.181 -4.770  0.607   1.00 24.19 ? 25   GLU A CD  1 
ATOM   97   O  OE1 . GLU A 1 25  ? -9.929  -3.559  0.877   1.00 22.05 ? 25   GLU A OE1 1 
ATOM   98   O  OE2 . GLU A 1 25  ? -11.006 -5.107  -0.239  1.00 27.99 ? 25   GLU A OE2 1 
ATOM   99   N  N   . ALA A 1 26  ? -6.022  -2.884  2.498   1.00 23.48 ? 26   ALA A N   1 
ATOM   100  C  CA  . ALA A 1 26  ? -4.979  -2.243  3.276   1.00 24.18 ? 26   ALA A CA  1 
ATOM   101  C  C   . ALA A 1 26  ? -5.171  -2.503  4.784   1.00 24.58 ? 26   ALA A C   1 
ATOM   102  O  O   . ALA A 1 26  ? -4.190  -2.630  5.550   1.00 24.34 ? 26   ALA A O   1 
ATOM   103  C  CB  . ALA A 1 26  ? -4.905  -0.816  2.995   1.00 22.49 ? 26   ALA A CB  1 
ATOM   104  N  N   . GLU A 1 27  ? -6.426  -2.551  5.185   1.00 24.77 ? 27   GLU A N   1 
ATOM   105  C  CA  . GLU A 1 27  ? -6.811  -2.779  6.573   1.00 25.25 ? 27   GLU A CA  1 
ATOM   106  C  C   . GLU A 1 27  ? -6.497  -4.168  7.054   1.00 25.99 ? 27   GLU A C   1 
ATOM   107  O  O   . GLU A 1 27  ? -6.510  -4.415  8.238   1.00 26.26 ? 27   GLU A O   1 
ATOM   108  C  CB  . GLU A 1 27  ? -8.328  -2.447  6.812   1.00 25.65 ? 27   GLU A CB  1 
ATOM   109  C  CG  . GLU A 1 27  ? -9.317  -3.359  6.055   1.00 25.65 ? 27   GLU A CG  1 
ATOM   110  C  CD  . GLU A 1 27  ? -9.639  -2.858  4.668   1.00 27.90 ? 27   GLU A CD  1 
ATOM   111  O  OE1 . GLU A 1 27  ? -8.796  -2.091  4.083   1.00 23.87 ? 27   GLU A OE1 1 
ATOM   112  O  OE2 . GLU A 1 27  ? -10.745 -3.225  4.138   1.00 28.24 ? 27   GLU A OE2 1 
ATOM   113  N  N   . GLU A 1 28  ? -6.178  -5.085  6.152   1.00 25.75 ? 28   GLU A N   1 
ATOM   114  C  CA  . GLU A 1 28  ? -5.798  -6.419  6.509   1.00 26.56 ? 28   GLU A CA  1 
ATOM   115  C  C   . GLU A 1 28  ? -4.258  -6.578  6.490   1.00 24.83 ? 28   GLU A C   1 
ATOM   116  O  O   . GLU A 1 28  ? -3.718  -7.452  5.876   1.00 23.70 ? 28   GLU A O   1 
ATOM   117  C  CB  . GLU A 1 28  ? -6.487  -7.438  5.583   1.00 26.62 ? 28   GLU A CB  1 
ATOM   118  C  CG  . GLU A 1 28  ? -8.021  -7.381  5.725   1.00 28.98 ? 28   GLU A CG  1 
ATOM   119  C  CD  . GLU A 1 28  ? -8.748  -8.334  4.826   1.00 31.26 ? 28   GLU A CD  1 
ATOM   120  O  OE1 . GLU A 1 28  ? -9.978  -8.327  4.918   1.00 36.71 ? 28   GLU A OE1 1 
ATOM   121  O  OE2 . GLU A 1 28  ? -8.129  -9.063  4.022   1.00 34.48 ? 28   GLU A OE2 1 
ATOM   122  N  N   . TYR A 1 29  ? -3.577  -5.729  7.232   1.00 25.87 ? 29   TYR A N   1 
ATOM   123  C  CA  . TYR A 1 29  ? -2.101  -5.750  7.306   1.00 24.57 ? 29   TYR A CA  1 
ATOM   124  C  C   . TYR A 1 29  ? -1.692  -6.741  8.375   1.00 24.70 ? 29   TYR A C   1 
ATOM   125  O  O   . TYR A 1 29  ? -2.511  -7.117  9.240   1.00 23.58 ? 29   TYR A O   1 
ATOM   126  C  CB  . TYR A 1 29  ? -1.564  -4.369  7.627   1.00 24.19 ? 29   TYR A CB  1 
ATOM   127  C  CG  . TYR A 1 29  ? -2.074  -3.777  8.918   1.00 25.41 ? 29   TYR A CG  1 
ATOM   128  C  CD1 . TYR A 1 29  ? -1.376  -3.973  10.127  1.00 25.34 ? 29   TYR A CD1 1 
ATOM   129  C  CD2 . TYR A 1 29  ? -3.243  -3.024  8.945   1.00 26.83 ? 29   TYR A CD2 1 
ATOM   130  C  CE1 . TYR A 1 29  ? -1.861  -3.479  11.325  1.00 25.66 ? 29   TYR A CE1 1 
ATOM   131  C  CE2 . TYR A 1 29  ? -3.726  -2.503  10.144  1.00 26.17 ? 29   TYR A CE2 1 
ATOM   132  C  CZ  . TYR A 1 29  ? -3.022  -2.733  11.329  1.00 27.12 ? 29   TYR A CZ  1 
ATOM   133  O  OH  . TYR A 1 29  ? -3.473  -2.172  12.509  1.00 30.57 ? 29   TYR A OH  1 
ATOM   134  N  N   . ASN A 1 30  ? -0.426  -7.156  8.316   1.00 23.33 ? 30   ASN A N   1 
ATOM   135  C  CA  . ASN A 1 30  ? 0.110   -8.155  9.251   1.00 24.01 ? 30   ASN A CA  1 
ATOM   136  C  C   . ASN A 1 30  ? 0.894   -7.553  10.437  1.00 23.82 ? 30   ASN A C   1 
ATOM   137  O  O   . ASN A 1 30  ? 0.829   -8.070  11.559  1.00 22.05 ? 30   ASN A O   1 
ATOM   138  C  CB  . ASN A 1 30  ? 0.874   -9.221  8.475   1.00 25.00 ? 30   ASN A CB  1 
ATOM   139  C  CG  . ASN A 1 30  ? -0.019  -9.948  7.488   1.00 25.22 ? 30   ASN A CG  1 
ATOM   140  O  OD1 . ASN A 1 30  ? -0.100  -9.590  6.315   1.00 23.63 ? 30   ASN A OD1 1 
ATOM   141  N  ND2 . ASN A 1 30  ? -0.750  -10.926 7.978   1.00 24.96 ? 30   ASN A ND2 1 
ATOM   142  N  N   . SER A 1 31  ? 1.567   -6.427  10.218  1.00 21.95 ? 31   SER A N   1 
ATOM   143  C  CA  . SER A 1 31  ? 2.218   -5.724  11.320  1.00 23.10 ? 31   SER A CA  1 
ATOM   144  C  C   . SER A 1 31  ? 2.449   -4.278  10.934  1.00 22.86 ? 31   SER A C   1 
ATOM   145  O  O   . SER A 1 31  ? 2.364   -3.930  9.760   1.00 23.53 ? 31   SER A O   1 
ATOM   146  C  CB  . SER A 1 31  ? 3.550   -6.390  11.687  1.00 22.27 ? 31   SER A CB  1 
ATOM   147  O  OG  . SER A 1 31  ? 4.474   -6.442  10.595  1.00 24.30 ? 31   SER A OG  1 
ATOM   148  N  N   . THR A 1 32  ? 2.682   -3.443  11.936  1.00 22.61 ? 32   THR A N   1 
ATOM   149  C  CA  . THR A 1 32  ? 2.995   -2.083  11.722  1.00 22.55 ? 32   THR A CA  1 
ATOM   150  C  C   . THR A 1 32  ? 3.833   -1.532  12.870  1.00 23.04 ? 32   THR A C   1 
ATOM   151  O  O   . THR A 1 32  ? 3.706   -1.987  13.998  1.00 23.74 ? 32   THR A O   1 
ATOM   152  C  CB  . THR A 1 32  ? 1.695   -1.263  11.520  1.00 22.25 ? 32   THR A CB  1 
ATOM   153  O  OG1 . THR A 1 32  ? 1.990   0.131   11.272  1.00 21.49 ? 32   THR A OG1 1 
ATOM   154  C  CG2 . THR A 1 32  ? 0.785   -1.248  12.806  1.00 21.42 ? 32   THR A CG2 1 
ATOM   155  N  N   . ASN A 1 33  ? 4.647   -0.519  12.582  1.00 22.97 ? 33   ASN A N   1 
ATOM   156  C  CA  . ASN A 1 33  ? 5.341   0.231   13.648  1.00 23.27 ? 33   ASN A CA  1 
ATOM   157  C  C   . ASN A 1 33  ? 4.504   1.334   14.287  1.00 24.46 ? 33   ASN A C   1 
ATOM   158  O  O   . ASN A 1 33  ? 4.953   1.985   15.196  1.00 24.79 ? 33   ASN A O   1 
ATOM   159  C  CB  . ASN A 1 33  ? 6.695   0.814   13.183  1.00 22.62 ? 33   ASN A CB  1 
ATOM   160  C  CG  . ASN A 1 33  ? 6.559   1.974   12.191  1.00 22.86 ? 33   ASN A CG  1 
ATOM   161  O  OD1 . ASN A 1 33  ? 5.467   2.257   11.723  1.00 21.99 ? 33   ASN A OD1 1 
ATOM   162  N  ND2 . ASN A 1 33  ? 7.680   2.655   11.873  1.00 20.15 ? 33   ASN A ND2 1 
ATOM   163  N  N   . SER A 1 34  ? 3.319   1.575   13.745  1.00 25.03 ? 34   SER A N   1 
ATOM   164  C  CA  . SER A 1 34  ? 2.557   2.748   14.012  1.00 26.66 ? 34   SER A CA  1 
ATOM   165  C  C   . SER A 1 34  ? 1.885   2.681   15.390  1.00 26.73 ? 34   SER A C   1 
ATOM   166  O  O   . SER A 1 34  ? 1.450   1.598   15.883  1.00 28.94 ? 34   SER A O   1 
ATOM   167  C  CB  . SER A 1 34  ? 1.443   2.927   12.951  1.00 27.36 ? 34   SER A CB  1 
ATOM   168  O  OG  . SER A 1 34  ? 0.862   4.200   13.129  1.00 26.76 ? 34   SER A OG  1 
ATOM   169  N  N   . SER A 1 35  ? 1.870   3.811   16.023  1.00 27.93 ? 35   SER A N   1 
ATOM   170  C  CA  . SER A 1 35  ? 1.158   3.929   17.285  1.00 30.25 ? 35   SER A CA  1 
ATOM   171  C  C   . SER A 1 35  ? -0.169  4.709   17.107  1.00 31.19 ? 35   SER A C   1 
ATOM   172  O  O   . SER A 1 35  ? -0.911  4.871   18.090  1.00 32.16 ? 35   SER A O   1 
ATOM   173  C  CB  . SER A 1 35  ? 2.058   4.615   18.312  1.00 30.82 ? 35   SER A CB  1 
ATOM   174  O  OG  . SER A 1 35  ? 3.206   3.783   18.572  1.00 31.57 ? 35   SER A OG  1 
ATOM   175  N  N   . THR A 1 36  ? -0.433  5.191   15.891  1.00 30.81 ? 36   THR A N   1 
ATOM   176  C  CA  . THR A 1 36  ? -1.603  6.061   15.599  1.00 31.72 ? 36   THR A CA  1 
ATOM   177  C  C   . THR A 1 36  ? -2.580  5.423   14.622  1.00 31.87 ? 36   THR A C   1 
ATOM   178  O  O   . THR A 1 36  ? -3.755  5.725   14.659  1.00 31.51 ? 36   THR A O   1 
ATOM   179  C  CB  . THR A 1 36  ? -1.176  7.403   15.045  1.00 31.68 ? 36   THR A CB  1 
ATOM   180  O  OG1 . THR A 1 36  ? -0.293  7.266   13.921  1.00 33.17 ? 36   THR A OG1 1 
ATOM   181  C  CG2 . THR A 1 36  ? -0.355  8.231   16.117  1.00 34.77 ? 36   THR A CG2 1 
ATOM   182  N  N   . LEU A 1 37  ? -2.073  4.542   13.753  1.00 31.16 ? 37   LEU A N   1 
ATOM   183  C  CA  . LEU A 1 37  ? -2.840  3.976   12.659  1.00 29.84 ? 37   LEU A CA  1 
ATOM   184  C  C   . LEU A 1 37  ? -4.131  3.367   13.188  1.00 29.68 ? 37   LEU A C   1 
ATOM   185  O  O   . LEU A 1 37  ? -4.139  2.650   14.183  1.00 27.18 ? 37   LEU A O   1 
ATOM   186  C  CB  . LEU A 1 37  ? -2.011  2.938   11.900  1.00 29.20 ? 37   LEU A CB  1 
ATOM   187  C  CG  . LEU A 1 37  ? -2.664  2.187   10.732  1.00 29.20 ? 37   LEU A CG  1 
ATOM   188  C  CD1 . LEU A 1 37  ? -1.593  1.738   9.705   1.00 29.59 ? 37   LEU A CD1 1 
ATOM   189  C  CD2 . LEU A 1 37  ? -3.534  0.970   11.185  1.00 28.53 ? 37   LEU A CD2 1 
ATOM   190  N  N   . GLN A 1 38  ? -5.231  3.696   12.501  1.00 29.86 ? 38   GLN A N   1 
ATOM   191  C  CA  . GLN A 1 38  ? -6.531  3.082   12.757  1.00 30.55 ? 38   GLN A CA  1 
ATOM   192  C  C   . GLN A 1 38  ? -7.117  2.474   11.499  1.00 29.33 ? 38   GLN A C   1 
ATOM   193  O  O   . GLN A 1 38  ? -6.837  2.910   10.367  1.00 29.58 ? 38   GLN A O   1 
ATOM   194  C  CB  . GLN A 1 38  ? -7.510  4.122   13.289  1.00 30.78 ? 38   GLN A CB  1 
ATOM   195  C  CG  . GLN A 1 38  ? -7.020  4.817   14.593  1.00 36.82 ? 38   GLN A CG  1 
ATOM   196  C  CD  . GLN A 1 38  ? -8.069  5.739   15.208  1.00 42.37 ? 38   GLN A CD  1 
ATOM   197  O  OE1 . GLN A 1 38  ? -9.266  5.564   14.952  1.00 44.78 ? 38   GLN A OE1 1 
ATOM   198  N  NE2 . GLN A 1 38  ? -7.622  6.742   15.989  1.00 46.76 ? 38   GLN A NE2 1 
ATOM   199  N  N   . VAL A 1 39  ? -7.961  1.480   11.708  1.00 29.79 ? 39   VAL A N   1 
ATOM   200  C  CA  . VAL A 1 39  ? -8.839  0.984   10.641  1.00 30.67 ? 39   VAL A CA  1 
ATOM   201  C  C   . VAL A 1 39  ? -9.989  1.985   10.562  1.00 30.63 ? 39   VAL A C   1 
ATOM   202  O  O   . VAL A 1 39  ? -10.594 2.349   11.605  1.00 29.47 ? 39   VAL A O   1 
ATOM   203  C  CB  . VAL A 1 39  ? -9.278  -0.426  10.886  1.00 31.77 ? 39   VAL A CB  1 
ATOM   204  C  CG1 . VAL A 1 39  ? -10.370 -0.886  9.885   1.00 32.89 ? 39   VAL A CG1 1 
ATOM   205  C  CG2 . VAL A 1 39  ? -8.061  -1.346  10.793  1.00 32.65 ? 39   VAL A CG2 1 
ATOM   206  N  N   . ILE A 1 40  ? -10.176 2.559   9.377   1.00 29.16 ? 40   ILE A N   1 
ATOM   207  C  CA  . ILE A 1 40  ? -11.197 3.578   9.137   1.00 28.34 ? 40   ILE A CA  1 
ATOM   208  C  C   . ILE A 1 40  ? -12.288 3.002   8.197   1.00 28.38 ? 40   ILE A C   1 
ATOM   209  O  O   . ILE A 1 40  ? -12.074 2.013   7.509   1.00 27.58 ? 40   ILE A O   1 
ATOM   210  C  CB  . ILE A 1 40  ? -10.556 4.852   8.566   1.00 29.04 ? 40   ILE A CB  1 
ATOM   211  C  CG1 . ILE A 1 40  ? -9.777  4.576   7.277   1.00 28.03 ? 40   ILE A CG1 1 
ATOM   212  C  CG2 . ILE A 1 40  ? -9.647  5.487   9.622   1.00 30.21 ? 40   ILE A CG2 1 
ATOM   213  C  CD1 . ILE A 1 40  ? -9.593  5.718   6.432   1.00 28.40 ? 40   ILE A CD1 1 
ATOM   214  N  N   . GLY A 1 41  ? -13.450 3.638   8.175   1.00 29.35 ? 41   GLY A N   1 
ATOM   215  C  CA  . GLY A 1 41  ? -14.464 3.357   7.184   1.00 28.07 ? 41   GLY A CA  1 
ATOM   216  C  C   . GLY A 1 41  ? -14.304 4.270   5.982   1.00 28.03 ? 41   GLY A C   1 
ATOM   217  O  O   . GLY A 1 41  ? -13.668 5.326   6.052   1.00 27.51 ? 41   GLY A O   1 
ATOM   218  N  N   . THR A 1 42  ? -14.943 3.878   4.876   1.00 27.71 ? 42   THR A N   1 
ATOM   219  C  CA  . THR A 1 42  ? -14.951 4.679   3.659   1.00 27.98 ? 42   THR A CA  1 
ATOM   220  C  C   . THR A 1 42  ? -16.385 5.019   3.306   1.00 27.95 ? 42   THR A C   1 
ATOM   221  O  O   . THR A 1 42  ? -17.301 4.445   3.873   1.00 26.96 ? 42   THR A O   1 
ATOM   222  C  CB  . THR A 1 42  ? -14.297 3.923   2.472   1.00 28.11 ? 42   THR A CB  1 
ATOM   223  O  OG1 . THR A 1 42  ? -15.077 2.766   2.147   1.00 30.29 ? 42   THR A OG1 1 
ATOM   224  C  CG2 . THR A 1 42  ? -12.879 3.422   2.821   1.00 26.40 ? 42   THR A CG2 1 
ATOM   225  N  N   . PRO A 1 43  ? -16.586 6.003   2.417   1.00 28.52 ? 43   PRO A N   1 
ATOM   226  C  CA  . PRO A 1 43  ? -17.952 6.422   2.062   1.00 28.76 ? 43   PRO A CA  1 
ATOM   227  C  C   . PRO A 1 43  ? -18.911 5.342   1.606   1.00 28.21 ? 43   PRO A C   1 
ATOM   228  O  O   . PRO A 1 43  ? -20.124 5.523   1.845   1.00 30.74 ? 43   PRO A O   1 
ATOM   229  C  CB  . PRO A 1 43  ? -17.721 7.473   0.992   1.00 27.75 ? 43   PRO A CB  1 
ATOM   230  C  CG  . PRO A 1 43  ? -16.400 8.045   1.397   1.00 29.36 ? 43   PRO A CG  1 
ATOM   231  C  CD  . PRO A 1 43  ? -15.583 6.910   1.830   1.00 29.22 ? 43   PRO A CD  1 
ATOM   232  N  N   . ASN A 1 44  ? -18.438 4.279   0.975   1.00 27.56 ? 44   ASN A N   1 
ATOM   233  C  CA  . ASN A 1 44  ? -19.313 3.208   0.499   1.00 27.03 ? 44   ASN A CA  1 
ATOM   234  C  C   . ASN A 1 44  ? -19.290 2.023   1.452   1.00 27.77 ? 44   ASN A C   1 
ATOM   235  O  O   . ASN A 1 44  ? -19.580 0.885   1.068   1.00 26.90 ? 44   ASN A O   1 
ATOM   236  C  CB  . ASN A 1 44  ? -18.960 2.788   -0.981  1.00 26.45 ? 44   ASN A CB  1 
ATOM   237  C  CG  . ASN A 1 44  ? -19.309 3.862   -1.985  1.00 25.43 ? 44   ASN A CG  1 
ATOM   238  O  OD1 . ASN A 1 44  ? -20.135 4.720   -1.690  1.00 25.00 ? 44   ASN A OD1 1 
ATOM   239  N  ND2 . ASN A 1 44  ? -18.745 3.810   -3.170  1.00 23.69 ? 44   ASN A ND2 1 
ATOM   240  N  N   . ASN A 1 45  ? -18.986 2.316   2.716   1.00 28.89 ? 45   ASN A N   1 
ATOM   241  C  CA  . ASN A 1 45  ? -19.001 1.338   3.795   1.00 30.22 ? 45   ASN A CA  1 
ATOM   242  C  C   . ASN A 1 45  ? -17.976 0.224   3.635   1.00 29.85 ? 45   ASN A C   1 
ATOM   243  O  O   . ASN A 1 45  ? -18.169 -0.903  4.056   1.00 28.92 ? 45   ASN A O   1 
ATOM   244  C  CB  . ASN A 1 45  ? -20.421 0.834   4.001   1.00 31.68 ? 45   ASN A CB  1 
ATOM   245  C  CG  . ASN A 1 45  ? -21.321 1.943   4.495   1.00 39.46 ? 45   ASN A CG  1 
ATOM   246  O  OD1 . ASN A 1 45  ? -20.966 2.659   5.464   1.00 47.07 ? 45   ASN A OD1 1 
ATOM   247  N  ND2 . ASN A 1 45  ? -22.468 2.143   3.825   1.00 45.69 ? 45   ASN A ND2 1 
ATOM   248  N  N   . GLY A 1 46  ? -16.852 0.565   3.011   1.00 30.15 ? 46   GLY A N   1 
ATOM   249  C  CA  . GLY A 1 46  ? -15.682 -0.299  3.013   1.00 29.35 ? 46   GLY A CA  1 
ATOM   250  C  C   . GLY A 1 46  ? -14.799 0.121   4.175   1.00 28.51 ? 46   GLY A C   1 
ATOM   251  O  O   . GLY A 1 46  ? -15.240 0.840   5.053   1.00 27.52 ? 46   GLY A O   1 
ATOM   252  N  N   . ARG A 1 47  ? -13.570 -0.382  4.198   1.00 28.07 ? 47   ARG A N   1 
ATOM   253  C  CA  . ARG A 1 47  ? -12.604 0.011   5.228   1.00 27.87 ? 47   ARG A CA  1 
ATOM   254  C  C   . ARG A 1 47  ? -11.253 0.310   4.597   1.00 26.26 ? 47   ARG A C   1 
ATOM   255  O  O   . ARG A 1 47  ? -11.010 -0.002  3.438   1.00 25.35 ? 47   ARG A O   1 
ATOM   256  C  CB  . ARG A 1 47  ? -12.487 -1.054  6.310   1.00 29.38 ? 47   ARG A CB  1 
ATOM   257  C  CG  . ARG A 1 47  ? -13.849 -1.464  6.947   1.00 33.83 ? 47   ARG A CG  1 
ATOM   258  C  CD  . ARG A 1 47  ? -13.754 -2.312  8.198   1.00 45.28 ? 47   ARG A CD  1 
ATOM   259  N  NE  . ARG A 1 47  ? -13.931 -1.458  9.388   1.00 55.13 ? 47   ARG A NE  1 
ATOM   260  C  CZ  . ARG A 1 47  ? -13.596 -1.778  10.677  1.00 60.15 ? 47   ARG A CZ  1 
ATOM   261  N  NH1 . ARG A 1 47  ? -13.072 -2.973  10.983  1.00 60.85 ? 47   ARG A NH1 1 
ATOM   262  N  NH2 . ARG A 1 47  ? -13.801 -0.883  11.670  1.00 59.18 ? 47   ARG A NH2 1 
ATOM   263  N  N   . GLY A 1 48  ? -10.401 0.956   5.376   1.00 25.67 ? 48   GLY A N   1 
ATOM   264  C  CA  . GLY A 1 48  ? -9.047  1.238   5.005   1.00 25.19 ? 48   GLY A CA  1 
ATOM   265  C  C   . GLY A 1 48  ? -8.222  1.490   6.226   1.00 25.10 ? 48   GLY A C   1 
ATOM   266  O  O   . GLY A 1 48  ? -8.620  1.167   7.358   1.00 26.25 ? 48   GLY A O   1 
ATOM   267  N  N   . ILE A 1 49  ? -7.043  2.040   5.989   1.00 23.83 ? 49   ILE A N   1 
ATOM   268  C  CA  . ILE A 1 49  ? -6.195  2.477   7.034   1.00 24.07 ? 49   ILE A CA  1 
ATOM   269  C  C   . ILE A 1 49  ? -6.015  3.957   6.920   1.00 24.55 ? 49   ILE A C   1 
ATOM   270  O  O   . ILE A 1 49  ? -5.947  4.507   5.830   1.00 24.67 ? 49   ILE A O   1 
ATOM   271  C  CB  . ILE A 1 49  ? -4.836  1.726   7.077   1.00 21.80 ? 49   ILE A CB  1 
ATOM   272  C  CG1 . ILE A 1 49  ? -4.101  1.857   5.719   1.00 22.32 ? 49   ILE A CG1 1 
ATOM   273  C  CG2 . ILE A 1 49  ? -5.059  0.311   7.433   1.00 25.03 ? 49   ILE A CG2 1 
ATOM   274  C  CD1 . ILE A 1 49  ? -2.673  1.363   5.667   1.00 23.62 ? 49   ILE A CD1 1 
ATOM   275  N  N   . GLY A 1 50  ? -5.978  4.602   8.086   1.00 25.26 ? 50   GLY A N   1 
ATOM   276  C  CA  . GLY A 1 50  ? -5.721  6.004   8.196   1.00 24.98 ? 50   GLY A CA  1 
ATOM   277  C  C   . GLY A 1 50  ? -5.036  6.348   9.526   1.00 25.92 ? 50   GLY A C   1 
ATOM   278  O  O   . GLY A 1 50  ? -4.523  5.469   10.190  1.00 27.13 ? 50   GLY A O   1 
ATOM   279  N  N   . TYR A 1 51  ? -5.071  7.620   9.899   1.00 26.77 ? 51   TYR A N   1 
ATOM   280  C  CA  . TYR A 1 51  ? -4.364  8.190   11.040  1.00 27.88 ? 51   TYR A CA  1 
ATOM   281  C  C   . TYR A 1 51  ? -2.888  7.821   10.998  1.00 27.81 ? 51   TYR A C   1 
ATOM   282  O  O   . TYR A 1 51  ? -2.298  7.434   11.985  1.00 28.34 ? 51   TYR A O   1 
ATOM   283  C  CB  . TYR A 1 51  ? -5.071  7.884   12.369  1.00 28.57 ? 51   TYR A CB  1 
ATOM   284  C  CG  . TYR A 1 51  ? -6.428  8.527   12.386  1.00 29.91 ? 51   TYR A CG  1 
ATOM   285  C  CD1 . TYR A 1 51  ? -7.534  7.847   11.924  1.00 33.79 ? 51   TYR A CD1 1 
ATOM   286  C  CD2 . TYR A 1 51  ? -6.604  9.864   12.805  1.00 34.34 ? 51   TYR A CD2 1 
ATOM   287  C  CE1 . TYR A 1 51  ? -8.807  8.452   11.903  1.00 35.46 ? 51   TYR A CE1 1 
ATOM   288  C  CE2 . TYR A 1 51  ? -7.884  10.468  12.791  1.00 33.10 ? 51   TYR A CE2 1 
ATOM   289  C  CZ  . TYR A 1 51  ? -8.965  9.761   12.338  1.00 35.71 ? 51   TYR A CZ  1 
ATOM   290  O  OH  . TYR A 1 51  ? -10.228 10.368  12.309  1.00 39.93 ? 51   TYR A OH  1 
ATOM   291  N  N   . ILE A 1 52  ? -2.325  7.952   9.801   1.00 28.16 ? 52   ILE A N   1 
ATOM   292  C  CA  . ILE A 1 52  ? -0.947  7.522   9.510   1.00 28.32 ? 52   ILE A CA  1 
ATOM   293  C  C   . ILE A 1 52  ? -0.024  8.710   9.640   1.00 28.27 ? 52   ILE A C   1 
ATOM   294  O  O   . ILE A 1 52  ? -0.389  9.821   9.273   1.00 28.25 ? 52   ILE A O   1 
ATOM   295  C  CB  . ILE A 1 52  ? -0.864  6.913   8.083   1.00 27.75 ? 52   ILE A CB  1 
ATOM   296  C  CG1 . ILE A 1 52  ? -1.427  5.493   8.077   1.00 27.72 ? 52   ILE A CG1 1 
ATOM   297  C  CG2 . ILE A 1 52  ? 0.591   6.893   7.580   1.00 29.19 ? 52   ILE A CG2 1 
ATOM   298  C  CD1 . ILE A 1 52  ? -1.770  5.021   6.692   1.00 27.27 ? 52   ILE A CD1 1 
ATOM   299  N  N   . GLU A 1 53  ? 1.175   8.490   10.176  1.00 28.91 ? 53   GLU A N   1 
ATOM   300  C  CA  . GLU A 1 53  ? 2.195   9.530   10.207  1.00 29.87 ? 53   GLU A CA  1 
ATOM   301  C  C   . GLU A 1 53  ? 3.465   9.140   9.499   1.00 29.52 ? 53   GLU A C   1 
ATOM   302  O  O   . GLU A 1 53  ? 3.704   7.952   9.256   1.00 26.88 ? 53   GLU A O   1 
ATOM   303  C  CB  . GLU A 1 53  ? 2.522   9.881   11.666  1.00 31.72 ? 53   GLU A CB  1 
ATOM   304  C  CG  . GLU A 1 53  ? 1.249   10.293  12.419  1.00 36.80 ? 53   GLU A CG  1 
ATOM   305  C  CD  . GLU A 1 53  ? 1.513   10.881  13.777  1.00 42.91 ? 53   GLU A CD  1 
ATOM   306  O  OE1 . GLU A 1 53  ? 2.473   10.423  14.426  1.00 46.51 ? 53   GLU A OE1 1 
ATOM   307  O  OE2 . GLU A 1 53  ? 0.727   11.767  14.194  1.00 50.31 ? 53   GLU A OE2 1 
ATOM   308  N  N   . ASN A 1 54  ? 4.260   10.174  9.188   1.00 29.26 ? 54   ASN A N   1 
ATOM   309  C  CA  . ASN A 1 54  ? 5.583   10.082  8.616   1.00 29.30 ? 54   ASN A CA  1 
ATOM   310  C  C   . ASN A 1 54  ? 6.411   9.067   9.388   1.00 28.54 ? 54   ASN A C   1 
ATOM   311  O  O   . ASN A 1 54  ? 6.468   9.089   10.644  1.00 28.26 ? 54   ASN A O   1 
ATOM   312  C  CB  . ASN A 1 54  ? 6.268   11.483  8.603   1.00 30.21 ? 54   ASN A CB  1 
ATOM   313  C  CG  . ASN A 1 54  ? 7.660   11.435  8.039   1.00 31.70 ? 54   ASN A CG  1 
ATOM   314  O  OD1 . ASN A 1 54  ? 7.906   10.913  6.974   1.00 35.34 ? 54   ASN A OD1 1 
ATOM   315  N  ND2 . ASN A 1 54  ? 8.597   11.890  8.810   1.00 38.89 ? 54   ASN A ND2 1 
ATOM   316  N  N   . GLY A 1 55  ? 7.025   8.171   8.621   1.00 26.96 ? 55   GLY A N   1 
ATOM   317  C  CA  . GLY A 1 55  ? 7.840   7.096   9.145   1.00 25.55 ? 55   GLY A CA  1 
ATOM   318  C  C   . GLY A 1 55  ? 7.081   5.846   9.451   1.00 24.40 ? 55   GLY A C   1 
ATOM   319  O  O   . GLY A 1 55  ? 7.701   4.852   9.846   1.00 23.06 ? 55   GLY A O   1 
ATOM   320  N  N   . ASN A 1 56  ? 5.743   5.887   9.360   1.00 22.49 ? 56   ASN A N   1 
ATOM   321  C  CA  . ASN A 1 56  ? 4.991   4.700   9.631   1.00 22.26 ? 56   ASN A CA  1 
ATOM   322  C  C   . ASN A 1 56  ? 5.268   3.648   8.524   1.00 20.50 ? 56   ASN A C   1 
ATOM   323  O  O   . ASN A 1 56  ? 5.399   3.954   7.342   1.00 20.76 ? 56   ASN A O   1 
ATOM   324  C  CB  . ASN A 1 56  ? 3.486   4.948   9.674   1.00 21.96 ? 56   ASN A CB  1 
ATOM   325  C  CG  . ASN A 1 56  ? 2.986   5.526   10.968  1.00 24.21 ? 56   ASN A CG  1 
ATOM   326  O  OD1 . ASN A 1 56  ? 1.768   5.721   11.091  1.00 27.84 ? 56   ASN A OD1 1 
ATOM   327  N  ND2 . ASN A 1 56  ? 3.870   5.839   11.933  1.00 24.57 ? 56   ASN A ND2 1 
ATOM   328  N  N   . THR A 1 57  ? 5.364   2.406   8.950   1.00 20.77 ? 57   THR A N   1 
ATOM   329  C  CA  . THR A 1 57  ? 5.471   1.275   8.055   1.00 20.75 ? 57   THR A CA  1 
ATOM   330  C  C   . THR A 1 57  ? 4.324   0.357   8.280   1.00 20.58 ? 57   THR A C   1 
ATOM   331  O  O   . THR A 1 57  ? 3.830   0.196   9.420   1.00 21.35 ? 57   THR A O   1 
ATOM   332  C  CB  . THR A 1 57  ? 6.782   0.472   8.256   1.00 20.67 ? 57   THR A CB  1 
ATOM   333  O  OG1 . THR A 1 57  ? 6.896   -0.045  9.588   1.00 21.14 ? 57   THR A OG1 1 
ATOM   334  C  CG2 . THR A 1 57  ? 8.011   1.352   8.071   1.00 20.80 ? 57   THR A CG2 1 
ATOM   335  N  N   . VAL A 1 58  ? 3.916   -0.310  7.208   1.00 21.30 ? 58   VAL A N   1 
ATOM   336  C  CA  . VAL A 1 58  ? 2.845   -1.311  7.269   1.00 20.58 ? 58   VAL A CA  1 
ATOM   337  C  C   . VAL A 1 58  ? 3.210   -2.496  6.401   1.00 19.93 ? 58   VAL A C   1 
ATOM   338  O  O   . VAL A 1 58  ? 3.515   -2.354  5.232   1.00 20.09 ? 58   VAL A O   1 
ATOM   339  C  CB  . VAL A 1 58  ? 1.513   -0.734  6.817   1.00 19.91 ? 58   VAL A CB  1 
ATOM   340  C  CG1 . VAL A 1 58  ? 0.437   -1.786  6.914   1.00 21.20 ? 58   VAL A CG1 1 
ATOM   341  C  CG2 . VAL A 1 58  ? 1.157   0.474   7.631   1.00 21.62 ? 58   VAL A CG2 1 
ATOM   342  N  N   . THR A 1 59  ? 3.175   -3.684  7.000   1.00 21.02 ? 59   THR A N   1 
ATOM   343  C  CA  . THR A 1 59  ? 3.683   -4.887  6.358   1.00 20.00 ? 59   THR A CA  1 
ATOM   344  C  C   . THR A 1 59  ? 2.561   -5.823  6.032   1.00 20.12 ? 59   THR A C   1 
ATOM   345  O  O   . THR A 1 59  ? 1.663   -6.085  6.894   1.00 19.76 ? 59   THR A O   1 
ATOM   346  C  CB  . THR A 1 59  ? 4.706   -5.583  7.299   1.00 21.18 ? 59   THR A CB  1 
ATOM   347  O  OG1 . THR A 1 59  ? 5.819   -4.715  7.535   1.00 20.87 ? 59   THR A OG1 1 
ATOM   348  C  CG2 . THR A 1 59  ? 5.301   -6.875  6.671   1.00 22.01 ? 59   THR A CG2 1 
ATOM   349  N  N   . TYR A 1 60  ? 2.700   -6.458  4.852   1.00 19.90 ? 60   TYR A N   1 
ATOM   350  C  CA  . TYR A 1 60  ? 1.722   -7.398  4.314   1.00 20.01 ? 60   TYR A CA  1 
ATOM   351  C  C   . TYR A 1 60  ? 2.513   -8.654  3.977   1.00 20.63 ? 60   TYR A C   1 
ATOM   352  O  O   . TYR A 1 60  ? 3.476   -8.599  3.235   1.00 21.90 ? 60   TYR A O   1 
ATOM   353  C  CB  . TYR A 1 60  ? 1.054   -6.823  3.054   1.00 19.08 ? 60   TYR A CB  1 
ATOM   354  C  CG  . TYR A 1 60  ? 0.256   -5.581  3.359   1.00 19.57 ? 60   TYR A CG  1 
ATOM   355  C  CD1 . TYR A 1 60  ? 0.881   -4.331  3.419   1.00 18.65 ? 60   TYR A CD1 1 
ATOM   356  C  CD2 . TYR A 1 60  ? -1.088  -5.660  3.681   1.00 19.32 ? 60   TYR A CD2 1 
ATOM   357  C  CE1 . TYR A 1 60  ? 0.192   -3.212  3.685   1.00 19.64 ? 60   TYR A CE1 1 
ATOM   358  C  CE2 . TYR A 1 60  ? -1.810  -4.508  3.992   1.00 17.46 ? 60   TYR A CE2 1 
ATOM   359  C  CZ  . TYR A 1 60  ? -1.169  -3.308  4.013   1.00 20.57 ? 60   TYR A CZ  1 
ATOM   360  O  OH  . TYR A 1 60  ? -1.883  -2.211  4.351   1.00 20.22 ? 60   TYR A OH  1 
ATOM   361  N  N   . SER A 1 61  ? 2.147   -9.775  4.577   1.00 22.56 ? 61   SER A N   1 
ATOM   362  C  CA  . SER A 1 61  ? 2.996   -10.995 4.513   1.00 24.23 ? 61   SER A CA  1 
ATOM   363  C  C   . SER A 1 61  ? 2.798   -11.826 3.275   1.00 24.27 ? 61   SER A C   1 
ATOM   364  O  O   . SER A 1 61  ? 1.662   -11.962 2.816   1.00 25.20 ? 61   SER A O   1 
ATOM   365  C  CB  A SER A 1 61  ? 2.903   -11.817 5.813   0.65 25.38 ? 61   SER A CB  1 
ATOM   366  C  CB  B SER A 1 61  ? 2.685   -11.925 5.722   0.35 23.89 ? 61   SER A CB  1 
ATOM   367  O  OG  A SER A 1 61  ? 1.624   -12.267 6.049   0.65 28.13 ? 61   SER A OG  1 
ATOM   368  O  OG  B SER A 1 61  ? 2.665   -11.269 6.986   0.35 19.81 ? 61   SER A OG  1 
ATOM   369  N  N   . ASN A 1 62  ? 3.907   -12.398 2.737   1.00 24.73 ? 62   ASN A N   1 
ATOM   370  C  CA  . ASN A 1 62  ? 3.861   -13.500 1.778   1.00 24.34 ? 62   ASN A CA  1 
ATOM   371  C  C   . ASN A 1 62  ? 2.970   -13.188 0.558   1.00 24.10 ? 62   ASN A C   1 
ATOM   372  O  O   . ASN A 1 62  ? 2.038   -13.939 0.250   1.00 23.65 ? 62   ASN A O   1 
ATOM   373  C  CB  . ASN A 1 62  ? 3.405   -14.794 2.451   1.00 25.22 ? 62   ASN A CB  1 
ATOM   374  C  CG  . ASN A 1 62  ? 4.344   -15.246 3.549   1.00 26.91 ? 62   ASN A CG  1 
ATOM   375  O  OD1 . ASN A 1 62  ? 5.570   -15.210 3.386   1.00 30.10 ? 62   ASN A OD1 1 
ATOM   376  N  ND2 . ASN A 1 62  ? 3.777   -15.643 4.682   1.00 29.49 ? 62   ASN A ND2 1 
ATOM   377  N  N   . ILE A 1 63  ? 3.278   -12.080 -0.120  1.00 23.10 ? 63   ILE A N   1 
ATOM   378  C  CA  . ILE A 1 63  ? 2.584   -11.720 -1.364  1.00 22.01 ? 63   ILE A CA  1 
ATOM   379  C  C   . ILE A 1 63  ? 3.253   -12.480 -2.478  1.00 22.28 ? 63   ILE A C   1 
ATOM   380  O  O   . ILE A 1 63  ? 4.507   -12.461 -2.610  1.00 22.65 ? 63   ILE A O   1 
ATOM   381  C  CB  . ILE A 1 63  ? 2.652   -10.230 -1.638  1.00 22.68 ? 63   ILE A CB  1 
ATOM   382  C  CG1 . ILE A 1 63  ? 2.061   -9.419  -0.465  1.00 23.57 ? 63   ILE A CG1 1 
ATOM   383  C  CG2 . ILE A 1 63  ? 1.933   -9.908  -2.930  1.00 22.36 ? 63   ILE A CG2 1 
ATOM   384  C  CD1 . ILE A 1 63  ? 0.765   -9.906  0.115   1.00 25.04 ? 63   ILE A CD1 1 
ATOM   385  N  N   . ASP A 1 64  ? 2.443   -13.190 -3.246  1.00 22.23 ? 64   ASP A N   1 
ATOM   386  C  CA  . ASP A 1 64  ? 2.939   -14.009 -4.342  1.00 21.61 ? 64   ASP A CA  1 
ATOM   387  C  C   . ASP A 1 64  ? 2.879   -13.256 -5.675  1.00 22.62 ? 64   ASP A C   1 
ATOM   388  O  O   . ASP A 1 64  ? 1.805   -12.993 -6.218  1.00 22.60 ? 64   ASP A O   1 
ATOM   389  C  CB  . ASP A 1 64  ? 2.130   -15.280 -4.403  1.00 22.65 ? 64   ASP A CB  1 
ATOM   390  C  CG  . ASP A 1 64  ? 2.694   -16.286 -5.373  1.00 25.44 ? 64   ASP A CG  1 
ATOM   391  O  OD1 . ASP A 1 64  ? 3.704   -15.989 -6.089  1.00 25.30 ? 64   ASP A OD1 1 
ATOM   392  O  OD2 . ASP A 1 64  ? 2.193   -17.449 -5.456  1.00 31.24 ? 64   ASP A OD2 1 
ATOM   393  N  N   . PHE A 1 65  ? 4.050   -12.869 -6.152  1.00 21.71 ? 65   PHE A N   1 
ATOM   394  C  CA  . PHE A 1 65  ? 4.220   -12.180 -7.409  1.00 23.82 ? 65   PHE A CA  1 
ATOM   395  C  C   . PHE A 1 65  ? 4.388   -13.098 -8.622  1.00 24.54 ? 65   PHE A C   1 
ATOM   396  O  O   . PHE A 1 65  ? 4.553   -12.621 -9.738  1.00 24.80 ? 65   PHE A O   1 
ATOM   397  C  CB  . PHE A 1 65  ? 5.437   -11.265 -7.315  1.00 23.16 ? 65   PHE A CB  1 
ATOM   398  C  CG  . PHE A 1 65  ? 5.257   -10.212 -6.282  1.00 21.96 ? 65   PHE A CG  1 
ATOM   399  C  CD1 . PHE A 1 65  ? 5.687   -10.407 -5.004  1.00 20.61 ? 65   PHE A CD1 1 
ATOM   400  C  CD2 . PHE A 1 65  ? 4.540   -9.082  -6.578  1.00 20.08 ? 65   PHE A CD2 1 
ATOM   401  C  CE1 . PHE A 1 65  ? 5.479   -9.412  -4.045  1.00 21.81 ? 65   PHE A CE1 1 
ATOM   402  C  CE2 . PHE A 1 65  ? 4.341   -8.117  -5.648  1.00 21.67 ? 65   PHE A CE2 1 
ATOM   403  C  CZ  . PHE A 1 65  ? 4.765   -8.303  -4.361  1.00 22.57 ? 65   PHE A CZ  1 
ATOM   404  N  N   . GLY A 1 66  ? 4.406   -14.396 -8.394  1.00 27.20 ? 66   GLY A N   1 
ATOM   405  C  CA  . GLY A 1 66  ? 4.572   -15.332 -9.500  1.00 27.09 ? 66   GLY A CA  1 
ATOM   406  C  C   . GLY A 1 66  ? 5.734   -14.979 -10.399 1.00 26.80 ? 66   GLY A C   1 
ATOM   407  O  O   . GLY A 1 66  ? 6.812   -14.733 -9.921  1.00 27.26 ? 66   GLY A O   1 
ATOM   408  N  N   . SER A 1 67  ? 5.504   -14.926 -11.708 1.00 28.06 ? 67   SER A N   1 
ATOM   409  C  CA  . SER A 1 67  ? 6.579   -14.717 -12.690 1.00 27.57 ? 67   SER A CA  1 
ATOM   410  C  C   . SER A 1 67  ? 6.865   -13.253 -12.889 1.00 26.92 ? 67   SER A C   1 
ATOM   411  O  O   . SER A 1 67  ? 7.678   -12.899 -13.707 1.00 25.72 ? 67   SER A O   1 
ATOM   412  C  CB  . SER A 1 67  ? 6.207   -15.383 -14.040 1.00 29.01 ? 67   SER A CB  1 
ATOM   413  O  OG  . SER A 1 67  ? 5.058   -14.798 -14.614 1.00 32.31 ? 67   SER A OG  1 
ATOM   414  N  N   . GLY A 1 68  ? 6.183   -12.362 -12.171 1.00 25.61 ? 68   GLY A N   1 
ATOM   415  C  CA  . GLY A 1 68  ? 6.618   -10.974 -12.161 1.00 25.79 ? 68   GLY A CA  1 
ATOM   416  C  C   . GLY A 1 68  ? 5.521   -9.905  -12.134 1.00 24.75 ? 68   GLY A C   1 
ATOM   417  O  O   . GLY A 1 68  ? 4.501   -10.054 -12.830 1.00 25.04 ? 68   GLY A O   1 
ATOM   418  N  N   . ALA A 1 69  ? 5.768   -8.858  -11.344 1.00 23.59 ? 69   ALA A N   1 
ATOM   419  C  CA  . ALA A 1 69  ? 4.988   -7.619  -11.303 1.00 23.49 ? 69   ALA A CA  1 
ATOM   420  C  C   . ALA A 1 69  ? 5.921   -6.433  -11.571 1.00 23.30 ? 69   ALA A C   1 
ATOM   421  O  O   . ALA A 1 69  ? 7.015   -6.388  -11.012 1.00 22.51 ? 69   ALA A O   1 
ATOM   422  C  CB  . ALA A 1 69  ? 4.337   -7.431  -9.943  1.00 23.41 ? 69   ALA A CB  1 
ATOM   423  N  N   . THR A 1 70  ? 5.446   -5.489  -12.397 1.00 22.87 ? 70   THR A N   1 
ATOM   424  C  CA  . THR A 1 70  ? 6.139   -4.229  -12.702 1.00 21.98 ? 70   THR A CA  1 
ATOM   425  C  C   . THR A 1 70  ? 5.362   -2.947  -12.443 1.00 22.23 ? 70   THR A C   1 
ATOM   426  O  O   . THR A 1 70  ? 5.857   -1.861  -12.718 1.00 20.89 ? 70   THR A O   1 
ATOM   427  C  CB  . THR A 1 70  ? 6.685   -4.233  -14.125 1.00 23.20 ? 70   THR A CB  1 
ATOM   428  O  OG1 . THR A 1 70  ? 5.652   -4.569  -15.075 1.00 23.09 ? 70   THR A OG1 1 
ATOM   429  C  CG2 . THR A 1 70  ? 7.763   -5.339  -14.271 1.00 23.01 ? 70   THR A CG2 1 
ATOM   430  N  N   . GLY A 1 71  ? 4.178   -3.083  -11.854 1.00 22.24 ? 71   GLY A N   1 
ATOM   431  C  CA  . GLY A 1 71  ? 3.385   -1.955  -11.414 1.00 22.39 ? 71   GLY A CA  1 
ATOM   432  C  C   . GLY A 1 71  ? 2.656   -2.148  -10.095 1.00 21.69 ? 71   GLY A C   1 
ATOM   433  O  O   . GLY A 1 71  ? 2.398   -3.242  -9.674  1.00 21.97 ? 71   GLY A O   1 
ATOM   434  N  N   . PHE A 1 72  ? 2.322   -1.041  -9.455  1.00 22.25 ? 72   PHE A N   1 
ATOM   435  C  CA  . PHE A 1 72  ? 1.590   -1.003  -8.195  1.00 22.30 ? 72   PHE A CA  1 
ATOM   436  C  C   . PHE A 1 72  ? 0.519   0.106   -8.340  1.00 22.09 ? 72   PHE A C   1 
ATOM   437  O  O   . PHE A 1 72  ? 0.802   1.202   -8.806  1.00 21.57 ? 72   PHE A O   1 
ATOM   438  C  CB  . PHE A 1 72  ? 2.568   -0.644  -7.056  1.00 21.66 ? 72   PHE A CB  1 
ATOM   439  C  CG  . PHE A 1 72  ? 1.927   -0.437  -5.735  1.00 20.47 ? 72   PHE A CG  1 
ATOM   440  C  CD1 . PHE A 1 72  ? 1.596   -1.519  -4.932  1.00 19.79 ? 72   PHE A CD1 1 
ATOM   441  C  CD2 . PHE A 1 72  ? 1.715   0.865   -5.244  1.00 21.25 ? 72   PHE A CD2 1 
ATOM   442  C  CE1 . PHE A 1 72  ? 1.028   -1.326  -3.673  1.00 20.51 ? 72   PHE A CE1 1 
ATOM   443  C  CE2 . PHE A 1 72  ? 1.114   1.069   -3.980  1.00 21.32 ? 72   PHE A CE2 1 
ATOM   444  C  CZ  . PHE A 1 72  ? 0.756   -0.054  -3.201  1.00 19.58 ? 72   PHE A CZ  1 
ATOM   445  N  N   . SER A 1 73  ? -0.693  -0.225  -7.941  1.00 21.78 ? 73   SER A N   1 
ATOM   446  C  CA  . SER A 1 73  ? -1.828  0.669   -7.915  1.00 22.49 ? 73   SER A CA  1 
ATOM   447  C  C   . SER A 1 73  ? -2.468  0.609   -6.539  1.00 22.72 ? 73   SER A C   1 
ATOM   448  O  O   . SER A 1 73  ? -2.634  -0.484  -5.957  1.00 22.06 ? 73   SER A O   1 
ATOM   449  C  CB  . SER A 1 73  ? -2.902  0.251   -8.936  1.00 22.82 ? 73   SER A CB  1 
ATOM   450  O  OG  . SER A 1 73  ? -2.360  0.245   -10.249 1.00 26.03 ? 73   SER A OG  1 
ATOM   451  N  N   . ALA A 1 74  ? -2.786  1.783   -5.983  1.00 22.51 ? 74   ALA A N   1 
ATOM   452  C  CA  . ALA A 1 74  ? -3.480  1.832   -4.721  1.00 21.15 ? 74   ALA A CA  1 
ATOM   453  C  C   . ALA A 1 74  ? -4.641  2.804   -4.808  1.00 21.36 ? 74   ALA A C   1 
ATOM   454  O  O   . ALA A 1 74  ? -4.585  3.787   -5.570  1.00 21.38 ? 74   ALA A O   1 
ATOM   455  C  CB  . ALA A 1 74  ? -2.552  2.251   -3.638  1.00 21.84 ? 74   ALA A CB  1 
ATOM   456  N  N   . THR A 1 75  ? -5.678  2.543   -4.019  1.00 20.60 ? 75   THR A N   1 
ATOM   457  C  CA  . THR A 1 75  ? -6.825  3.444   -3.925  1.00 21.34 ? 75   THR A CA  1 
ATOM   458  C  C   . THR A 1 75  ? -6.699  4.218   -2.627  1.00 20.95 ? 75   THR A C   1 
ATOM   459  O  O   . THR A 1 75  ? -6.750  3.643   -1.527  1.00 21.32 ? 75   THR A O   1 
ATOM   460  C  CB  . THR A 1 75  ? -8.139  2.610   -4.021  1.00 22.31 ? 75   THR A CB  1 
ATOM   461  O  OG1 . THR A 1 75  ? -8.205  1.944   -5.327  1.00 22.84 ? 75   THR A OG1 1 
ATOM   462  C  CG2 . THR A 1 75  ? -9.348  3.474   -3.924  1.00 22.81 ? 75   THR A CG2 1 
ATOM   463  N  N   . VAL A 1 76  ? -6.486  5.526   -2.773  1.00 20.37 ? 76   VAL A N   1 
ATOM   464  C  CA  . VAL A 1 76  ? -6.043  6.380   -1.698  1.00 20.99 ? 76   VAL A CA  1 
ATOM   465  C  C   . VAL A 1 76  ? -6.801  7.691   -1.687  1.00 21.85 ? 76   VAL A C   1 
ATOM   466  O  O   . VAL A 1 76  ? -7.300  8.154   -2.716  1.00 21.07 ? 76   VAL A O   1 
ATOM   467  C  CB  . VAL A 1 76  ? -4.550  6.700   -1.806  1.00 20.90 ? 76   VAL A CB  1 
ATOM   468  C  CG1 . VAL A 1 76  ? -3.697  5.439   -1.634  1.00 23.28 ? 76   VAL A CG1 1 
ATOM   469  C  CG2 . VAL A 1 76  ? -4.227  7.347   -3.180  1.00 22.86 ? 76   VAL A CG2 1 
ATOM   470  N  N   . ALA A 1 77  ? -6.832  8.310   -0.507  1.00 23.99 ? 77   ALA A N   1 
ATOM   471  C  CA  . ALA A 1 77  ? -7.406  9.656   -0.333  1.00 24.23 ? 77   ALA A CA  1 
ATOM   472  C  C   . ALA A 1 77  ? -6.496  10.442  0.598   1.00 25.33 ? 77   ALA A C   1 
ATOM   473  O  O   . ALA A 1 77  ? -6.051  9.933   1.615   1.00 26.12 ? 77   ALA A O   1 
ATOM   474  C  CB  . ALA A 1 77  ? -8.772  9.566   0.315   1.00 24.69 ? 77   ALA A CB  1 
ATOM   475  N  N   . THR A 1 78  ? -6.245  11.678  0.264   1.00 26.73 ? 78   THR A N   1 
ATOM   476  C  CA  . THR A 1 78  ? -5.466  12.553  1.128   1.00 27.61 ? 78   THR A CA  1 
ATOM   477  C  C   . THR A 1 78  ? -5.705  14.002  0.765   1.00 29.74 ? 78   THR A C   1 
ATOM   478  O  O   . THR A 1 78  ? -6.093  14.303  -0.365  1.00 27.18 ? 78   THR A O   1 
ATOM   479  C  CB  . THR A 1 78  ? -3.948  12.217  1.049   1.00 27.57 ? 78   THR A CB  1 
ATOM   480  O  OG1 . THR A 1 78  ? -3.167  13.060  1.919   1.00 29.26 ? 78   THR A OG1 1 
ATOM   481  C  CG2 . THR A 1 78  ? -3.395  12.474  -0.291  1.00 25.71 ? 78   THR A CG2 1 
ATOM   482  N  N   . GLU A 1 79  ? -5.438  14.872  1.751   1.00 31.60 ? 79   GLU A N   1 
ATOM   483  C  CA  . GLU A 1 79  ? -5.487  16.323  1.578   1.00 34.76 ? 79   GLU A CA  1 
ATOM   484  C  C   . GLU A 1 79  ? -4.127  16.989  1.452   1.00 35.57 ? 79   GLU A C   1 
ATOM   485  O  O   . GLU A 1 79  ? -4.028  18.189  1.264   1.00 35.76 ? 79   GLU A O   1 
ATOM   486  C  CB  . GLU A 1 79  ? -6.320  16.932  2.725   1.00 35.10 ? 79   GLU A CB  1 
ATOM   487  C  CG  . GLU A 1 79  ? -7.776  16.522  2.596   1.00 36.93 ? 79   GLU A CG  1 
ATOM   488  C  CD  . GLU A 1 79  ? -8.737  17.434  3.307   1.00 40.22 ? 79   GLU A CD  1 
ATOM   489  O  OE1 . GLU A 1 79  ? -9.933  17.094  3.350   1.00 41.56 ? 79   GLU A OE1 1 
ATOM   490  O  OE2 . GLU A 1 79  ? -8.294  18.459  3.860   1.00 44.38 ? 79   GLU A OE2 1 
ATOM   491  N  N   . VAL A 1 80  ? -3.078  16.182  1.538   1.00 36.92 ? 80   VAL A N   1 
ATOM   492  C  CA  . VAL A 1 80  ? -1.696  16.620  1.477   1.00 38.02 ? 80   VAL A CA  1 
ATOM   493  C  C   . VAL A 1 80  ? -0.931  15.804  0.467   1.00 38.03 ? 80   VAL A C   1 
ATOM   494  O  O   . VAL A 1 80  ? -1.121  14.582  0.335   1.00 39.87 ? 80   VAL A O   1 
ATOM   495  C  CB  . VAL A 1 80  ? -1.009  16.364  2.847   1.00 38.77 ? 80   VAL A CB  1 
ATOM   496  C  CG1 . VAL A 1 80  ? 0.424   16.840  2.843   1.00 42.08 ? 80   VAL A CG1 1 
ATOM   497  C  CG2 . VAL A 1 80  ? -1.743  17.094  3.947   1.00 41.10 ? 80   VAL A CG2 1 
ATOM   498  N  N   . ASN A 1 81  ? -0.003  16.445  -0.195  1.00 37.66 ? 81   ASN A N   1 
ATOM   499  C  CA  . ASN A 1 81  ? 0.870   15.741  -1.085  1.00 38.48 ? 81   ASN A CA  1 
ATOM   500  C  C   . ASN A 1 81  ? 1.748   14.826  -0.234  1.00 37.55 ? 81   ASN A C   1 
ATOM   501  O  O   . ASN A 1 81  ? 2.337   15.236  0.782   1.00 38.73 ? 81   ASN A O   1 
ATOM   502  C  CB  . ASN A 1 81  ? 1.680   16.701  -1.940  1.00 38.05 ? 81   ASN A CB  1 
ATOM   503  C  CG  . ASN A 1 81  ? 0.814   17.620  -2.736  1.00 41.76 ? 81   ASN A CG  1 
ATOM   504  O  OD1 . ASN A 1 81  ? -0.376  17.324  -3.061  1.00 45.89 ? 81   ASN A OD1 1 
ATOM   505  N  ND2 . ASN A 1 81  ? 1.364   18.777  -3.035  1.00 46.24 ? 81   ASN A ND2 1 
ATOM   506  N  N   . THR A 1 82  ? 1.782   13.555  -0.613  1.00 35.72 ? 82   THR A N   1 
ATOM   507  C  CA  . THR A 1 82  ? 2.534   12.580  0.142   1.00 35.18 ? 82   THR A CA  1 
ATOM   508  C  C   . THR A 1 82  ? 3.066   11.452  -0.766  1.00 33.29 ? 82   THR A C   1 
ATOM   509  O  O   . THR A 1 82  ? 2.741   11.403  -1.961  1.00 33.94 ? 82   THR A O   1 
ATOM   510  C  CB  . THR A 1 82  ? 1.656   12.090  1.253   1.00 35.39 ? 82   THR A CB  1 
ATOM   511  O  OG1 . THR A 1 82  ? 2.444   11.350  2.145   1.00 40.00 ? 82   THR A OG1 1 
ATOM   512  C  CG2 . THR A 1 82  ? 0.588   11.117  0.746   1.00 38.82 ? 82   THR A CG2 1 
ATOM   513  N  N   . SER A 1 83  ? 3.972   10.644  -0.243  1.00 29.85 ? 83   SER A N   1 
ATOM   514  C  CA  . SER A 1 83  ? 4.515   9.523   -0.993  1.00 29.28 ? 83   SER A CA  1 
ATOM   515  C  C   . SER A 1 83  ? 4.575   8.278   -0.134  1.00 27.79 ? 83   SER A C   1 
ATOM   516  O  O   . SER A 1 83  ? 4.602   8.359   1.116   1.00 28.06 ? 83   SER A O   1 
ATOM   517  C  CB  . SER A 1 83  ? 5.893   9.863   -1.581  1.00 28.98 ? 83   SER A CB  1 
ATOM   518  O  OG  . SER A 1 83  ? 6.790   10.103  -0.541  1.00 30.67 ? 83   SER A OG  1 
ATOM   519  N  N   . ILE A 1 84  ? 4.535   7.137   -0.818  1.00 25.56 ? 84   ILE A N   1 
ATOM   520  C  CA  . ILE A 1 84  ? 4.547   5.823   -0.190  1.00 23.99 ? 84   ILE A CA  1 
ATOM   521  C  C   . ILE A 1 84  ? 5.598   5.005   -0.908  1.00 23.51 ? 84   ILE A C   1 
ATOM   522  O  O   . ILE A 1 84  ? 5.462   4.700   -2.130  1.00 22.64 ? 84   ILE A O   1 
ATOM   523  C  CB  . ILE A 1 84  ? 3.168   5.102   -0.306  1.00 24.31 ? 84   ILE A CB  1 
ATOM   524  C  CG1 . ILE A 1 84  ? 2.001   5.987   0.155   1.00 22.72 ? 84   ILE A CG1 1 
ATOM   525  C  CG2 . ILE A 1 84  ? 3.201   3.786   0.463   1.00 22.91 ? 84   ILE A CG2 1 
ATOM   526  C  CD1 . ILE A 1 84  ? 0.671   5.470   -0.251  1.00 24.61 ? 84   ILE A CD1 1 
ATOM   527  N  N   . GLN A 1 85  ? 6.640   4.644   -0.178  1.00 22.41 ? 85   GLN A N   1 
ATOM   528  C  CA  . GLN A 1 85  ? 7.625   3.686   -0.683  1.00 21.93 ? 85   GLN A CA  1 
ATOM   529  C  C   . GLN A 1 85  ? 7.028   2.296   -0.633  1.00 22.24 ? 85   GLN A C   1 
ATOM   530  O  O   . GLN A 1 85  ? 6.330   1.940   0.341   1.00 22.00 ? 85   GLN A O   1 
ATOM   531  C  CB  . GLN A 1 85  ? 8.918   3.667   0.112   1.00 21.19 ? 85   GLN A CB  1 
ATOM   532  C  CG  . GLN A 1 85  ? 9.666   4.940   0.039   1.00 24.62 ? 85   GLN A CG  1 
ATOM   533  C  CD  . GLN A 1 85  ? 11.012  4.864   0.661   1.00 25.67 ? 85   GLN A CD  1 
ATOM   534  O  OE1 . GLN A 1 85  ? 11.269  4.001   1.518   1.00 26.17 ? 85   GLN A OE1 1 
ATOM   535  N  NE2 . GLN A 1 85  ? 11.906  5.784   0.251   1.00 28.61 ? 85   GLN A NE2 1 
ATOM   536  N  N   . ILE A 1 86  ? 7.346   1.510   -1.655  1.00 21.30 ? 86   ILE A N   1 
ATOM   537  C  CA  . ILE A 1 86  ? 6.959   0.103   -1.683  1.00 20.87 ? 86   ILE A CA  1 
ATOM   538  C  C   . ILE A 1 86  ? 8.232   -0.676  -1.615  1.00 21.52 ? 86   ILE A C   1 
ATOM   539  O  O   . ILE A 1 86  ? 9.076   -0.591  -2.519  1.00 21.50 ? 86   ILE A O   1 
ATOM   540  C  CB  . ILE A 1 86  ? 6.140   -0.277  -2.924  1.00 22.02 ? 86   ILE A CB  1 
ATOM   541  C  CG1 . ILE A 1 86  ? 4.925   0.636   -3.101  1.00 22.54 ? 86   ILE A CG1 1 
ATOM   542  C  CG2 . ILE A 1 86  ? 5.730   -1.723  -2.857  1.00 20.92 ? 86   ILE A CG2 1 
ATOM   543  C  CD1 . ILE A 1 86  ? 5.087   1.612   -4.228  1.00 24.88 ? 86   ILE A CD1 1 
ATOM   544  N  N   . ARG A 1 87  ? 8.402   -1.413  -0.525  1.00 21.53 ? 87   ARG A N   1 
ATOM   545  C  CA  . ARG A 1 87  ? 9.616   -2.213  -0.282  1.00 21.43 ? 87   ARG A CA  1 
ATOM   546  C  C   . ARG A 1 87  ? 9.295   -3.688  -0.195  1.00 22.14 ? 87   ARG A C   1 
ATOM   547  O  O   . ARG A 1 87  ? 8.240   -4.120  0.304   1.00 22.24 ? 87   ARG A O   1 
ATOM   548  C  CB  . ARG A 1 87  ? 10.268  -1.822  1.039   1.00 22.71 ? 87   ARG A CB  1 
ATOM   549  C  CG  . ARG A 1 87  ? 10.627  -0.327  1.138   1.00 24.60 ? 87   ARG A CG  1 
ATOM   550  C  CD  . ARG A 1 87  ? 12.019  -0.158  1.468   1.00 30.67 ? 87   ARG A CD  1 
ATOM   551  N  NE  . ARG A 1 87  ? 12.474  1.180   1.379   1.00 32.75 ? 87   ARG A NE  1 
ATOM   552  C  CZ  . ARG A 1 87  ? 13.728  1.509   1.153   1.00 31.43 ? 87   ARG A CZ  1 
ATOM   553  N  NH1 . ARG A 1 87  ? 14.649  0.569   0.972   1.00 29.44 ? 87   ARG A NH1 1 
ATOM   554  N  NH2 . ARG A 1 87  ? 14.032  2.789   1.082   1.00 31.41 ? 87   ARG A NH2 1 
ATOM   555  N  N   . SER A 1 88  ? 10.240  -4.479  -0.636  1.00 22.47 ? 88   SER A N   1 
ATOM   556  C  CA  . SER A 1 88  ? 10.167  -5.913  -0.509  1.00 21.72 ? 88   SER A CA  1 
ATOM   557  C  C   . SER A 1 88  ? 10.866  -6.359  0.783   1.00 21.75 ? 88   SER A C   1 
ATOM   558  O  O   . SER A 1 88  ? 11.901  -5.784  1.168   1.00 22.07 ? 88   SER A O   1 
ATOM   559  C  CB  A SER A 1 88  ? 10.696  -6.663  -1.738  0.65 22.27 ? 88   SER A CB  1 
ATOM   560  C  CB  B SER A 1 88  ? 10.866  -6.513  -1.738  0.35 21.27 ? 88   SER A CB  1 
ATOM   561  O  OG  A SER A 1 88  ? 12.086  -6.578  -1.865  0.65 24.55 ? 88   SER A OG  1 
ATOM   562  O  OG  B SER A 1 88  ? 10.912  -7.923  -1.736  0.35 15.34 ? 88   SER A OG  1 
ATOM   563  N  N   . ASP A 1 89  ? 10.283  -7.378  1.418   1.00 21.81 ? 89   ASP A N   1 
ATOM   564  C  CA  . ASP A 1 89  ? 10.872  -8.158  2.542   1.00 22.99 ? 89   ASP A CA  1 
ATOM   565  C  C   . ASP A 1 89  ? 10.888  -7.504  3.916   1.00 22.98 ? 89   ASP A C   1 
ATOM   566  O  O   . ASP A 1 89  ? 10.590  -8.179  4.914   1.00 25.25 ? 89   ASP A O   1 
ATOM   567  C  CB  . ASP A 1 89  ? 12.260  -8.718  2.181   1.00 22.95 ? 89   ASP A CB  1 
ATOM   568  C  CG  . ASP A 1 89  ? 12.249  -9.457  0.848   1.00 23.33 ? 89   ASP A CG  1 
ATOM   569  O  OD1 . ASP A 1 89  ? 11.552  -10.501 0.747   1.00 23.16 ? 89   ASP A OD1 1 
ATOM   570  O  OD2 . ASP A 1 89  ? 12.876  -9.040  -0.163  1.00 26.64 ? 89   ASP A OD2 1 
ATOM   571  N  N   . SER A 1 90  ? 11.229  -6.219  3.990   1.00 23.23 ? 90   SER A N   1 
ATOM   572  C  CA  . SER A 1 90  ? 11.332  -5.528  5.278   1.00 23.07 ? 90   SER A CA  1 
ATOM   573  C  C   . SER A 1 90  ? 11.387  -4.025  4.995   1.00 23.21 ? 90   SER A C   1 
ATOM   574  O  O   . SER A 1 90  ? 11.510  -3.635  3.839   1.00 24.47 ? 90   SER A O   1 
ATOM   575  C  CB  . SER A 1 90  ? 12.604  -5.982  6.051   1.00 23.70 ? 90   SER A CB  1 
ATOM   576  O  OG  . SER A 1 90  ? 13.720  -5.294  5.535   1.00 23.36 ? 90   SER A OG  1 
ATOM   577  N  N   . PRO A 1 91  ? 11.299  -3.185  6.041   1.00 23.40 ? 91   PRO A N   1 
ATOM   578  C  CA  . PRO A 1 91  ? 11.396  -1.738  5.876   1.00 23.33 ? 91   PRO A CA  1 
ATOM   579  C  C   . PRO A 1 91  ? 12.689  -1.290  5.242   1.00 24.31 ? 91   PRO A C   1 
ATOM   580  O  O   . PRO A 1 91  ? 12.663  -0.228  4.594   1.00 23.53 ? 91   PRO A O   1 
ATOM   581  C  CB  . PRO A 1 91  ? 11.230  -1.208  7.307   1.00 24.33 ? 91   PRO A CB  1 
ATOM   582  C  CG  . PRO A 1 91  ? 10.451  -2.284  7.985   1.00 23.08 ? 91   PRO A CG  1 
ATOM   583  C  CD  . PRO A 1 91  ? 11.022  -3.538  7.451   1.00 23.98 ? 91   PRO A CD  1 
ATOM   584  N  N   . THR A 1 92  ? 13.756  -2.081  5.364   1.00 24.96 ? 92   THR A N   1 
ATOM   585  C  CA  . THR A 1 92  ? 15.025  -1.785  4.693   1.00 25.42 ? 92   THR A CA  1 
ATOM   586  C  C   . THR A 1 92  ? 15.354  -2.679  3.504   1.00 25.01 ? 92   THR A C   1 
ATOM   587  O  O   . THR A 1 92  ? 16.487  -2.662  3.002   1.00 24.22 ? 92   THR A O   1 
ATOM   588  C  CB  . THR A 1 92  ? 16.214  -1.840  5.697   1.00 25.79 ? 92   THR A CB  1 
ATOM   589  O  OG1 . THR A 1 92  ? 16.182  -3.064  6.441   1.00 25.37 ? 92   THR A OG1 1 
ATOM   590  C  CG2 . THR A 1 92  ? 16.051  -0.723  6.701   1.00 28.40 ? 92   THR A CG2 1 
ATOM   591  N  N   . GLY A 1 93  ? 14.386  -3.468  3.062   1.00 24.31 ? 93   GLY A N   1 
ATOM   592  C  CA  . GLY A 1 93  ? 14.556  -4.254  1.873   1.00 24.11 ? 93   GLY A CA  1 
ATOM   593  C  C   . GLY A 1 93  ? 14.555  -3.416  0.602   1.00 23.09 ? 93   GLY A C   1 
ATOM   594  O  O   . GLY A 1 93  ? 14.508  -2.220  0.630   1.00 23.58 ? 93   GLY A O   1 
ATOM   595  N  N   . THR A 1 94  ? 14.535  -4.092  -0.519  1.00 22.77 ? 94   THR A N   1 
ATOM   596  C  CA  . THR A 1 94  ? 14.658  -3.455  -1.830  1.00 23.14 ? 94   THR A CA  1 
ATOM   597  C  C   . THR A 1 94  ? 13.529  -2.480  -2.058  1.00 22.79 ? 94   THR A C   1 
ATOM   598  O  O   . THR A 1 94  ? 12.374  -2.863  -1.854  1.00 21.86 ? 94   THR A O   1 
ATOM   599  C  CB  . THR A 1 94  ? 14.535  -4.527  -2.935  1.00 23.47 ? 94   THR A CB  1 
ATOM   600  O  OG1 . THR A 1 94  ? 15.579  -5.467  -2.761  1.00 24.94 ? 94   THR A OG1 1 
ATOM   601  C  CG2 . THR A 1 94  ? 14.692  -3.887  -4.306  1.00 23.57 ? 94   THR A CG2 1 
ATOM   602  N  N   . LEU A 1 95  ? 13.871  -1.234  -2.392  1.00 22.51 ? 95   LEU A N   1 
ATOM   603  C  CA  . LEU A 1 95  ? 12.887  -0.260  -2.831  1.00 22.57 ? 95   LEU A CA  1 
ATOM   604  C  C   . LEU A 1 95  ? 12.378  -0.622  -4.220  1.00 22.05 ? 95   LEU A C   1 
ATOM   605  O  O   . LEU A 1 95  ? 13.102  -0.469  -5.254  1.00 22.45 ? 95   LEU A O   1 
ATOM   606  C  CB  . LEU A 1 95  ? 13.460  1.146   -2.825  1.00 24.04 ? 95   LEU A CB  1 
ATOM   607  C  CG  . LEU A 1 95  ? 12.485  2.237   -3.279  1.00 24.60 ? 95   LEU A CG  1 
ATOM   608  C  CD1 . LEU A 1 95  ? 11.294  2.375   -2.332  1.00 26.21 ? 95   LEU A CD1 1 
ATOM   609  C  CD2 . LEU A 1 95  ? 13.260  3.584   -3.451  1.00 27.83 ? 95   LEU A CD2 1 
ATOM   610  N  N   . LEU A 1 96  ? 11.137  -1.110  -4.269  1.00 20.94 ? 96   LEU A N   1 
ATOM   611  C  CA  . LEU A 1 96  ? 10.520  -1.496  -5.538  1.00 21.27 ? 96   LEU A CA  1 
ATOM   612  C  C   . LEU A 1 96  ? 10.102  -0.275  -6.334  1.00 20.87 ? 96   LEU A C   1 
ATOM   613  O  O   . LEU A 1 96  ? 10.185  -0.250  -7.551  1.00 21.21 ? 96   LEU A O   1 
ATOM   614  C  CB  . LEU A 1 96  ? 9.339   -2.474  -5.333  1.00 20.71 ? 96   LEU A CB  1 
ATOM   615  C  CG  . LEU A 1 96  ? 9.639   -3.744  -4.533  1.00 22.39 ? 96   LEU A CG  1 
ATOM   616  C  CD1 . LEU A 1 96  ? 8.347   -4.506  -4.309  1.00 23.24 ? 96   LEU A CD1 1 
ATOM   617  C  CD2 . LEU A 1 96  ? 10.666  -4.606  -5.291  1.00 23.89 ? 96   LEU A CD2 1 
ATOM   618  N  N   . GLY A 1 97  ? 9.669   0.751   -5.625  1.00 21.34 ? 97   GLY A N   1 
ATOM   619  C  CA  . GLY A 1 97  ? 9.156   1.979   -6.219  1.00 21.33 ? 97   GLY A CA  1 
ATOM   620  C  C   . GLY A 1 97  ? 8.584   2.899   -5.148  1.00 22.05 ? 97   GLY A C   1 
ATOM   621  O  O   . GLY A 1 97  ? 8.560   2.549   -3.981  1.00 22.94 ? 97   GLY A O   1 
ATOM   622  N  N   . THR A 1 98  ? 8.129   4.067   -5.583  1.00 22.47 ? 98   THR A N   1 
ATOM   623  C  CA  . THR A 1 98  ? 7.501   5.082   -4.756  1.00 23.85 ? 98   THR A CA  1 
ATOM   624  C  C   . THR A 1 98  ? 6.259   5.588   -5.455  1.00 23.71 ? 98   THR A C   1 
ATOM   625  O  O   . THR A 1 98  ? 6.312   5.995   -6.611  1.00 23.65 ? 98   THR A O   1 
ATOM   626  C  CB  . THR A 1 98  ? 8.453   6.274   -4.518  1.00 23.28 ? 98   THR A CB  1 
ATOM   627  O  OG1 . THR A 1 98  ? 9.706   5.811   -4.017  1.00 23.42 ? 98   THR A OG1 1 
ATOM   628  C  CG2 . THR A 1 98  ? 7.904   7.187   -3.470  1.00 24.55 ? 98   THR A CG2 1 
ATOM   629  N  N   . LEU A 1 99  ? 5.135   5.591   -4.747  1.00 24.67 ? 99   LEU A N   1 
ATOM   630  C  CA  . LEU A 1 99  ? 3.902   6.126   -5.250  1.00 24.67 ? 99   LEU A CA  1 
ATOM   631  C  C   . LEU A 1 99  ? 3.800   7.541   -4.715  1.00 25.62 ? 99   LEU A C   1 
ATOM   632  O  O   . LEU A 1 99  ? 3.786   7.763   -3.497  1.00 25.51 ? 99   LEU A O   1 
ATOM   633  C  CB  . LEU A 1 99  ? 2.693   5.316   -4.730  1.00 26.68 ? 99   LEU A CB  1 
ATOM   634  C  CG  . LEU A 1 99  ? 1.305   5.581   -5.282  1.00 25.15 ? 99   LEU A CG  1 
ATOM   635  C  CD1 . LEU A 1 99  ? 1.216   5.096   -6.694  1.00 27.18 ? 99   LEU A CD1 1 
ATOM   636  C  CD2 . LEU A 1 99  ? 0.223   4.925   -4.431  1.00 25.90 ? 99   LEU A CD2 1 
ATOM   637  N  N   . TYR A 1 100 ? 3.730   8.484   -5.630  1.00 26.33 ? 100  TYR A N   1 
ATOM   638  C  CA  . TYR A 1 100 ? 3.530   9.888   -5.263  1.00 27.47 ? 100  TYR A CA  1 
ATOM   639  C  C   . TYR A 1 100 ? 2.041   10.169  -5.357  1.00 28.02 ? 100  TYR A C   1 
ATOM   640  O  O   . TYR A 1 100 ? 1.402   9.905   -6.376  1.00 29.83 ? 100  TYR A O   1 
ATOM   641  C  CB  . TYR A 1 100 ? 4.372   10.827  -6.156  1.00 27.89 ? 100  TYR A CB  1 
ATOM   642  C  CG  . TYR A 1 100 ? 5.826   10.756  -5.768  1.00 30.28 ? 100  TYR A CG  1 
ATOM   643  C  CD1 . TYR A 1 100 ? 6.329   11.586  -4.793  1.00 30.59 ? 100  TYR A CD1 1 
ATOM   644  C  CD2 . TYR A 1 100 ? 6.687   9.823   -6.345  1.00 28.10 ? 100  TYR A CD2 1 
ATOM   645  C  CE1 . TYR A 1 100 ? 7.632   11.501  -4.393  1.00 33.69 ? 100  TYR A CE1 1 
ATOM   646  C  CE2 . TYR A 1 100 ? 7.974   9.754   -5.974  1.00 29.68 ? 100  TYR A CE2 1 
ATOM   647  C  CZ  . TYR A 1 100 ? 8.453   10.580  -4.996  1.00 32.30 ? 100  TYR A CZ  1 
ATOM   648  O  OH  . TYR A 1 100 ? 9.764   10.531  -4.585  1.00 36.16 ? 100  TYR A OH  1 
ATOM   649  N  N   . VAL A 1 101 ? 1.487   10.654  -4.260  1.00 28.48 ? 101  VAL A N   1 
ATOM   650  C  CA  . VAL A 1 101 ? 0.061   10.931  -4.177  1.00 30.11 ? 101  VAL A CA  1 
ATOM   651  C  C   . VAL A 1 101 ? -0.133  12.448  -3.903  1.00 30.83 ? 101  VAL A C   1 
ATOM   652  O  O   . VAL A 1 101 ? 0.201   12.933  -2.839  1.00 31.20 ? 101  VAL A O   1 
ATOM   653  C  CB  . VAL A 1 101 ? -0.612  10.123  -3.052  1.00 29.17 ? 101  VAL A CB  1 
ATOM   654  C  CG1 . VAL A 1 101 ? -2.144  10.334  -3.089  1.00 30.19 ? 101  VAL A CG1 1 
ATOM   655  C  CG2 . VAL A 1 101 ? -0.332  8.594   -3.192  1.00 29.91 ? 101  VAL A CG2 1 
ATOM   656  N  N   . SER A 1 102 ? -0.653  13.192  -4.862  1.00 32.46 ? 102  SER A N   1 
ATOM   657  C  CA  . SER A 1 102 ? -1.061  14.574  -4.507  1.00 33.32 ? 102  SER A CA  1 
ATOM   658  C  C   . SER A 1 102 ? -2.486  14.610  -3.968  1.00 32.04 ? 102  SER A C   1 
ATOM   659  O  O   . SER A 1 102 ? -3.226  13.625  -4.044  1.00 31.60 ? 102  SER A O   1 
ATOM   660  C  CB  . SER A 1 102 ? -0.876  15.534  -5.663  1.00 34.59 ? 102  SER A CB  1 
ATOM   661  O  OG  . SER A 1 102 ? -1.226  14.956  -6.880  1.00 37.28 ? 102  SER A OG  1 
ATOM   662  N  N   . SER A 1 103 ? -2.875  15.750  -3.416  1.00 31.47 ? 103  SER A N   1 
ATOM   663  C  CA  . SER A 1 103 ? -4.191  15.880  -2.816  1.00 30.87 ? 103  SER A CA  1 
ATOM   664  C  C   . SER A 1 103 ? -5.286  15.378  -3.727  1.00 30.54 ? 103  SER A C   1 
ATOM   665  O  O   . SER A 1 103 ? -5.306  15.701  -4.926  1.00 29.67 ? 103  SER A O   1 
ATOM   666  C  CB  . SER A 1 103 ? -4.494  17.349  -2.469  1.00 31.72 ? 103  SER A CB  1 
ATOM   667  O  OG  . SER A 1 103 ? -5.774  17.365  -1.929  1.00 31.61 ? 103  SER A OG  1 
ATOM   668  N  N   . THR A 1 104 ? -6.177  14.559  -3.169  1.00 30.46 ? 104  THR A N   1 
ATOM   669  C  CA  . THR A 1 104 ? -7.355  14.080  -3.915  1.00 30.85 ? 104  THR A CA  1 
ATOM   670  C  C   . THR A 1 104 ? -8.585  14.957  -3.644  1.00 31.63 ? 104  THR A C   1 
ATOM   671  O  O   . THR A 1 104 ? -9.652  14.694  -4.175  1.00 31.79 ? 104  THR A O   1 
ATOM   672  C  CB  . THR A 1 104 ? -7.718  12.642  -3.525  1.00 30.56 ? 104  THR A CB  1 
ATOM   673  O  OG1 . THR A 1 104 ? -8.039  12.583  -2.108  1.00 27.45 ? 104  THR A OG1 1 
ATOM   674  C  CG2 . THR A 1 104 ? -6.557  11.705  -3.751  1.00 28.39 ? 104  THR A CG2 1 
ATOM   675  N  N   . GLY A 1 105 ? -8.437  15.942  -2.768  1.00 31.95 ? 105  GLY A N   1 
ATOM   676  C  CA  . GLY A 1 105 ? -9.491  16.886  -2.499  1.00 33.29 ? 105  GLY A CA  1 
ATOM   677  C  C   . GLY A 1 105 ? -10.133 16.740  -1.143  1.00 33.52 ? 105  GLY A C   1 
ATOM   678  O  O   . GLY A 1 105 ? -10.735 17.704  -0.636  1.00 33.35 ? 105  GLY A O   1 
ATOM   679  N  N   . SER A 1 106 ? -10.026 15.548  -0.558  1.00 32.10 ? 106  SER A N   1 
ATOM   680  C  CA  . SER A 1 106 ? -10.541 15.287  0.763   1.00 31.93 ? 106  SER A CA  1 
ATOM   681  C  C   . SER A 1 106 ? -10.063 13.944  1.297   1.00 31.78 ? 106  SER A C   1 
ATOM   682  O  O   . SER A 1 106 ? -9.613  13.095  0.533   1.00 30.73 ? 106  SER A O   1 
ATOM   683  C  CB  . SER A 1 106 ? -12.073 15.425  0.770   1.00 33.24 ? 106  SER A CB  1 
ATOM   684  O  OG  . SER A 1 106 ? -12.760 14.202  0.845   1.00 31.86 ? 106  SER A OG  1 
ATOM   685  N  N   . TRP A 1 107 ? -10.221 13.738  2.605   1.00 31.19 ? 107  TRP A N   1 
ATOM   686  C  CA  . TRP A 1 107 ? -9.871  12.469  3.262   1.00 30.61 ? 107  TRP A CA  1 
ATOM   687  C  C   . TRP A 1 107 ? -10.797 11.352  2.848   1.00 30.23 ? 107  TRP A C   1 
ATOM   688  O  O   . TRP A 1 107 ? -10.514 10.183  3.089   1.00 29.11 ? 107  TRP A O   1 
ATOM   689  C  CB  . TRP A 1 107 ? -9.905  12.640  4.791   1.00 30.57 ? 107  TRP A CB  1 
ATOM   690  C  CG  . TRP A 1 107 ? -8.892  13.657  5.264   1.00 31.99 ? 107  TRP A CG  1 
ATOM   691  C  CD1 . TRP A 1 107 ? -9.165  14.900  5.822   1.00 34.59 ? 107  TRP A CD1 1 
ATOM   692  C  CD2 . TRP A 1 107 ? -7.472  13.568  5.185   1.00 31.03 ? 107  TRP A CD2 1 
ATOM   693  N  NE1 . TRP A 1 107 ? -7.994  15.561  6.099   1.00 34.04 ? 107  TRP A NE1 1 
ATOM   694  C  CE2 . TRP A 1 107 ? -6.932  14.772  5.733   1.00 31.46 ? 107  TRP A CE2 1 
ATOM   695  C  CE3 . TRP A 1 107 ? -6.579  12.579  4.766   1.00 31.93 ? 107  TRP A CE3 1 
ATOM   696  C  CZ2 . TRP A 1 107 ? -5.536  14.996  5.836   1.00 32.14 ? 107  TRP A CZ2 1 
ATOM   697  C  CZ3 . TRP A 1 107 ? -5.229  12.800  4.849   1.00 32.42 ? 107  TRP A CZ3 1 
ATOM   698  C  CH2 . TRP A 1 107 ? -4.703  13.994  5.375   1.00 31.70 ? 107  TRP A CH2 1 
ATOM   699  N  N   . ASN A 1 108 ? -11.920 11.719  2.212   1.00 30.25 ? 108  ASN A N   1 
ATOM   700  C  CA  . ASN A 1 108 ? -12.903 10.746  1.752   1.00 30.79 ? 108  ASN A CA  1 
ATOM   701  C  C   . ASN A 1 108 ? -13.079 10.662  0.217   1.00 29.02 ? 108  ASN A C   1 
ATOM   702  O  O   . ASN A 1 108 ? -13.969 10.010  -0.258  1.00 27.54 ? 108  ASN A O   1 
ATOM   703  C  CB  . ASN A 1 108 ? -14.224 10.998  2.439   1.00 31.54 ? 108  ASN A CB  1 
ATOM   704  C  CG  . ASN A 1 108 ? -14.119 10.884  3.958   1.00 34.70 ? 108  ASN A CG  1 
ATOM   705  O  OD1 . ASN A 1 108 ? -14.370 11.849  4.688   1.00 37.73 ? 108  ASN A OD1 1 
ATOM   706  N  ND2 . ASN A 1 108 ? -13.754 9.715   4.430   1.00 33.73 ? 108  ASN A ND2 1 
ATOM   707  N  N   . THR A 1 109 ? -12.232 11.333  -0.537  1.00 28.13 ? 109  THR A N   1 
ATOM   708  C  CA  . THR A 1 109 ? -12.284 11.298  -1.975  1.00 27.40 ? 109  THR A CA  1 
ATOM   709  C  C   . THR A 1 109 ? -11.149 10.392  -2.407  1.00 26.15 ? 109  THR A C   1 
ATOM   710  O  O   . THR A 1 109 ? -9.996  10.815  -2.453  1.00 25.96 ? 109  THR A O   1 
ATOM   711  C  CB  . THR A 1 109 ? -12.099 12.669  -2.598  1.00 28.15 ? 109  THR A CB  1 
ATOM   712  O  OG1 . THR A 1 109 ? -13.151 13.556  -2.206  1.00 28.19 ? 109  THR A OG1 1 
ATOM   713  C  CG2 . THR A 1 109 ? -12.216 12.582  -4.120  1.00 29.02 ? 109  THR A CG2 1 
ATOM   714  N  N   . TYR A 1 110 ? -11.480 9.140   -2.667  1.00 25.26 ? 110  TYR A N   1 
ATOM   715  C  CA  . TYR A 1 110 ? -10.501 8.131   -3.115  1.00 24.50 ? 110  TYR A CA  1 
ATOM   716  C  C   . TYR A 1 110 ? -10.205 8.172   -4.613  1.00 25.13 ? 110  TYR A C   1 
ATOM   717  O  O   . TYR A 1 110 ? -11.047 8.520   -5.405  1.00 26.45 ? 110  TYR A O   1 
ATOM   718  C  CB  . TYR A 1 110 ? -10.941 6.755   -2.652  1.00 24.15 ? 110  TYR A CB  1 
ATOM   719  C  CG  . TYR A 1 110 ? -10.797 6.594   -1.171  1.00 22.58 ? 110  TYR A CG  1 
ATOM   720  C  CD1 . TYR A 1 110 ? -11.767 7.107   -0.303  1.00 25.90 ? 110  TYR A CD1 1 
ATOM   721  C  CD2 . TYR A 1 110 ? -9.649  6.023   -0.613  1.00 24.58 ? 110  TYR A CD2 1 
ATOM   722  C  CE1 . TYR A 1 110 ? -11.645 7.003   1.081   1.00 25.94 ? 110  TYR A CE1 1 
ATOM   723  C  CE2 . TYR A 1 110 ? -9.497  5.917   0.810   1.00 24.69 ? 110  TYR A CE2 1 
ATOM   724  C  CZ  . TYR A 1 110 ? -10.500 6.423   1.643   1.00 25.94 ? 110  TYR A CZ  1 
ATOM   725  O  OH  . TYR A 1 110 ? -10.432 6.336   3.018   1.00 24.79 ? 110  TYR A OH  1 
ATOM   726  N  N   . ASN A 1 111 ? -8.976  7.871   -4.990  1.00 26.32 ? 111  ASN A N   1 
ATOM   727  C  CA  . ASN A 1 111 ? -8.496  7.911   -6.376  1.00 26.66 ? 111  ASN A CA  1 
ATOM   728  C  C   . ASN A 1 111 ? -7.554  6.698   -6.509  1.00 25.48 ? 111  ASN A C   1 
ATOM   729  O  O   . ASN A 1 111 ? -6.746  6.437   -5.616  1.00 23.73 ? 111  ASN A O   1 
ATOM   730  C  CB  . ASN A 1 111 ? -7.790  9.219   -6.534  1.00 29.55 ? 111  ASN A CB  1 
ATOM   731  C  CG  . ASN A 1 111 ? -7.263  9.548   -7.944  1.00 35.69 ? 111  ASN A CG  1 
ATOM   732  O  OD1 . ASN A 1 111 ? -6.282  10.373  -8.070  1.00 47.55 ? 111  ASN A OD1 1 
ATOM   733  N  ND2 . ASN A 1 111 ? -7.952  9.098   -8.991  1.00 47.30 ? 111  ASN A ND2 1 
ATOM   734  N  N   . THR A 1 112 ? -7.665  5.962   -7.608  1.00 24.77 ? 112  THR A N   1 
ATOM   735  C  CA  . THR A 1 112 ? -6.668  4.965   -7.958  1.00 25.08 ? 112  THR A CA  1 
ATOM   736  C  C   . THR A 1 112 ? -5.462  5.637   -8.531  1.00 25.34 ? 112  THR A C   1 
ATOM   737  O  O   . THR A 1 112 ? -5.594  6.460   -9.435  1.00 26.71 ? 112  THR A O   1 
ATOM   738  C  CB  . THR A 1 112 ? -7.189  4.014   -9.001  1.00 27.80 ? 112  THR A CB  1 
ATOM   739  O  OG1 . THR A 1 112 ? -8.455  3.487   -8.570  1.00 30.89 ? 112  THR A OG1 1 
ATOM   740  C  CG2 . THR A 1 112 ? -6.236  2.802   -9.113  1.00 26.57 ? 112  THR A CG2 1 
ATOM   741  N  N   . VAL A 1 113 ? -4.300  5.369   -7.950  1.00 23.21 ? 113  VAL A N   1 
ATOM   742  C  CA  . VAL A 1 113 ? -3.045  5.969   -8.368  1.00 24.34 ? 113  VAL A CA  1 
ATOM   743  C  C   . VAL A 1 113 ? -2.063  4.833   -8.568  1.00 23.72 ? 113  VAL A C   1 
ATOM   744  O  O   . VAL A 1 113 ? -2.030  3.907   -7.763  1.00 22.71 ? 113  VAL A O   1 
ATOM   745  C  CB  . VAL A 1 113 ? -2.464  7.003   -7.300  1.00 24.94 ? 113  VAL A CB  1 
ATOM   746  C  CG1 . VAL A 1 113 ? -1.245  7.719   -7.868  1.00 28.61 ? 113  VAL A CG1 1 
ATOM   747  C  CG2 . VAL A 1 113 ? -3.512  8.058   -6.879  1.00 26.14 ? 113  VAL A CG2 1 
ATOM   748  N  N   . SER A 1 114 ? -1.248  4.925   -9.615  1.00 23.16 ? 114  SER A N   1 
ATOM   749  C  CA  . SER A 1 114 ? -0.376  3.837   -10.011 1.00 24.00 ? 114  SER A CA  1 
ATOM   750  C  C   . SER A 1 114 ? 1.054   4.341   -10.196 1.00 24.86 ? 114  SER A C   1 
ATOM   751  O  O   . SER A 1 114 ? 1.283   5.535   -10.501 1.00 24.90 ? 114  SER A O   1 
ATOM   752  C  CB  A SER A 1 114 ? -0.865  3.229   -11.304 0.65 23.61 ? 114  SER A CB  1 
ATOM   753  C  CB  B SER A 1 114 ? -0.878  3.234   -11.321 0.35 23.86 ? 114  SER A CB  1 
ATOM   754  O  OG  A SER A 1 114 ? -2.148  2.683   -11.150 0.65 24.64 ? 114  SER A OG  1 
ATOM   755  O  OG  B SER A 1 114 ? -0.471  4.016   -12.444 0.35 24.93 ? 114  SER A OG  1 
ATOM   756  N  N   . THR A 1 115 ? 2.005   3.431   -10.003 1.00 23.50 ? 115  THR A N   1 
ATOM   757  C  CA  . THR A 1 115 ? 3.371   3.716   -10.329 1.00 24.78 ? 115  THR A CA  1 
ATOM   758  C  C   . THR A 1 115 ? 4.076   2.469   -10.876 1.00 24.64 ? 115  THR A C   1 
ATOM   759  O  O   . THR A 1 115 ? 3.647   1.361   -10.640 1.00 24.96 ? 115  THR A O   1 
ATOM   760  C  CB  . THR A 1 115 ? 4.104   4.290   -9.111  1.00 25.10 ? 115  THR A CB  1 
ATOM   761  O  OG1 . THR A 1 115 ? 5.392   4.772   -9.516  1.00 28.01 ? 115  THR A OG1 1 
ATOM   762  C  CG2 . THR A 1 115 ? 4.392   3.238   -8.023  1.00 24.82 ? 115  THR A CG2 1 
ATOM   763  N  N   . ASN A 1 116 ? 5.190   2.678   -11.538 1.00 23.88 ? 116  ASN A N   1 
ATOM   764  C  CA  . ASN A 1 116 ? 6.063   1.603   -11.946 1.00 23.96 ? 116  ASN A CA  1 
ATOM   765  C  C   . ASN A 1 116 ? 6.888   1.129   -10.739 1.00 23.50 ? 116  ASN A C   1 
ATOM   766  O  O   . ASN A 1 116 ? 7.237   1.887   -9.844  1.00 23.56 ? 116  ASN A O   1 
ATOM   767  C  CB  . ASN A 1 116 ? 7.051   2.115   -13.044 1.00 25.57 ? 116  ASN A CB  1 
ATOM   768  C  CG  . ASN A 1 116 ? 7.838   3.332   -12.587 1.00 24.96 ? 116  ASN A CG  1 
ATOM   769  O  OD1 . ASN A 1 116 ? 7.275   4.407   -12.528 1.00 28.31 ? 116  ASN A OD1 1 
ATOM   770  N  ND2 . ASN A 1 116 ? 9.110   3.163   -12.186 1.00 27.76 ? 116  ASN A ND2 1 
ATOM   771  N  N   . ILE A 1 117 ? 7.191   -0.156  -10.748 1.00 22.20 ? 117  ILE A N   1 
ATOM   772  C  CA  . ILE A 1 117 ? 8.160   -0.754  -9.856  1.00 21.75 ? 117  ILE A CA  1 
ATOM   773  C  C   . ILE A 1 117 ? 9.164   -1.624  -10.601 1.00 22.41 ? 117  ILE A C   1 
ATOM   774  O  O   . ILE A 1 117 ? 8.921   -2.079  -11.737 1.00 21.93 ? 117  ILE A O   1 
ATOM   775  C  CB  . ILE A 1 117 ? 7.428   -1.594  -8.728  1.00 21.31 ? 117  ILE A CB  1 
ATOM   776  C  CG1 . ILE A 1 117 ? 6.777   -2.870  -9.283  1.00 21.59 ? 117  ILE A CG1 1 
ATOM   777  C  CG2 . ILE A 1 117 ? 6.521   -0.696  -7.916  1.00 22.24 ? 117  ILE A CG2 1 
ATOM   778  C  CD1 . ILE A 1 117 ? 6.193   -3.787  -8.220  1.00 21.20 ? 117  ILE A CD1 1 
ATOM   779  N  N   . SER A 1 118 ? 10.304  -1.899  -9.959  1.00 22.67 ? 118  SER A N   1 
ATOM   780  C  CA  . SER A 1 118 ? 11.205  -2.907  -10.492 1.00 21.46 ? 118  SER A CA  1 
ATOM   781  C  C   . SER A 1 118 ? 10.537  -4.267  -10.488 1.00 22.47 ? 118  SER A C   1 
ATOM   782  O  O   . SER A 1 118 ? 9.760   -4.592  -9.581  1.00 22.07 ? 118  SER A O   1 
ATOM   783  C  CB  . SER A 1 118 ? 12.481  -2.976  -9.650  1.00 22.72 ? 118  SER A CB  1 
ATOM   784  O  OG  . SER A 1 118 ? 12.218  -3.220  -8.257  1.00 22.55 ? 118  SER A OG  1 
ATOM   785  N  N   . LYS A 1 119 ? 10.851  -5.101  -11.481 1.00 21.64 ? 119  LYS A N   1 
ATOM   786  C  CA  . LYS A 1 119 ? 10.230  -6.402  -11.553 1.00 22.69 ? 119  LYS A CA  1 
ATOM   787  C  C   . LYS A 1 119 ? 10.621  -7.234  -10.339 1.00 22.17 ? 119  LYS A C   1 
ATOM   788  O  O   . LYS A 1 119 ? 11.799  -7.372  -9.999  1.00 22.85 ? 119  LYS A O   1 
ATOM   789  C  CB  . LYS A 1 119 ? 10.682  -7.138  -12.795 1.00 22.32 ? 119  LYS A CB  1 
ATOM   790  C  CG  . LYS A 1 119 ? 10.044  -8.485  -12.984 1.00 24.38 ? 119  LYS A CG  1 
ATOM   791  C  CD  . LYS A 1 119 ? 10.506  -9.082  -14.277 1.00 29.87 ? 119  LYS A CD  1 
ATOM   792  C  CE  . LYS A 1 119 ? 10.836  -10.524 -14.214 1.00 35.06 ? 119  LYS A CE  1 
ATOM   793  N  NZ  . LYS A 1 119 ? 11.580  -11.009 -15.478 1.00 37.63 ? 119  LYS A NZ  1 
ATOM   794  N  N   . ILE A 1 120 ? 9.617   -7.779  -9.711  1.00 22.28 ? 120  ILE A N   1 
ATOM   795  C  CA  . ILE A 1 120 ? 9.743   -8.651  -8.551  1.00 22.07 ? 120  ILE A CA  1 
ATOM   796  C  C   . ILE A 1 120 ? 8.962   -9.949  -8.880  1.00 22.49 ? 120  ILE A C   1 
ATOM   797  O  O   . ILE A 1 120 ? 7.843   -9.907  -9.401  1.00 23.85 ? 120  ILE A O   1 
ATOM   798  C  CB  . ILE A 1 120 ? 9.175   -7.980  -7.273  1.00 21.61 ? 120  ILE A CB  1 
ATOM   799  C  CG1 . ILE A 1 120 ? 9.175   -8.951  -6.103  1.00 19.92 ? 120  ILE A CG1 1 
ATOM   800  C  CG2 . ILE A 1 120 ? 7.770   -7.356  -7.500  1.00 23.59 ? 120  ILE A CG2 1 
ATOM   801  C  CD1 . ILE A 1 120 ? 9.091   -8.237  -4.708  1.00 21.85 ? 120  ILE A CD1 1 
ATOM   802  N  N   . THR A 1 121 ? 9.564   -11.075 -8.506  1.00 22.86 ? 121  THR A N   1 
ATOM   803  C  CA  . THR A 1 121 ? 8.994   -12.405 -8.668  1.00 23.01 ? 121  THR A CA  1 
ATOM   804  C  C   . THR A 1 121 ? 8.961   -13.140 -7.345  1.00 23.43 ? 121  THR A C   1 
ATOM   805  O  O   . THR A 1 121 ? 9.637   -12.719 -6.344  1.00 25.10 ? 121  THR A O   1 
ATOM   806  C  CB  . THR A 1 121 ? 9.820   -13.212 -9.660  1.00 22.96 ? 121  THR A CB  1 
ATOM   807  O  OG1 . THR A 1 121 ? 11.134  -13.494 -9.138  1.00 24.15 ? 121  THR A OG1 1 
ATOM   808  C  CG2 . THR A 1 121 ? 10.099  -12.421 -10.938 1.00 24.89 ? 121  THR A CG2 1 
ATOM   809  N  N   . GLY A 1 122 ? 8.198   -14.225 -7.308  1.00 23.37 ? 122  GLY A N   1 
ATOM   810  C  CA  . GLY A 1 122 ? 8.144   -15.089 -6.145  1.00 23.79 ? 122  GLY A CA  1 
ATOM   811  C  C   . GLY A 1 122 ? 7.392   -14.487 -4.994  1.00 23.85 ? 122  GLY A C   1 
ATOM   812  O  O   . GLY A 1 122 ? 6.615   -13.523 -5.157  1.00 24.36 ? 122  GLY A O   1 
ATOM   813  N  N   . VAL A 1 123 ? 7.639   -15.033 -3.816  1.00 24.23 ? 123  VAL A N   1 
ATOM   814  C  CA  . VAL A 1 123 ? 6.870   -14.699 -2.616  1.00 23.92 ? 123  VAL A CA  1 
ATOM   815  C  C   . VAL A 1 123 ? 7.701   -13.780 -1.738  1.00 23.43 ? 123  VAL A C   1 
ATOM   816  O  O   . VAL A 1 123 ? 8.827   -14.127 -1.363  1.00 23.12 ? 123  VAL A O   1 
ATOM   817  C  CB  . VAL A 1 123 ? 6.433   -15.938 -1.832  1.00 24.43 ? 123  VAL A CB  1 
ATOM   818  C  CG1 . VAL A 1 123 ? 5.631   -15.509 -0.566  1.00 24.75 ? 123  VAL A CG1 1 
ATOM   819  C  CG2 . VAL A 1 123 ? 5.558   -16.825 -2.712  1.00 27.58 ? 123  VAL A CG2 1 
ATOM   820  N  N   . HIS A 1 124 ? 7.147   -12.616 -1.433  1.00 21.69 ? 124  HIS A N   1 
ATOM   821  C  CA  . HIS A 1 124 ? 7.796   -11.644 -0.557  1.00 22.06 ? 124  HIS A CA  1 
ATOM   822  C  C   . HIS A 1 124 ? 6.789   -10.894 0.276   1.00 21.17 ? 124  HIS A C   1 
ATOM   823  O  O   . HIS A 1 124 ? 5.700   -10.579 -0.182  1.00 21.69 ? 124  HIS A O   1 
ATOM   824  C  CB  . HIS A 1 124 ? 8.583   -10.633 -1.372  1.00 21.46 ? 124  HIS A CB  1 
ATOM   825  C  CG  . HIS A 1 124 ? 9.618   -11.251 -2.236  1.00 23.30 ? 124  HIS A CG  1 
ATOM   826  N  ND1 . HIS A 1 124 ? 10.900  -11.517 -1.798  1.00 22.79 ? 124  HIS A ND1 1 
ATOM   827  C  CD2 . HIS A 1 124 ? 9.536   -11.710 -3.504  1.00 22.34 ? 124  HIS A CD2 1 
ATOM   828  C  CE1 . HIS A 1 124 ? 11.567  -12.093 -2.785  1.00 25.19 ? 124  HIS A CE1 1 
ATOM   829  N  NE2 . HIS A 1 124 ? 10.755  -12.232 -3.822  1.00 23.81 ? 124  HIS A NE2 1 
ATOM   830  N  N   . ASP A 1 125 ? 7.170   -10.578 1.498   1.00 21.74 ? 125  ASP A N   1 
ATOM   831  C  CA  . ASP A 1 125 ? 6.462   -9.582  2.277   1.00 20.84 ? 125  ASP A CA  1 
ATOM   832  C  C   . ASP A 1 125 ? 6.596   -8.248  1.527   1.00 21.35 ? 125  ASP A C   1 
ATOM   833  O  O   . ASP A 1 125 ? 7.580   -7.987  0.800   1.00 21.81 ? 125  ASP A O   1 
ATOM   834  C  CB  . ASP A 1 125 ? 7.113   -9.394  3.640   1.00 21.42 ? 125  ASP A CB  1 
ATOM   835  C  CG  . ASP A 1 125 ? 6.831   -10.521 4.615   1.00 20.96 ? 125  ASP A CG  1 
ATOM   836  O  OD1 . ASP A 1 125 ? 6.287   -11.580 4.259   1.00 24.30 ? 125  ASP A OD1 1 
ATOM   837  O  OD2 . ASP A 1 125 ? 7.165   -10.413 5.818   1.00 23.27 ? 125  ASP A OD2 1 
ATOM   838  N  N   . ILE A 1 126 ? 5.607   -7.407  1.721   1.00 20.42 ? 126  ILE A N   1 
ATOM   839  C  CA  . ILE A 1 126 ? 5.617   -6.042  1.218   1.00 20.87 ? 126  ILE A CA  1 
ATOM   840  C  C   . ILE A 1 126 ? 5.467   -5.105  2.393   1.00 19.98 ? 126  ILE A C   1 
ATOM   841  O  O   . ILE A 1 126 ? 4.630   -5.301  3.276   1.00 20.92 ? 126  ILE A O   1 
ATOM   842  C  CB  . ILE A 1 126 ? 4.496   -5.806  0.144   1.00 20.26 ? 126  ILE A CB  1 
ATOM   843  C  CG1 . ILE A 1 126 ? 4.888   -6.541  -1.144  1.00 19.88 ? 126  ILE A CG1 1 
ATOM   844  C  CG2 . ILE A 1 126 ? 4.276   -4.288  -0.095  1.00 21.74 ? 126  ILE A CG2 1 
ATOM   845  C  CD1 . ILE A 1 126 ? 6.144   -6.032  -1.886  1.00 20.95 ? 126  ILE A CD1 1 
ATOM   846  N  N   . VAL A 1 127 ? 6.302   -4.081  2.385   1.00 18.93 ? 127  VAL A N   1 
ATOM   847  C  CA  . VAL A 1 127 ? 6.224   -3.001  3.380   1.00 20.13 ? 127  VAL A CA  1 
ATOM   848  C  C   . VAL A 1 127 ? 5.958   -1.669  2.708   1.00 19.61 ? 127  VAL A C   1 
ATOM   849  O  O   . VAL A 1 127 ? 6.669   -1.255  1.813   1.00 19.37 ? 127  VAL A O   1 
ATOM   850  C  CB  . VAL A 1 127 ? 7.492   -2.895  4.238   1.00 19.43 ? 127  VAL A CB  1 
ATOM   851  C  CG1 . VAL A 1 127 ? 7.229   -1.903  5.415   1.00 20.07 ? 127  VAL A CG1 1 
ATOM   852  C  CG2 . VAL A 1 127 ? 7.865   -4.257  4.733   1.00 22.99 ? 127  VAL A CG2 1 
ATOM   853  N  N   . LEU A 1 128 ? 4.878   -1.021  3.123   1.00 20.54 ? 128  LEU A N   1 
ATOM   854  C  CA  . LEU A 1 128 ? 4.594   0.324   2.697   1.00 20.12 ? 128  LEU A CA  1 
ATOM   855  C  C   . LEU A 1 128 ? 5.145   1.284   3.728   1.00 20.30 ? 128  LEU A C   1 
ATOM   856  O  O   . LEU A 1 128 ? 4.910   1.116   4.906   1.00 20.74 ? 128  LEU A O   1 
ATOM   857  C  CB  . LEU A 1 128 ? 3.090   0.546   2.472   1.00 20.34 ? 128  LEU A CB  1 
ATOM   858  C  CG  . LEU A 1 128 ? 2.384   -0.433  1.542   1.00 20.18 ? 128  LEU A CG  1 
ATOM   859  C  CD1 . LEU A 1 128 ? 0.871   -0.111  1.468   1.00 20.48 ? 128  LEU A CD1 1 
ATOM   860  C  CD2 . LEU A 1 128 ? 3.003   -0.434  0.177   1.00 22.42 ? 128  LEU A CD2 1 
ATOM   861  N  N   . VAL A 1 129 ? 5.907   2.267   3.263   1.00 20.51 ? 129  VAL A N   1 
ATOM   862  C  CA  . VAL A 1 129 ? 6.523   3.248   4.102   1.00 20.79 ? 129  VAL A CA  1 
ATOM   863  C  C   . VAL A 1 129 ? 5.957   4.632   3.740   1.00 21.64 ? 129  VAL A C   1 
ATOM   864  O  O   . VAL A 1 129 ? 6.160   5.157   2.638   1.00 21.94 ? 129  VAL A O   1 
ATOM   865  C  CB  . VAL A 1 129 ? 8.056   3.274   3.968   1.00 21.21 ? 129  VAL A CB  1 
ATOM   866  C  CG1 . VAL A 1 129 ? 8.618   4.205   5.040   1.00 20.41 ? 129  VAL A CG1 1 
ATOM   867  C  CG2 . VAL A 1 129 ? 8.667   1.882   4.067   1.00 23.12 ? 129  VAL A CG2 1 
ATOM   868  N  N   . PHE A 1 130 ? 5.324   5.259   4.717   1.00 22.58 ? 130  PHE A N   1 
ATOM   869  C  CA  . PHE A 1 130 ? 4.596   6.518   4.514   1.00 23.00 ? 130  PHE A CA  1 
ATOM   870  C  C   . PHE A 1 130 ? 5.403   7.764   4.961   1.00 25.10 ? 130  PHE A C   1 
ATOM   871  O  O   . PHE A 1 130 ? 6.066   7.767   6.009   1.00 25.05 ? 130  PHE A O   1 
ATOM   872  C  CB  . PHE A 1 130 ? 3.301   6.423   5.310   1.00 22.22 ? 130  PHE A CB  1 
ATOM   873  C  CG  . PHE A 1 130 ? 2.387   5.344   4.847   1.00 23.46 ? 130  PHE A CG  1 
ATOM   874  C  CD1 . PHE A 1 130 ? 1.397   5.607   3.901   1.00 22.23 ? 130  PHE A CD1 1 
ATOM   875  C  CD2 . PHE A 1 130 ? 2.499   4.075   5.356   1.00 24.50 ? 130  PHE A CD2 1 
ATOM   876  C  CE1 . PHE A 1 130 ? 0.556   4.583   3.437   1.00 22.68 ? 130  PHE A CE1 1 
ATOM   877  C  CE2 . PHE A 1 130 ? 1.674   3.032   4.900   1.00 23.54 ? 130  PHE A CE2 1 
ATOM   878  C  CZ  . PHE A 1 130 ? 0.685   3.292   3.959   1.00 23.46 ? 130  PHE A CZ  1 
ATOM   879  N  N   . SER A 1 131 ? 5.361   8.818   4.149   1.00 25.76 ? 131  SER A N   1 
ATOM   880  C  CA  . SER A 1 131 ? 6.036   10.039  4.473   1.00 27.66 ? 131  SER A CA  1 
ATOM   881  C  C   . SER A 1 131 ? 5.076   11.062  5.117   1.00 28.15 ? 131  SER A C   1 
ATOM   882  O  O   . SER A 1 131 ? 5.494   12.171  5.439   1.00 29.70 ? 131  SER A O   1 
ATOM   883  C  CB  . SER A 1 131 ? 6.611   10.636  3.224   1.00 27.64 ? 131  SER A CB  1 
ATOM   884  O  OG  . SER A 1 131 ? 5.519   11.003  2.424   1.00 33.13 ? 131  SER A OG  1 
ATOM   885  N  N   . GLY A 1 132 ? 3.829   10.672  5.315   1.00 28.17 ? 132  GLY A N   1 
ATOM   886  C  CA  . GLY A 1 132 ? 2.780   11.566  5.795   1.00 28.83 ? 132  GLY A CA  1 
ATOM   887  C  C   . GLY A 1 132 ? 1.400   10.916  5.725   1.00 29.02 ? 132  GLY A C   1 
ATOM   888  O  O   . GLY A 1 132 ? 1.266   9.731   5.260   1.00 25.45 ? 132  GLY A O   1 
ATOM   889  N  N   . PRO A 1 133 ? 0.390   11.676  6.171   1.00 29.85 ? 133  PRO A N   1 
ATOM   890  C  CA  . PRO A 1 133 ? -0.989  11.189  6.231   1.00 30.48 ? 133  PRO A CA  1 
ATOM   891  C  C   . PRO A 1 133 ? -1.581  10.868  4.832   1.00 28.90 ? 133  PRO A C   1 
ATOM   892  O  O   . PRO A 1 133 ? -1.384  11.606  3.884   1.00 28.16 ? 133  PRO A O   1 
ATOM   893  C  CB  . PRO A 1 133 ? -1.767  12.350  6.890   1.00 31.88 ? 133  PRO A CB  1 
ATOM   894  C  CG  . PRO A 1 133 ? -0.938  13.518  6.684   1.00 32.95 ? 133  PRO A CG  1 
ATOM   895  C  CD  . PRO A 1 133 ? 0.495   13.070  6.660   1.00 31.47 ? 133  PRO A CD  1 
ATOM   896  N  N   . VAL A 1 134 ? -2.271  9.734   4.775   1.00 28.54 ? 134  VAL A N   1 
ATOM   897  C  CA  . VAL A 1 134 ? -2.985  9.257   3.590   1.00 26.73 ? 134  VAL A CA  1 
ATOM   898  C  C   . VAL A 1 134 ? -3.922  8.177   4.092   1.00 26.03 ? 134  VAL A C   1 
ATOM   899  O  O   . VAL A 1 134 ? -3.612  7.460   5.021   1.00 25.67 ? 134  VAL A O   1 
ATOM   900  C  CB  . VAL A 1 134 ? -2.010  8.763   2.491   1.00 27.08 ? 134  VAL A CB  1 
ATOM   901  C  CG1 . VAL A 1 134 ? -1.061  7.731   3.057   1.00 27.64 ? 134  VAL A CG1 1 
ATOM   902  C  CG2 . VAL A 1 134 ? -2.743  8.212   1.243   1.00 27.05 ? 134  VAL A CG2 1 
ATOM   903  N  N   . ASN A 1 135 ? -5.093  8.076   3.490   1.00 24.73 ? 135  ASN A N   1 
ATOM   904  C  CA  . ASN A 1 135 ? -5.971  6.989   3.736   1.00 24.13 ? 135  ASN A CA  1 
ATOM   905  C  C   . ASN A 1 135 ? -5.824  5.986   2.576   1.00 23.65 ? 135  ASN A C   1 
ATOM   906  O  O   . ASN A 1 135 ? -5.824  6.362   1.386   1.00 23.32 ? 135  ASN A O   1 
ATOM   907  C  CB  . ASN A 1 135 ? -7.406  7.516   3.843   1.00 25.14 ? 135  ASN A CB  1 
ATOM   908  C  CG  . ASN A 1 135 ? -7.647  8.333   5.101   1.00 25.43 ? 135  ASN A CG  1 
ATOM   909  O  OD1 . ASN A 1 135 ? -6.896  8.197   6.057   1.00 26.08 ? 135  ASN A OD1 1 
ATOM   910  N  ND2 . ASN A 1 135 ? -8.728  9.177   5.115   1.00 26.14 ? 135  ASN A ND2 1 
ATOM   911  N  N   . VAL A 1 136 ? -5.714  4.715   2.914   1.00 22.44 ? 136  VAL A N   1 
ATOM   912  C  CA  . VAL A 1 136 ? -5.539  3.674   1.880   1.00 21.43 ? 136  VAL A CA  1 
ATOM   913  C  C   . VAL A 1 136 ? -6.618  2.660   2.056   1.00 21.08 ? 136  VAL A C   1 
ATOM   914  O  O   . VAL A 1 136 ? -6.764  2.077   3.151   1.00 22.73 ? 136  VAL A O   1 
ATOM   915  C  CB  . VAL A 1 136 ? -4.175  2.978   1.992   1.00 21.84 ? 136  VAL A CB  1 
ATOM   916  C  CG1 . VAL A 1 136 ? -3.926  2.096   0.775   1.00 21.48 ? 136  VAL A CG1 1 
ATOM   917  C  CG2 . VAL A 1 136 ? -2.991  3.988   2.205   1.00 23.52 ? 136  VAL A CG2 1 
ATOM   918  N  N   . ASP A 1 137 ? -7.382  2.416   0.979   1.00 21.65 ? 137  ASP A N   1 
ATOM   919  C  CA  . ASP A 1 137 ? -8.451  1.458   0.983   1.00 21.46 ? 137  ASP A CA  1 
ATOM   920  C  C   . ASP A 1 137 ? -7.901  0.072   0.606   1.00 22.07 ? 137  ASP A C   1 
ATOM   921  O  O   . ASP A 1 137 ? -8.072  -0.925  1.352   1.00 20.93 ? 137  ASP A O   1 
ATOM   922  C  CB  . ASP A 1 137 ? -9.564  1.955   0.030   1.00 21.60 ? 137  ASP A CB  1 
ATOM   923  C  CG  . ASP A 1 137 ? -10.754 1.070   0.006   1.00 22.91 ? 137  ASP A CG  1 
ATOM   924  O  OD1 . ASP A 1 137 ? -10.659 -0.140  0.339   1.00 23.05 ? 137  ASP A OD1 1 
ATOM   925  O  OD2 . ASP A 1 137 ? -11.841 1.495   -0.392  1.00 24.64 ? 137  ASP A OD2 1 
ATOM   926  N  N   . ASN A 1 138 ? -7.218  0.020   -0.535  1.00 21.58 ? 138  ASN A N   1 
ATOM   927  C  CA  . ASN A 1 138 ? -6.739  -1.240  -1.093  1.00 21.60 ? 138  ASN A CA  1 
ATOM   928  C  C   . ASN A 1 138 ? -5.591  -0.977  -2.060  1.00 20.95 ? 138  ASN A C   1 
ATOM   929  O  O   . ASN A 1 138 ? -5.256  0.161   -2.345  1.00 21.02 ? 138  ASN A O   1 
ATOM   930  C  CB  . ASN A 1 138 ? -7.895  -2.013  -1.751  1.00 21.63 ? 138  ASN A CB  1 
ATOM   931  C  CG  . ASN A 1 138 ? -8.421  -1.371  -3.019  1.00 20.92 ? 138  ASN A CG  1 
ATOM   932  O  OD1 . ASN A 1 138 ? -9.620  -1.481  -3.351  1.00 24.72 ? 138  ASN A OD1 1 
ATOM   933  N  ND2 . ASN A 1 138 ? -7.539  -0.756  -3.764  1.00 19.12 ? 138  ASN A ND2 1 
ATOM   934  N  N   . PHE A 1 139 ? -4.975  -2.044  -2.525  1.00 21.07 ? 139  PHE A N   1 
ATOM   935  C  CA  . PHE A 1 139 ? -3.957  -1.993  -3.570  1.00 20.37 ? 139  PHE A CA  1 
ATOM   936  C  C   . PHE A 1 139 ? -3.860  -3.324  -4.300  1.00 20.63 ? 139  PHE A C   1 
ATOM   937  O  O   . PHE A 1 139 ? -4.430  -4.339  -3.898  1.00 21.08 ? 139  PHE A O   1 
ATOM   938  C  CB  . PHE A 1 139 ? -2.582  -1.535  -3.024  1.00 19.94 ? 139  PHE A CB  1 
ATOM   939  C  CG  . PHE A 1 139 ? -2.062  -2.359  -1.842  1.00 21.57 ? 139  PHE A CG  1 
ATOM   940  C  CD1 . PHE A 1 139 ? -2.309  -1.983  -0.522  1.00 23.24 ? 139  PHE A CD1 1 
ATOM   941  C  CD2 . PHE A 1 139 ? -1.306  -3.465  -2.077  1.00 22.21 ? 139  PHE A CD2 1 
ATOM   942  C  CE1 . PHE A 1 139 ? -1.795  -2.684  0.541   1.00 23.32 ? 139  PHE A CE1 1 
ATOM   943  C  CE2 . PHE A 1 139 ? -0.818  -4.208  -1.029  1.00 22.91 ? 139  PHE A CE2 1 
ATOM   944  C  CZ  . PHE A 1 139 ? -1.066  -3.823  0.287   1.00 25.26 ? 139  PHE A CZ  1 
ATOM   945  N  N   . ILE A 1 140 ? -3.128  -3.304  -5.393  1.00 20.12 ? 140  ILE A N   1 
ATOM   946  C  CA  . ILE A 1 140 ? -2.939  -4.458  -6.260  1.00 20.42 ? 140  ILE A CA  1 
ATOM   947  C  C   . ILE A 1 140 ? -1.708  -4.189  -7.134  1.00 20.71 ? 140  ILE A C   1 
ATOM   948  O  O   . ILE A 1 140 ? -1.361  -3.043  -7.407  1.00 22.05 ? 140  ILE A O   1 
ATOM   949  C  CB  . ILE A 1 140 ? -4.252  -4.676  -7.107  1.00 21.48 ? 140  ILE A CB  1 
ATOM   950  C  CG1 . ILE A 1 140 ? -4.223  -6.018  -7.797  1.00 20.68 ? 140  ILE A CG1 1 
ATOM   951  C  CG2 . ILE A 1 140 ? -4.475  -3.561  -8.119  1.00 21.61 ? 140  ILE A CG2 1 
ATOM   952  C  CD1 . ILE A 1 140 ? -5.526  -6.416  -8.488  1.00 23.21 ? 140  ILE A CD1 1 
ATOM   953  N  N   . PHE A 1 141 ? -1.087  -5.234  -7.636  1.00 21.07 ? 141  PHE A N   1 
ATOM   954  C  CA  . PHE A 1 141 ? 0.064   -5.132  -8.499  1.00 22.30 ? 141  PHE A CA  1 
ATOM   955  C  C   . PHE A 1 141 ? -0.363  -5.473  -9.926  1.00 24.13 ? 141  PHE A C   1 
ATOM   956  O  O   . PHE A 1 141 ? -1.378  -6.150  -10.159 1.00 24.40 ? 141  PHE A O   1 
ATOM   957  C  CB  . PHE A 1 141 ? 1.166   -6.099  -8.026  1.00 22.44 ? 141  PHE A CB  1 
ATOM   958  C  CG  . PHE A 1 141 ? 1.780   -5.698  -6.691  1.00 21.29 ? 141  PHE A CG  1 
ATOM   959  C  CD1 . PHE A 1 141 ? 2.926   -4.925  -6.654  1.00 22.57 ? 141  PHE A CD1 1 
ATOM   960  C  CD2 . PHE A 1 141 ? 1.166   -6.048  -5.485  1.00 20.70 ? 141  PHE A CD2 1 
ATOM   961  C  CE1 . PHE A 1 141 ? 3.504   -4.515  -5.424  1.00 22.54 ? 141  PHE A CE1 1 
ATOM   962  C  CE2 . PHE A 1 141 ? 1.697   -5.666  -4.292  1.00 22.12 ? 141  PHE A CE2 1 
ATOM   963  C  CZ  . PHE A 1 141 ? 2.882   -4.920  -4.238  1.00 22.28 ? 141  PHE A CZ  1 
ATOM   964  N  N   . SER A 1 142 ? 0.422   -5.008  -10.862 1.00 25.29 ? 142  SER A N   1 
ATOM   965  C  CA  . SER A 1 142 ? 0.225   -5.308  -12.233 1.00 28.30 ? 142  SER A CA  1 
ATOM   966  C  C   . SER A 1 142 ? 1.376   -6.134  -12.800 1.00 29.38 ? 142  SER A C   1 
ATOM   967  O  O   . SER A 1 142 ? 2.562   -5.926  -12.497 1.00 25.57 ? 142  SER A O   1 
ATOM   968  C  CB  . SER A 1 142 ? -0.001  -4.015  -13.018 1.00 28.86 ? 142  SER A CB  1 
ATOM   969  O  OG  . SER A 1 142 ? 1.059   -3.137  -12.872 1.00 32.59 ? 142  SER A OG  1 
ATOM   970  N  N   . ARG A 1 143 ? 0.984   -7.083  -13.622 1.00 32.09 ? 143  ARG A N   1 
ATOM   971  C  CA  . ARG A 1 143 ? 1.918   -8.036  -14.127 1.00 36.73 ? 143  ARG A CA  1 
ATOM   972  C  C   . ARG A 1 143 ? 2.858   -7.393  -15.094 1.00 38.41 ? 143  ARG A C   1 
ATOM   973  O  O   . ARG A 1 143 ? 2.534   -6.411  -15.764 1.00 37.26 ? 143  ARG A O   1 
ATOM   974  C  CB  . ARG A 1 143 ? 1.205   -9.251  -14.756 1.00 37.37 ? 143  ARG A CB  1 
ATOM   975  C  CG  . ARG A 1 143 ? 0.505   -8.951  -16.013 1.00 42.10 ? 143  ARG A CG  1 
ATOM   976  C  CD  . ARG A 1 143 ? -0.301  -10.182 -16.557 1.00 48.07 ? 143  ARG A CD  1 
ATOM   977  N  NE  . ARG A 1 143 ? -0.860  -9.922  -17.901 1.00 48.76 ? 143  ARG A NE  1 
ATOM   978  C  CZ  . ARG A 1 143 ? -0.760  -10.751 -18.947 1.00 51.12 ? 143  ARG A CZ  1 
ATOM   979  N  NH1 . ARG A 1 143 ? -0.112  -11.926 -18.850 1.00 50.68 ? 143  ARG A NH1 1 
ATOM   980  N  NH2 . ARG A 1 143 ? -1.330  -10.395 -20.102 1.00 50.55 ? 143  ARG A NH2 1 
ATOM   981  N  N   . SER A 1 144 ? 4.065   -7.945  -15.121 1.00 42.73 ? 144  SER A N   1 
ATOM   982  C  CA  . SER A 1 144 ? 5.009   -7.644  -16.193 1.00 45.48 ? 144  SER A CA  1 
ATOM   983  C  C   . SER A 1 144 ? 4.475   -8.189  -17.537 1.00 48.22 ? 144  SER A C   1 
ATOM   984  O  O   . SER A 1 144 ? 3.601   -9.077  -17.562 1.00 48.08 ? 144  SER A O   1 
ATOM   985  C  CB  . SER A 1 144 ? 6.411   -8.210  -15.875 1.00 45.65 ? 144  SER A CB  1 
ATOM   986  O  OG  . SER A 1 144 ? 6.337   -9.468  -15.267 1.00 45.69 ? 144  SER A OG  1 
ATOM   987  N  N   . SER A 1 145 ? 4.978   -7.636  -18.642 1.00 51.17 ? 145  SER A N   1 
ATOM   988  C  CA  . SER A 1 145 ? 4.609   -8.107  -19.990 1.00 53.73 ? 145  SER A CA  1 
ATOM   989  C  C   . SER A 1 145 ? 5.342   -9.410  -20.319 1.00 54.15 ? 145  SER A C   1 
ATOM   990  O  O   . SER A 1 145 ? 6.576   -9.479  -20.167 1.00 56.26 ? 145  SER A O   1 
ATOM   991  C  CB  . SER A 1 145 ? 4.922   -7.035  -21.056 1.00 54.48 ? 145  SER A CB  1 
ATOM   992  O  OG  . SER A 1 145 ? 3.710   -6.597  -21.687 1.00 58.57 ? 145  SER A OG  1 
HETATM 993  O  O1  . XYP B 2 .   ? -5.350  13.727  9.792   1.00 41.67 ? 1    XYP B O1  1 
HETATM 994  C  C1  . XYP B 2 .   ? -6.257  12.929  9.051   1.00 39.71 ? 1    XYP B C1  1 
HETATM 995  C  C2  . XYP B 2 .   ? -5.985  11.425  9.098   1.00 36.45 ? 1    XYP B C2  1 
HETATM 996  C  C3  . XYP B 2 .   ? -7.035  10.713  8.268   1.00 34.98 ? 1    XYP B C3  1 
HETATM 997  C  C4  . XYP B 2 .   ? -8.454  11.105  8.679   1.00 36.49 ? 1    XYP B C4  1 
HETATM 998  C  C5  . XYP B 2 .   ? -8.547  12.606  8.723   1.00 35.41 ? 1    XYP B C5  1 
HETATM 999  O  O2  . XYP B 2 .   ? -4.708  11.107  8.582   1.00 35.17 ? 1    XYP B O2  1 
HETATM 1000 O  O3  . XYP B 2 .   ? -6.928  9.302   8.330   1.00 33.27 ? 1    XYP B O3  1 
HETATM 1001 O  O4  . XYP B 2 .   ? -9.399  10.581  7.746   1.00 36.41 ? 1    XYP B O4  1 
HETATM 1002 O  O5  . XYP B 2 .   ? -7.519  13.154  9.537   1.00 42.61 ? 1    XYP B O5  1 
HETATM 1003 C  C1  . XYP B 2 .   ? -10.652 10.209  8.351   1.00 37.55 ? 2    XYP B C1  1 
HETATM 1004 C  C2  . XYP B 2 .   ? -11.709 11.104  7.734   1.00 39.12 ? 2    XYP B C2  1 
HETATM 1005 C  C3  . XYP B 2 .   ? -13.105 10.736  8.226   1.00 40.31 ? 2    XYP B C3  1 
HETATM 1006 C  C4  . XYP B 2 .   ? -13.337 9.276   7.900   1.00 42.16 ? 2    XYP B C4  1 
HETATM 1007 C  C5  . XYP B 2 .   ? -12.223 8.408   8.457   1.00 41.18 ? 2    XYP B C5  1 
HETATM 1008 O  O2  . XYP B 2 .   ? -11.384 12.454  7.996   1.00 36.68 ? 2    XYP B O2  1 
HETATM 1009 O  O3  . XYP B 2 .   ? -14.111 11.556  7.627   1.00 38.75 ? 2    XYP B O3  1 
HETATM 1010 O  O4  . XYP B 2 .   ? -14.556 8.819   8.422   1.00 46.53 ? 2    XYP B O4  1 
HETATM 1011 O  O5  . XYP B 2 .   ? -10.940 8.907   8.054   1.00 43.19 ? 2    XYP B O5  1 
HETATM 1012 C  C1  . XYP B 2 .   ? -15.316 8.009   7.484   1.00 52.15 ? 3    XYP B C1  1 
HETATM 1013 C  C2  . XYP B 2 .   ? -16.414 7.284   8.244   1.00 53.97 ? 3    XYP B C2  1 
HETATM 1014 C  C3  . XYP B 2 .   ? -17.225 6.458   7.245   1.00 56.02 ? 3    XYP B C3  1 
HETATM 1015 C  C4  . XYP B 2 .   ? -17.744 7.429   6.203   1.00 56.05 ? 3    XYP B C4  1 
HETATM 1016 C  C5  . XYP B 2 .   ? -16.548 7.960   5.445   1.00 53.61 ? 3    XYP B C5  1 
HETATM 1017 O  O2  . XYP B 2 .   ? -15.909 6.465   9.294   1.00 53.31 ? 3    XYP B O2  1 
HETATM 1018 O  O3  . XYP B 2 .   ? -18.315 5.808   7.860   1.00 56.05 ? 3    XYP B O3  1 
HETATM 1019 O  O4  . XYP B 2 .   ? -18.648 6.759   5.380   1.00 61.55 ? 3    XYP B O4  1 
HETATM 1020 O  O5  . XYP B 2 .   ? -15.825 8.718   6.409   1.00 55.57 ? 3    XYP B O5  1 
HETATM 1021 NA NA  . NA  C 3 .   ? 2.967   1.637   19.892  1.00 35.28 ? 1146 NA  A NA  1 
HETATM 1022 CA CA  . CA  D 4 .   ? -10.287 -1.682  2.072   1.00 25.05 ? 1147 CA  A CA  1 
HETATM 1023 C  C1  . GOL E 5 .   ? 13.110  -9.499  -3.670  1.00 46.97 ? 1151 GOL A C1  1 
HETATM 1024 O  O1  . GOL E 5 .   ? 14.119  -10.508 -3.675  1.00 51.17 ? 1151 GOL A O1  1 
HETATM 1025 C  C2  . GOL E 5 .   ? 13.624  -8.113  -4.034  1.00 44.01 ? 1151 GOL A C2  1 
HETATM 1026 O  O2  . GOL E 5 .   ? 15.011  -8.046  -4.181  1.00 48.93 ? 1151 GOL A O2  1 
HETATM 1027 C  C3  . GOL E 5 .   ? 12.907  -7.525  -5.236  1.00 40.82 ? 1151 GOL A C3  1 
HETATM 1028 O  O3  . GOL E 5 .   ? 13.087  -8.309  -6.367  1.00 41.30 ? 1151 GOL A O3  1 
HETATM 1029 O  O   . HOH F 6 .   ? 14.036  -13.340 0.125   1.00 61.91 ? 2001 HOH A O   1 
HETATM 1030 O  O   . HOH F 6 .   ? -5.842  -12.394 12.400  1.00 62.87 ? 2002 HOH A O   1 
HETATM 1031 O  O   . HOH F 6 .   ? -7.148  -8.359  9.459   1.00 54.05 ? 2003 HOH A O   1 
HETATM 1032 O  O   . HOH F 6 .   ? -3.707  -16.623 3.729   0.50 35.96 ? 2004 HOH A O   1 
HETATM 1033 O  O   . HOH F 6 .   ? -5.507  -15.021 0.771   1.00 63.14 ? 2005 HOH A O   1 
HETATM 1034 O  O   . HOH F 6 .   ? 1.691   -16.348 -1.183  1.00 40.03 ? 2006 HOH A O   1 
HETATM 1035 O  O   . HOH F 6 .   ? -1.335  -16.744 -2.515  1.00 60.97 ? 2007 HOH A O   1 
HETATM 1036 O  O   . HOH F 6 .   ? -6.124  -9.087  13.221  1.00 69.04 ? 2008 HOH A O   1 
HETATM 1037 O  O   . HOH F 6 .   ? -3.922  -14.279 -9.907  1.00 35.03 ? 2009 HOH A O   1 
HETATM 1038 O  O   . HOH F 6 .   ? -16.880 -3.601  1.123   1.00 64.38 ? 2010 HOH A O   1 
HETATM 1039 O  O   . HOH F 6 .   ? -3.938  -6.374  13.336  0.50 46.06 ? 2011 HOH A O   1 
HETATM 1040 O  O   . HOH F 6 .   ? -9.572  -8.815  -2.265  0.50 21.05 ? 2012 HOH A O   1 
HETATM 1041 O  O   . HOH F 6 .   ? -11.637 -2.790  -1.676  1.00 28.12 ? 2013 HOH A O   1 
HETATM 1042 O  O   . HOH F 6 .   ? -10.988 -7.678  -1.065  0.50 24.76 ? 2014 HOH A O   1 
HETATM 1043 O  O   . HOH F 6 .   ? -3.778  10.121  15.808  1.00 54.46 ? 2015 HOH A O   1 
HETATM 1044 O  O   . HOH F 6 .   ? -6.333  -18.579 -8.351  1.00 60.41 ? 2016 HOH A O   1 
HETATM 1045 O  O   . HOH F 6 .   ? -5.638  -5.669  11.506  1.00 58.11 ? 2017 HOH A O   1 
HETATM 1046 O  O   . HOH F 6 .   ? -12.350 -5.005  4.974   1.00 51.00 ? 2018 HOH A O   1 
HETATM 1047 O  O   . HOH F 6 .   ? -13.690 -4.156  2.424   1.00 51.80 ? 2019 HOH A O   1 
HETATM 1048 O  O   . HOH F 6 .   ? -6.846  -8.489  1.706   1.00 27.83 ? 2020 HOH A O   1 
HETATM 1049 O  O   . HOH F 6 .   ? -11.076 -9.413  2.513   1.00 55.85 ? 2021 HOH A O   1 
HETATM 1050 O  O   . HOH F 6 .   ? -2.492  -7.128  12.781  0.50 39.67 ? 2022 HOH A O   1 
HETATM 1051 O  O   . HOH F 6 .   ? -1.917  -2.163  14.833  1.00 48.77 ? 2023 HOH A O   1 
HETATM 1052 O  O   . HOH F 6 .   ? 1.448   -7.718  14.197  1.00 39.82 ? 2024 HOH A O   1 
HETATM 1053 O  O   . HOH F 6 .   ? -0.489  -11.773 10.723  1.00 51.32 ? 2025 HOH A O   1 
HETATM 1054 O  O   . HOH F 6 .   ? 4.115   -9.082  9.453   0.50 13.06 ? 2026 HOH A O   1 
HETATM 1055 O  O   . HOH F 6 .   ? 4.427   13.115  12.206  1.00 64.33 ? 2027 HOH A O   1 
HETATM 1056 O  O   . HOH F 6 .   ? 11.034  6.393   7.015   1.00 51.55 ? 2028 HOH A O   1 
HETATM 1057 O  O   . HOH F 6 .   ? 11.642  2.472   7.327   1.00 53.74 ? 2029 HOH A O   1 
HETATM 1058 O  O   . HOH F 6 .   ? 9.702   7.015   12.163  0.50 34.89 ? 2030 HOH A O   1 
HETATM 1059 O  O   . HOH F 6 .   ? 5.315   4.171   16.683  1.00 29.90 ? 2031 HOH A O   1 
HETATM 1060 O  O   . HOH F 6 .   ? 9.747   -13.068 3.384   0.50 42.18 ? 2032 HOH A O   1 
HETATM 1061 O  O   . HOH F 6 .   ? -4.007  -18.083 -6.384  1.00 69.80 ? 2033 HOH A O   1 
HETATM 1062 O  O   . HOH F 6 .   ? 7.692   -18.918 -5.059  1.00 56.94 ? 2034 HOH A O   1 
HETATM 1063 O  O   . HOH F 6 .   ? 1.489   -17.561 -9.048  0.50 43.88 ? 2035 HOH A O   1 
HETATM 1064 O  O   . HOH F 6 .   ? 10.414  -16.120 -12.518 1.00 60.58 ? 2036 HOH A O   1 
HETATM 1065 O  O   . HOH F 6 .   ? 1.274   -12.997 -14.204 0.50 51.34 ? 2037 HOH A O   1 
HETATM 1066 O  O   . HOH F 6 .   ? -4.950  7.597   16.061  1.00 38.08 ? 2038 HOH A O   1 
HETATM 1067 O  O   . HOH F 6 .   ? 2.401   7.075   14.446  1.00 46.33 ? 2039 HOH A O   1 
HETATM 1068 O  O   . HOH F 6 .   ? 9.151   -6.602  -17.455 1.00 45.18 ? 2040 HOH A O   1 
HETATM 1069 O  O   . HOH F 6 .   ? -2.009  1.491   15.968  1.00 58.34 ? 2041 HOH A O   1 
HETATM 1070 O  O   . HOH F 6 .   ? -9.049  9.601   16.340  1.00 67.10 ? 2042 HOH A O   1 
HETATM 1071 O  O   . HOH F 6 .   ? -8.259  0.432   14.428  1.00 48.53 ? 2043 HOH A O   1 
HETATM 1072 O  O   . HOH F 6 .   ? 5.719   14.588  -2.185  1.00 59.68 ? 2044 HOH A O   1 
HETATM 1073 O  O   . HOH F 6 .   ? 2.877   14.769  -5.428  0.50 35.77 ? 2045 HOH A O   1 
HETATM 1074 O  O   . HOH F 6 .   ? -15.051 1.580   0.006   1.00 48.83 ? 2046 HOH A O   1 
HETATM 1075 O  O   . HOH F 6 .   ? -22.401 6.836   0.117   1.00 56.18 ? 2047 HOH A O   1 
HETATM 1076 O  O   . HOH F 6 .   ? 16.685  -7.303  1.365   1.00 43.76 ? 2048 HOH A O   1 
HETATM 1077 O  O   . HOH F 6 .   ? -22.038 0.487   -0.140  1.00 57.38 ? 2049 HOH A O   1 
HETATM 1078 O  O   . HOH F 6 .   ? -18.589 -0.739  -1.152  1.00 47.08 ? 2050 HOH A O   1 
HETATM 1079 O  O   . HOH F 6 .   ? 14.536  -9.564  4.973   1.00 44.27 ? 2051 HOH A O   1 
HETATM 1080 O  O   . HOH F 6 .   ? 16.527  2.285   3.760   1.00 59.94 ? 2052 HOH A O   1 
HETATM 1081 O  O   . HOH F 6 .   ? -17.136 0.703   7.149   1.00 42.76 ? 2053 HOH A O   1 
HETATM 1082 O  O   . HOH F 6 .   ? 14.460  7.475   -3.186  1.00 63.26 ? 2054 HOH A O   1 
HETATM 1083 O  O   . HOH F 6 .   ? -14.686 1.675   11.326  1.00 65.08 ? 2055 HOH A O   1 
HETATM 1084 O  O   . HOH F 6 .   ? -12.718 -2.092  1.915   1.00 25.36 ? 2056 HOH A O   1 
HETATM 1085 O  O   . HOH F 6 .   ? -15.301 16.959  -0.488  1.00 65.25 ? 2057 HOH A O   1 
HETATM 1086 O  O   . HOH F 6 .   ? -2.586  11.111  10.424  1.00 32.53 ? 2058 HOH A O   1 
HETATM 1087 O  O   . HOH F 6 .   ? -2.421  11.198  12.918  1.00 48.75 ? 2059 HOH A O   1 
HETATM 1088 O  O   . HOH F 6 .   ? 9.752   8.186   5.642   1.00 58.15 ? 2060 HOH A O   1 
HETATM 1089 O  O   . HOH F 6 .   ? 6.079   11.305  12.567  1.00 49.51 ? 2061 HOH A O   1 
HETATM 1090 O  O   . HOH F 6 .   ? 9.928   10.904  5.029   1.00 62.89 ? 2062 HOH A O   1 
HETATM 1091 O  O   . HOH F 6 .   ? 3.259   12.981  9.576   1.00 38.82 ? 2063 HOH A O   1 
HETATM 1092 O  O   . HOH F 6 .   ? 11.212  -17.245 -5.012  0.50 44.10 ? 2064 HOH A O   1 
HETATM 1093 O  O   . HOH F 6 .   ? 10.489  4.223   8.927   1.00 38.34 ? 2065 HOH A O   1 
HETATM 1094 O  O   . HOH F 6 .   ? 5.430   6.225   14.884  1.00 45.94 ? 2066 HOH A O   1 
HETATM 1095 O  O   . HOH F 6 .   ? 6.691   6.503   12.541  1.00 38.27 ? 2067 HOH A O   1 
HETATM 1096 O  O   . HOH F 6 .   ? 9.240   -0.343  10.794  1.00 20.39 ? 2068 HOH A O   1 
HETATM 1097 O  O   . HOH F 6 .   ? 6.866   15.116  8.730   1.00 61.23 ? 2069 HOH A O   1 
HETATM 1098 O  O   . HOH F 6 .   ? 1.058   16.810  7.190   1.00 61.51 ? 2070 HOH A O   1 
HETATM 1099 O  O   . HOH F 6 .   ? 8.239   -5.962  8.111   1.00 22.22 ? 2071 HOH A O   1 
HETATM 1100 O  O   . HOH F 6 .   ? 5.370   -2.695  9.375   1.00 23.24 ? 2072 HOH A O   1 
HETATM 1101 O  O   . HOH F 6 .   ? 1.575   -13.448 8.806   1.00 54.56 ? 2073 HOH A O   1 
HETATM 1102 O  O   . HOH F 6 .   ? -0.861  -11.718 3.601   1.00 32.02 ? 2074 HOH A O   1 
HETATM 1103 O  O   . HOH F 6 .   ? 4.755   -10.522 7.637   0.50 26.40 ? 2075 HOH A O   1 
HETATM 1104 O  O   . HOH F 6 .   ? 7.435   -13.774 2.283   1.00 39.38 ? 2076 HOH A O   1 
HETATM 1105 O  O   . HOH F 6 .   ? 2.533   -19.347 -8.047  0.50 44.01 ? 2077 HOH A O   1 
HETATM 1106 O  O   . HOH F 6 .   ? -1.066  -16.938 -5.220  1.00 48.37 ? 2078 HOH A O   1 
HETATM 1107 O  O   . HOH F 6 .   ? 5.784   -17.711 -6.861  1.00 34.18 ? 2079 HOH A O   1 
HETATM 1108 O  O   . HOH F 6 .   ? 0.751   -14.688 -8.242  1.00 35.16 ? 2080 HOH A O   1 
HETATM 1109 O  O   . HOH F 6 .   ? 8.722   -17.264 -10.369 1.00 55.24 ? 2081 HOH A O   1 
HETATM 1110 O  O   . HOH F 6 .   ? 2.564   -15.203 -12.379 1.00 39.39 ? 2082 HOH A O   1 
HETATM 1111 O  O   . HOH F 6 .   ? 9.799   -13.297 -15.010 1.00 55.68 ? 2083 HOH A O   1 
HETATM 1112 O  O   . HOH F 6 .   ? 3.574   -12.187 -14.318 0.50 26.14 ? 2084 HOH A O   1 
HETATM 1113 O  O   . HOH F 6 .   ? 4.742   -0.519  -15.440 1.00 67.65 ? 2085 HOH A O   1 
HETATM 1114 O  O   . HOH F 6 .   ? 6.396   -4.842  -17.734 1.00 46.69 ? 2086 HOH A O   1 
HETATM 1115 O  O   . HOH F 6 .   ? 3.074   -3.182  -15.325 1.00 45.37 ? 2087 HOH A O   1 
HETATM 1116 O  O   . HOH F 6 .   ? -1.421  -2.260  -10.434 0.50 24.87 ? 2088 HOH A O   1 
HETATM 1117 O  O   . HOH F 6 .   ? -12.160 15.875  4.386   1.00 40.62 ? 2089 HOH A O   1 
HETATM 1118 O  O   . HOH F 6 .   ? -7.109  18.457  5.858   1.00 56.85 ? 2090 HOH A O   1 
HETATM 1119 O  O   . HOH F 6 .   ? 3.363   14.130  3.495   0.50 39.16 ? 2091 HOH A O   1 
HETATM 1120 O  O   . HOH F 6 .   ? 3.576   14.056  -3.824  0.50 27.18 ? 2092 HOH A O   1 
HETATM 1121 O  O   . HOH F 6 .   ? 6.961   13.028  -0.521  1.00 54.41 ? 2093 HOH A O   1 
HETATM 1122 O  O   . HOH F 6 .   ? 14.493  6.019   1.468   1.00 47.30 ? 2094 HOH A O   1 
HETATM 1123 O  O   . HOH F 6 .   ? 12.515  4.127   4.191   1.00 50.21 ? 2095 HOH A O   1 
HETATM 1124 O  O   . HOH F 6 .   ? 16.549  2.834   -0.193  1.00 68.20 ? 2096 HOH A O   1 
HETATM 1125 O  O   . HOH F 6 .   ? 10.568  -11.274 5.168   1.00 53.18 ? 2097 HOH A O   1 
HETATM 1126 O  O   . HOH F 6 .   ? 8.606   -8.301  6.668   1.00 23.60 ? 2098 HOH A O   1 
HETATM 1127 O  O   . HOH F 6 .   ? 9.683   -11.526 2.471   0.50 11.75 ? 2099 HOH A O   1 
HETATM 1128 O  O   . HOH F 6 .   ? 14.774  -7.084  -0.476  1.00 28.50 ? 2100 HOH A O   1 
HETATM 1129 O  O   . HOH F 6 .   ? 15.330  -7.241  3.976   1.00 39.16 ? 2101 HOH A O   1 
HETATM 1130 O  O   . HOH F 6 .   ? 17.996  0.352   2.798   1.00 54.52 ? 2102 HOH A O   1 
HETATM 1131 O  O   . HOH F 6 .   ? 17.352  -5.146  5.378   1.00 58.73 ? 2103 HOH A O   1 
HETATM 1132 O  O   . HOH F 6 .   ? 18.095  -4.104  -2.581  0.50 27.83 ? 2104 HOH A O   1 
HETATM 1133 O  O   . HOH F 6 .   ? 18.150  -4.491  -0.865  0.50 36.75 ? 2105 HOH A O   1 
HETATM 1134 O  O   . HOH F 6 .   ? 16.781  -0.799  -2.528  1.00 36.51 ? 2106 HOH A O   1 
HETATM 1135 O  O   . HOH F 6 .   ? 11.328  7.119   -2.443  1.00 33.75 ? 2107 HOH A O   1 
HETATM 1136 O  O   . HOH F 6 .   ? 3.598   7.784   -8.602  0.33 16.17 ? 2108 HOH A O   1 
HETATM 1137 O  O   . HOH F 6 .   ? 1.807   9.596   -9.268  0.33 30.21 ? 2109 HOH A O   1 
HETATM 1138 O  O   . HOH F 6 .   ? -1.738  11.711  -7.415  1.00 37.06 ? 2110 HOH A O   1 
HETATM 1139 O  O   . HOH F 6 .   ? -4.021  17.340  -6.343  1.00 46.10 ? 2111 HOH A O   1 
HETATM 1140 O  O   . HOH F 6 .   ? -15.484 14.348  0.788   1.00 55.91 ? 2112 HOH A O   1 
HETATM 1141 O  O   . HOH F 6 .   ? -12.777 15.949  -3.163  1.00 57.65 ? 2113 HOH A O   1 
HETATM 1142 O  O   . HOH F 6 .   ? -15.704 13.218  -2.904  1.00 46.68 ? 2114 HOH A O   1 
HETATM 1143 O  O   . HOH F 6 .   ? -12.455 7.381   4.305   1.00 29.47 ? 2115 HOH A O   1 
HETATM 1144 O  O   . HOH F 6 .   ? -11.139 9.480   -7.644  1.00 47.76 ? 2116 HOH A O   1 
HETATM 1145 O  O   . HOH F 6 .   ? -7.515  8.147   -10.903 1.00 53.76 ? 2117 HOH A O   1 
HETATM 1146 O  O   . HOH F 6 .   ? -8.921  1.149   -8.298  1.00 57.90 ? 2118 HOH A O   1 
HETATM 1147 O  O   . HOH F 6 .   ? -4.046  8.918   -10.723 1.00 50.61 ? 2119 HOH A O   1 
HETATM 1148 O  O   . HOH F 6 .   ? -9.880  6.847   -9.349  1.00 29.24 ? 2120 HOH A O   1 
HETATM 1149 O  O   . HOH F 6 .   ? -3.868  4.666   -11.959 0.50 38.57 ? 2121 HOH A O   1 
HETATM 1150 O  O   . HOH F 6 .   ? -1.764  7.152   -11.527 1.00 36.52 ? 2122 HOH A O   1 
HETATM 1151 O  O   . HOH F 6 .   ? 5.956   8.239   -9.658  1.00 51.06 ? 2123 HOH A O   1 
HETATM 1152 O  O   . HOH F 6 .   ? 2.333   1.444   -13.716 1.00 58.07 ? 2124 HOH A O   1 
HETATM 1153 O  O   . HOH F 6 .   ? 8.437   4.110   -8.680  1.00 28.47 ? 2125 HOH A O   1 
HETATM 1154 O  O   . HOH F 6 .   ? 7.565   6.826   -11.053 1.00 29.11 ? 2126 HOH A O   1 
HETATM 1155 O  O   . HOH F 6 .   ? 8.837   -0.550  -14.055 1.00 25.58 ? 2127 HOH A O   1 
HETATM 1156 O  O   . HOH F 6 .   ? 12.546  -5.813  -7.899  1.00 25.60 ? 2128 HOH A O   1 
HETATM 1157 O  O   . HOH F 6 .   ? 12.862  -9.786  -10.430 1.00 36.97 ? 2129 HOH A O   1 
HETATM 1158 O  O   . HOH F 6 .   ? 12.466  -12.508 -17.399 1.00 42.35 ? 2130 HOH A O   1 
HETATM 1159 O  O   . HOH F 6 .   ? 10.375  -10.459 -18.463 1.00 61.17 ? 2131 HOH A O   1 
HETATM 1160 O  O   . HOH F 6 .   ? 11.615  -15.718 -7.585  1.00 54.54 ? 2132 HOH A O   1 
HETATM 1161 O  O   . HOH F 6 .   ? 9.377   -17.347 -3.690  0.50 21.00 ? 2133 HOH A O   1 
HETATM 1162 O  O   . HOH F 6 .   ? 11.301  -15.860 -2.247  1.00 61.96 ? 2134 HOH A O   1 
HETATM 1163 O  O   . HOH F 6 .   ? 12.827  -12.897 -5.989  0.50 28.80 ? 2135 HOH A O   1 
HETATM 1164 O  O   . HOH F 6 .   ? 12.161  -14.940 -5.168  0.50 35.80 ? 2136 HOH A O   1 
HETATM 1165 O  O   . HOH F 6 .   ? 7.864   7.233   2.209   1.00 30.53 ? 2137 HOH A O   1 
HETATM 1166 O  O   . HOH F 6 .   ? 5.364   13.924  2.370   0.50 40.28 ? 2138 HOH A O   1 
HETATM 1167 O  O   . HOH F 6 .   ? 4.359   14.440  7.318   1.00 54.81 ? 2139 HOH A O   1 
HETATM 1168 O  O   . HOH F 6 .   ? 2.294   8.664   2.993   1.00 52.38 ? 2140 HOH A O   1 
HETATM 1169 O  O   . HOH F 6 .   ? -13.489 -1.106  -0.462  1.00 41.35 ? 2141 HOH A O   1 
HETATM 1170 O  O   . HOH F 6 .   ? -12.743 3.819   -1.209  1.00 25.84 ? 2142 HOH A O   1 
HETATM 1171 O  O   . HOH F 6 .   ? -9.338  -1.065  -6.632  0.50 30.03 ? 2143 HOH A O   1 
HETATM 1172 O  O   . HOH F 6 .   ? -0.104  -0.786  -11.966 0.50 39.34 ? 2144 HOH A O   1 
HETATM 1173 O  O   . HOH F 6 .   ? -2.504  -8.674  -16.413 1.00 51.11 ? 2145 HOH A O   1 
HETATM 1174 O  O   . HOH F 6 .   ? -1.876  -6.939  -14.320 1.00 40.44 ? 2146 HOH A O   1 
HETATM 1175 O  O   . HOH F 6 .   ? 5.617   -10.762 -23.085 1.00 55.33 ? 2147 HOH A O   1 
HETATM 1176 O  O   . HOH F 6 .   ? -3.712  9.049   7.370   1.00 28.89 ? 2148 HOH A O   1 
HETATM 1177 O  O   . HOH F 6 .   ? -3.735  15.292  9.114   1.00 48.55 ? 2149 HOH A O   1 
HETATM 1178 O  O   . HOH F 6 .   ? -16.420 11.710  8.585   0.50 32.20 ? 2150 HOH A O   1 
HETATM 1179 O  O   . HOH F 6 .   ? -14.927 10.061  11.794  1.00 61.73 ? 2151 HOH A O   1 
HETATM 1180 O  O   . HOH F 6 .   ? -18.261 3.522   6.625   1.00 57.05 ? 2152 HOH A O   1 
HETATM 1181 O  O   . HOH F 6 .   ? -17.975 10.964  7.869   0.50 45.69 ? 2153 HOH A O   1 
HETATM 1182 O  O   . HOH F 6 .   ? -13.612 6.033   9.878   1.00 39.92 ? 2154 HOH A O   1 
HETATM 1183 O  O   . HOH F 6 .   ? 12.420  -10.596 -7.342  1.00 30.57 ? 2155 HOH A O   1 
HETATM 1184 O  O   . HOH F 6 .   ? 14.580  -10.958 -1.213  1.00 40.24 ? 2156 HOH A O   1 
# 
loop_
_pdbx_poly_seq_scheme.asym_id 
_pdbx_poly_seq_scheme.entity_id 
_pdbx_poly_seq_scheme.seq_id 
_pdbx_poly_seq_scheme.mon_id 
_pdbx_poly_seq_scheme.ndb_seq_num 
_pdbx_poly_seq_scheme.pdb_seq_num 
_pdbx_poly_seq_scheme.auth_seq_num 
_pdbx_poly_seq_scheme.pdb_mon_id 
_pdbx_poly_seq_scheme.auth_mon_id 
_pdbx_poly_seq_scheme.pdb_strand_id 
_pdbx_poly_seq_scheme.pdb_ins_code 
_pdbx_poly_seq_scheme.hetero 
A 1 1   GLY 1   1   ?   ?   ?   A . n 
A 1 2   SER 2   2   ?   ?   ?   A . n 
A 1 3   HIS 3   3   ?   ?   ?   A . n 
A 1 4   MET 4   4   ?   ?   ?   A . n 
A 1 5   ALA 5   5   ?   ?   ?   A . n 
A 1 6   SER 6   6   ?   ?   ?   A . n 
A 1 7   PRO 7   7   ?   ?   ?   A . n 
A 1 8   THR 8   8   ?   ?   ?   A . n 
A 1 9   PRO 9   9   ?   ?   ?   A . n 
A 1 10  ALA 10  10  ?   ?   ?   A . n 
A 1 11  PRO 11  11  ?   ?   ?   A . n 
A 1 12  SER 12  12  ?   ?   ?   A . n 
A 1 13  GLN 13  13  ?   ?   ?   A . n 
A 1 14  SER 14  14  14  SER SER A . n 
A 1 15  PRO 15  15  15  PRO PRO A . n 
A 1 16  ILE 16  16  16  ILE ILE A . n 
A 1 17  ARG 17  17  17  ARG ARG A . n 
A 1 18  ARG 18  18  18  ARG ARG A . n 
A 1 19  ASP 19  19  19  ASP ASP A . n 
A 1 20  ALA 20  20  20  ALA ALA A . n 
A 1 21  PHE 21  21  21  PHE PHE A . n 
A 1 22  SER 22  22  22  SER SER A . n 
A 1 23  ILE 23  23  23  ILE ILE A . n 
A 1 24  ILE 24  24  24  ILE ILE A . n 
A 1 25  GLU 25  25  25  GLU GLU A . n 
A 1 26  ALA 26  26  26  ALA ALA A . n 
A 1 27  GLU 27  27  27  GLU GLU A . n 
A 1 28  GLU 28  28  28  GLU GLU A . n 
A 1 29  TYR 29  29  29  TYR TYR A . n 
A 1 30  ASN 30  30  30  ASN ASN A . n 
A 1 31  SER 31  31  31  SER SER A . n 
A 1 32  THR 32  32  32  THR THR A . n 
A 1 33  ASN 33  33  33  ASN ASN A . n 
A 1 34  SER 34  34  34  SER SER A . n 
A 1 35  SER 35  35  35  SER SER A . n 
A 1 36  THR 36  36  36  THR THR A . n 
A 1 37  LEU 37  37  37  LEU LEU A . n 
A 1 38  GLN 38  38  38  GLN GLN A . n 
A 1 39  VAL 39  39  39  VAL VAL A . n 
A 1 40  ILE 40  40  40  ILE ILE A . n 
A 1 41  GLY 41  41  41  GLY GLY A . n 
A 1 42  THR 42  42  42  THR THR A . n 
A 1 43  PRO 43  43  43  PRO PRO A . n 
A 1 44  ASN 44  44  44  ASN ASN A . n 
A 1 45  ASN 45  45  45  ASN ASN A . n 
A 1 46  GLY 46  46  46  GLY GLY A . n 
A 1 47  ARG 47  47  47  ARG ARG A . n 
A 1 48  GLY 48  48  48  GLY GLY A . n 
A 1 49  ILE 49  49  49  ILE ILE A . n 
A 1 50  GLY 50  50  50  GLY GLY A . n 
A 1 51  TYR 51  51  51  TYR TYR A . n 
A 1 52  ILE 52  52  52  ILE ILE A . n 
A 1 53  GLU 53  53  53  GLU GLU A . n 
A 1 54  ASN 54  54  54  ASN ASN A . n 
A 1 55  GLY 55  55  55  GLY GLY A . n 
A 1 56  ASN 56  56  56  ASN ASN A . n 
A 1 57  THR 57  57  57  THR THR A . n 
A 1 58  VAL 58  58  58  VAL VAL A . n 
A 1 59  THR 59  59  59  THR THR A . n 
A 1 60  TYR 60  60  60  TYR TYR A . n 
A 1 61  SER 61  61  61  SER SER A . n 
A 1 62  ASN 62  62  62  ASN ASN A . n 
A 1 63  ILE 63  63  63  ILE ILE A . n 
A 1 64  ASP 64  64  64  ASP ASP A . n 
A 1 65  PHE 65  65  65  PHE PHE A . n 
A 1 66  GLY 66  66  66  GLY GLY A . n 
A 1 67  SER 67  67  67  SER SER A . n 
A 1 68  GLY 68  68  68  GLY GLY A . n 
A 1 69  ALA 69  69  69  ALA ALA A . n 
A 1 70  THR 70  70  70  THR THR A . n 
A 1 71  GLY 71  71  71  GLY GLY A . n 
A 1 72  PHE 72  72  72  PHE PHE A . n 
A 1 73  SER 73  73  73  SER SER A . n 
A 1 74  ALA 74  74  74  ALA ALA A . n 
A 1 75  THR 75  75  75  THR THR A . n 
A 1 76  VAL 76  76  76  VAL VAL A . n 
A 1 77  ALA 77  77  77  ALA ALA A . n 
A 1 78  THR 78  78  78  THR THR A . n 
A 1 79  GLU 79  79  79  GLU GLU A . n 
A 1 80  VAL 80  80  80  VAL VAL A . n 
A 1 81  ASN 81  81  81  ASN ASN A . n 
A 1 82  THR 82  82  82  THR THR A . n 
A 1 83  SER 83  83  83  SER SER A . n 
A 1 84  ILE 84  84  84  ILE ILE A . n 
A 1 85  GLN 85  85  85  GLN GLN A . n 
A 1 86  ILE 86  86  86  ILE ILE A . n 
A 1 87  ARG 87  87  87  ARG ARG A . n 
A 1 88  SER 88  88  88  SER SER A . n 
A 1 89  ASP 89  89  89  ASP ASP A . n 
A 1 90  SER 90  90  90  SER SER A . n 
A 1 91  PRO 91  91  91  PRO PRO A . n 
A 1 92  THR 92  92  92  THR THR A . n 
A 1 93  GLY 93  93  93  GLY GLY A . n 
A 1 94  THR 94  94  94  THR THR A . n 
A 1 95  LEU 95  95  95  LEU LEU A . n 
A 1 96  LEU 96  96  96  LEU LEU A . n 
A 1 97  GLY 97  97  97  GLY GLY A . n 
A 1 98  THR 98  98  98  THR THR A . n 
A 1 99  LEU 99  99  99  LEU LEU A . n 
A 1 100 TYR 100 100 100 TYR TYR A . n 
A 1 101 VAL 101 101 101 VAL VAL A . n 
A 1 102 SER 102 102 102 SER SER A . n 
A 1 103 SER 103 103 103 SER SER A . n 
A 1 104 THR 104 104 104 THR THR A . n 
A 1 105 GLY 105 105 105 GLY GLY A . n 
A 1 106 SER 106 106 106 SER SER A . n 
A 1 107 TRP 107 107 107 TRP TRP A . n 
A 1 108 ASN 108 108 108 ASN ASN A . n 
A 1 109 THR 109 109 109 THR THR A . n 
A 1 110 TYR 110 110 110 TYR TYR A . n 
A 1 111 ASN 111 111 111 ASN ASN A . n 
A 1 112 THR 112 112 112 THR THR A . n 
A 1 113 VAL 113 113 113 VAL VAL A . n 
A 1 114 SER 114 114 114 SER SER A . n 
A 1 115 THR 115 115 115 THR THR A . n 
A 1 116 ASN 116 116 116 ASN ASN A . n 
A 1 117 ILE 117 117 117 ILE ILE A . n 
A 1 118 SER 118 118 118 SER SER A . n 
A 1 119 LYS 119 119 119 LYS LYS A . n 
A 1 120 ILE 120 120 120 ILE ILE A . n 
A 1 121 THR 121 121 121 THR THR A . n 
A 1 122 GLY 122 122 122 GLY GLY A . n 
A 1 123 VAL 123 123 123 VAL VAL A . n 
A 1 124 HIS 124 124 124 HIS HIS A . n 
A 1 125 ASP 125 125 125 ASP ASP A . n 
A 1 126 ILE 126 126 126 ILE ILE A . n 
A 1 127 VAL 127 127 127 VAL VAL A . n 
A 1 128 LEU 128 128 128 LEU LEU A . n 
A 1 129 VAL 129 129 129 VAL VAL A . n 
A 1 130 PHE 130 130 130 PHE PHE A . n 
A 1 131 SER 131 131 131 SER SER A . n 
A 1 132 GLY 132 132 132 GLY GLY A . n 
A 1 133 PRO 133 133 133 PRO PRO A . n 
A 1 134 VAL 134 134 134 VAL VAL A . n 
A 1 135 ASN 135 135 135 ASN ASN A . n 
A 1 136 VAL 136 136 136 VAL VAL A . n 
A 1 137 ASP 137 137 137 ASP ASP A . n 
A 1 138 ASN 138 138 138 ASN ASN A . n 
A 1 139 PHE 139 139 139 PHE PHE A . n 
A 1 140 ILE 140 140 140 ILE ILE A . n 
A 1 141 PHE 141 141 141 PHE PHE A . n 
A 1 142 SER 142 142 142 SER SER A . n 
A 1 143 ARG 143 143 143 ARG ARG A . n 
A 1 144 SER 144 144 144 SER SER A . n 
A 1 145 SER 145 145 145 SER SER A . n 
# 
loop_
_pdbx_nonpoly_scheme.asym_id 
_pdbx_nonpoly_scheme.entity_id 
_pdbx_nonpoly_scheme.mon_id 
_pdbx_nonpoly_scheme.ndb_seq_num 
_pdbx_nonpoly_scheme.pdb_seq_num 
_pdbx_nonpoly_scheme.auth_seq_num 
_pdbx_nonpoly_scheme.pdb_mon_id 
_pdbx_nonpoly_scheme.auth_mon_id 
_pdbx_nonpoly_scheme.pdb_strand_id 
_pdbx_nonpoly_scheme.pdb_ins_code 
C 3 NA  1   1146 1146 NA  NA  A . 
D 4 CA  1   1147 1147 CA  CA  A . 
E 5 GOL 1   1151 1151 GOL GOL A . 
F 6 HOH 1   2001 2001 HOH HOH A . 
F 6 HOH 2   2002 2002 HOH HOH A . 
F 6 HOH 3   2003 2003 HOH HOH A . 
F 6 HOH 4   2004 2004 HOH HOH A . 
F 6 HOH 5   2005 2005 HOH HOH A . 
F 6 HOH 6   2006 2006 HOH HOH A . 
F 6 HOH 7   2007 2007 HOH HOH A . 
F 6 HOH 8   2008 2008 HOH HOH A . 
F 6 HOH 9   2009 2009 HOH HOH A . 
F 6 HOH 10  2010 2010 HOH HOH A . 
F 6 HOH 11  2011 2011 HOH HOH A . 
F 6 HOH 12  2012 2012 HOH HOH A . 
F 6 HOH 13  2013 2013 HOH HOH A . 
F 6 HOH 14  2014 2014 HOH HOH A . 
F 6 HOH 15  2015 2015 HOH HOH A . 
F 6 HOH 16  2016 2016 HOH HOH A . 
F 6 HOH 17  2017 2017 HOH HOH A . 
F 6 HOH 18  2018 2018 HOH HOH A . 
F 6 HOH 19  2019 2019 HOH HOH A . 
F 6 HOH 20  2020 2020 HOH HOH A . 
F 6 HOH 21  2021 2021 HOH HOH A . 
F 6 HOH 22  2022 2022 HOH HOH A . 
F 6 HOH 23  2023 2023 HOH HOH A . 
F 6 HOH 24  2024 2024 HOH HOH A . 
F 6 HOH 25  2025 2025 HOH HOH A . 
F 6 HOH 26  2026 2026 HOH HOH A . 
F 6 HOH 27  2027 2027 HOH HOH A . 
F 6 HOH 28  2028 2028 HOH HOH A . 
F 6 HOH 29  2029 2029 HOH HOH A . 
F 6 HOH 30  2030 2030 HOH HOH A . 
F 6 HOH 31  2031 2031 HOH HOH A . 
F 6 HOH 32  2032 2032 HOH HOH A . 
F 6 HOH 33  2033 2033 HOH HOH A . 
F 6 HOH 34  2034 2034 HOH HOH A . 
F 6 HOH 35  2035 2035 HOH HOH A . 
F 6 HOH 36  2036 2036 HOH HOH A . 
F 6 HOH 37  2037 2037 HOH HOH A . 
F 6 HOH 38  2038 2038 HOH HOH A . 
F 6 HOH 39  2039 2039 HOH HOH A . 
F 6 HOH 40  2040 2040 HOH HOH A . 
F 6 HOH 41  2041 2041 HOH HOH A . 
F 6 HOH 42  2042 2042 HOH HOH A . 
F 6 HOH 43  2043 2043 HOH HOH A . 
F 6 HOH 44  2044 2044 HOH HOH A . 
F 6 HOH 45  2045 2045 HOH HOH A . 
F 6 HOH 46  2046 2046 HOH HOH A . 
F 6 HOH 47  2047 2047 HOH HOH A . 
F 6 HOH 48  2048 2048 HOH HOH A . 
F 6 HOH 49  2049 2049 HOH HOH A . 
F 6 HOH 50  2050 2050 HOH HOH A . 
F 6 HOH 51  2051 2051 HOH HOH A . 
F 6 HOH 52  2052 2052 HOH HOH A . 
F 6 HOH 53  2053 2053 HOH HOH A . 
F 6 HOH 54  2054 2054 HOH HOH A . 
F 6 HOH 55  2055 2055 HOH HOH A . 
F 6 HOH 56  2056 2056 HOH HOH A . 
F 6 HOH 57  2057 2057 HOH HOH A . 
F 6 HOH 58  2058 2058 HOH HOH A . 
F 6 HOH 59  2059 2059 HOH HOH A . 
F 6 HOH 60  2060 2060 HOH HOH A . 
F 6 HOH 61  2061 2061 HOH HOH A . 
F 6 HOH 62  2062 2062 HOH HOH A . 
F 6 HOH 63  2063 2063 HOH HOH A . 
F 6 HOH 64  2064 2064 HOH HOH A . 
F 6 HOH 65  2065 2065 HOH HOH A . 
F 6 HOH 66  2066 2066 HOH HOH A . 
F 6 HOH 67  2067 2067 HOH HOH A . 
F 6 HOH 68  2068 2068 HOH HOH A . 
F 6 HOH 69  2069 2069 HOH HOH A . 
F 6 HOH 70  2070 2070 HOH HOH A . 
F 6 HOH 71  2071 2071 HOH HOH A . 
F 6 HOH 72  2072 2072 HOH HOH A . 
F 6 HOH 73  2073 2073 HOH HOH A . 
F 6 HOH 74  2074 2074 HOH HOH A . 
F 6 HOH 75  2075 2075 HOH HOH A . 
F 6 HOH 76  2076 2076 HOH HOH A . 
F 6 HOH 77  2077 2077 HOH HOH A . 
F 6 HOH 78  2078 2078 HOH HOH A . 
F 6 HOH 79  2079 2079 HOH HOH A . 
F 6 HOH 80  2080 2080 HOH HOH A . 
F 6 HOH 81  2081 2081 HOH HOH A . 
F 6 HOH 82  2082 2082 HOH HOH A . 
F 6 HOH 83  2083 2083 HOH HOH A . 
F 6 HOH 84  2084 2084 HOH HOH A . 
F 6 HOH 85  2085 2085 HOH HOH A . 
F 6 HOH 86  2086 2086 HOH HOH A . 
F 6 HOH 87  2087 2087 HOH HOH A . 
F 6 HOH 88  2088 2088 HOH HOH A . 
F 6 HOH 89  2089 2089 HOH HOH A . 
F 6 HOH 90  2090 2090 HOH HOH A . 
F 6 HOH 91  2091 2091 HOH HOH A . 
F 6 HOH 92  2092 2092 HOH HOH A . 
F 6 HOH 93  2093 2093 HOH HOH A . 
F 6 HOH 94  2094 2094 HOH HOH A . 
F 6 HOH 95  2095 2095 HOH HOH A . 
F 6 HOH 96  2096 2096 HOH HOH A . 
F 6 HOH 97  2097 2097 HOH HOH A . 
F 6 HOH 98  2098 2098 HOH HOH A . 
F 6 HOH 99  2099 2099 HOH HOH A . 
F 6 HOH 100 2100 2100 HOH HOH A . 
F 6 HOH 101 2101 2101 HOH HOH A . 
F 6 HOH 102 2102 2102 HOH HOH A . 
F 6 HOH 103 2103 2103 HOH HOH A . 
F 6 HOH 104 2104 2104 HOH HOH A . 
F 6 HOH 105 2105 2105 HOH HOH A . 
F 6 HOH 106 2106 2106 HOH HOH A . 
F 6 HOH 107 2107 2107 HOH HOH A . 
F 6 HOH 108 2108 2108 HOH HOH A . 
F 6 HOH 109 2109 2109 HOH HOH A . 
F 6 HOH 110 2110 2110 HOH HOH A . 
F 6 HOH 111 2111 2111 HOH HOH A . 
F 6 HOH 112 2112 2112 HOH HOH A . 
F 6 HOH 113 2113 2113 HOH HOH A . 
F 6 HOH 114 2114 2114 HOH HOH A . 
F 6 HOH 115 2115 2115 HOH HOH A . 
F 6 HOH 116 2116 2116 HOH HOH A . 
F 6 HOH 117 2117 2117 HOH HOH A . 
F 6 HOH 118 2118 2118 HOH HOH A . 
F 6 HOH 119 2119 2119 HOH HOH A . 
F 6 HOH 120 2120 2120 HOH HOH A . 
F 6 HOH 121 2121 2121 HOH HOH A . 
F 6 HOH 122 2122 2122 HOH HOH A . 
F 6 HOH 123 2123 2123 HOH HOH A . 
F 6 HOH 124 2124 2124 HOH HOH A . 
F 6 HOH 125 2125 2125 HOH HOH A . 
F 6 HOH 126 2126 2126 HOH HOH A . 
F 6 HOH 127 2127 2127 HOH HOH A . 
F 6 HOH 128 2128 2128 HOH HOH A . 
F 6 HOH 129 2129 2129 HOH HOH A . 
F 6 HOH 130 2130 2130 HOH HOH A . 
F 6 HOH 131 2131 2131 HOH HOH A . 
F 6 HOH 132 2132 2132 HOH HOH A . 
F 6 HOH 133 2133 2133 HOH HOH A . 
F 6 HOH 134 2134 2134 HOH HOH A . 
F 6 HOH 135 2135 2135 HOH HOH A . 
F 6 HOH 136 2136 2136 HOH HOH A . 
F 6 HOH 137 2137 2137 HOH HOH A . 
F 6 HOH 138 2138 2138 HOH HOH A . 
F 6 HOH 139 2139 2139 HOH HOH A . 
F 6 HOH 140 2140 2140 HOH HOH A . 
F 6 HOH 141 2141 2141 HOH HOH A . 
F 6 HOH 142 2142 2142 HOH HOH A . 
F 6 HOH 143 2143 2143 HOH HOH A . 
F 6 HOH 144 2144 2144 HOH HOH A . 
F 6 HOH 145 2145 2145 HOH HOH A . 
F 6 HOH 146 2146 2146 HOH HOH A . 
F 6 HOH 147 2147 2147 HOH HOH A . 
F 6 HOH 148 2148 2148 HOH HOH A . 
F 6 HOH 149 2149 2149 HOH HOH A . 
F 6 HOH 150 2150 2150 HOH HOH A . 
F 6 HOH 151 2151 2151 HOH HOH A . 
F 6 HOH 152 2152 2152 HOH HOH A . 
F 6 HOH 153 2153 2153 HOH HOH A . 
F 6 HOH 154 2154 2154 HOH HOH A . 
F 6 HOH 155 2155 2155 HOH HOH A . 
F 6 HOH 156 2156 2156 HOH HOH A . 
# 
_pdbx_molecule_features.prd_id    PRD_900117 
_pdbx_molecule_features.name      4beta-beta-xylotriose 
_pdbx_molecule_features.type      Oligosaccharide 
_pdbx_molecule_features.class     Metabolism 
_pdbx_molecule_features.details   oligosaccharide 
# 
_pdbx_molecule.instance_id   1 
_pdbx_molecule.prd_id        PRD_900117 
_pdbx_molecule.asym_id       B 
# 
_pdbx_struct_assembly.id                   1 
_pdbx_struct_assembly.details              author_and_software_defined_assembly 
_pdbx_struct_assembly.method_details       PQS 
_pdbx_struct_assembly.oligomeric_details   monomeric 
_pdbx_struct_assembly.oligomeric_count     1 
# 
_pdbx_struct_assembly_gen.assembly_id       1 
_pdbx_struct_assembly_gen.oper_expression   1 
_pdbx_struct_assembly_gen.asym_id_list      A,B,C,D,E,F 
# 
_pdbx_struct_oper_list.id                   1 
_pdbx_struct_oper_list.type                 'identity operation' 
_pdbx_struct_oper_list.name                 1_555 
_pdbx_struct_oper_list.symmetry_operation   x,y,z 
_pdbx_struct_oper_list.matrix[1][1]         1.0000000000 
_pdbx_struct_oper_list.matrix[1][2]         0.0000000000 
_pdbx_struct_oper_list.matrix[1][3]         0.0000000000 
_pdbx_struct_oper_list.vector[1]            0.0000000000 
_pdbx_struct_oper_list.matrix[2][1]         0.0000000000 
_pdbx_struct_oper_list.matrix[2][2]         1.0000000000 
_pdbx_struct_oper_list.matrix[2][3]         0.0000000000 
_pdbx_struct_oper_list.vector[2]            0.0000000000 
_pdbx_struct_oper_list.matrix[3][1]         0.0000000000 
_pdbx_struct_oper_list.matrix[3][2]         0.0000000000 
_pdbx_struct_oper_list.matrix[3][3]         1.0000000000 
_pdbx_struct_oper_list.vector[3]            0.0000000000 
# 
_pdbx_struct_special_symmetry.id              1 
_pdbx_struct_special_symmetry.PDB_model_num   1 
_pdbx_struct_special_symmetry.auth_asym_id    A 
_pdbx_struct_special_symmetry.auth_comp_id    HOH 
_pdbx_struct_special_symmetry.auth_seq_id     2143 
_pdbx_struct_special_symmetry.PDB_ins_code    ? 
_pdbx_struct_special_symmetry.label_asym_id   F 
_pdbx_struct_special_symmetry.label_comp_id   HOH 
_pdbx_struct_special_symmetry.label_seq_id    . 
# 
loop_
_pdbx_struct_conn_angle.id 
_pdbx_struct_conn_angle.ptnr1_label_atom_id 
_pdbx_struct_conn_angle.ptnr1_label_alt_id 
_pdbx_struct_conn_angle.ptnr1_label_asym_id 
_pdbx_struct_conn_angle.ptnr1_label_comp_id 
_pdbx_struct_conn_angle.ptnr1_label_seq_id 
_pdbx_struct_conn_angle.ptnr1_auth_atom_id 
_pdbx_struct_conn_angle.ptnr1_auth_asym_id 
_pdbx_struct_conn_angle.ptnr1_auth_comp_id 
_pdbx_struct_conn_angle.ptnr1_auth_seq_id 
_pdbx_struct_conn_angle.ptnr1_PDB_ins_code 
_pdbx_struct_conn_angle.ptnr1_symmetry 
_pdbx_struct_conn_angle.ptnr2_label_atom_id 
_pdbx_struct_conn_angle.ptnr2_label_alt_id 
_pdbx_struct_conn_angle.ptnr2_label_asym_id 
_pdbx_struct_conn_angle.ptnr2_label_comp_id 
_pdbx_struct_conn_angle.ptnr2_label_seq_id 
_pdbx_struct_conn_angle.ptnr2_auth_atom_id 
_pdbx_struct_conn_angle.ptnr2_auth_asym_id 
_pdbx_struct_conn_angle.ptnr2_auth_comp_id 
_pdbx_struct_conn_angle.ptnr2_auth_seq_id 
_pdbx_struct_conn_angle.ptnr2_PDB_ins_code 
_pdbx_struct_conn_angle.ptnr2_symmetry 
_pdbx_struct_conn_angle.ptnr3_label_atom_id 
_pdbx_struct_conn_angle.ptnr3_label_alt_id 
_pdbx_struct_conn_angle.ptnr3_label_asym_id 
_pdbx_struct_conn_angle.ptnr3_label_comp_id 
_pdbx_struct_conn_angle.ptnr3_label_seq_id 
_pdbx_struct_conn_angle.ptnr3_auth_atom_id 
_pdbx_struct_conn_angle.ptnr3_auth_asym_id 
_pdbx_struct_conn_angle.ptnr3_auth_comp_id 
_pdbx_struct_conn_angle.ptnr3_auth_seq_id 
_pdbx_struct_conn_angle.ptnr3_PDB_ins_code 
_pdbx_struct_conn_angle.ptnr3_symmetry 
_pdbx_struct_conn_angle.value 
_pdbx_struct_conn_angle.value_esd 
1  OE1 ? A GLU 25  ? A GLU 25   ? 1_555 CA ? D CA . ? A CA 1147 ? 1_555 OE1 ? A GLU 27  ? A GLU 27   ? 1_555 101.1 ? 
2  OE1 ? A GLU 25  ? A GLU 25   ? 1_555 CA ? D CA . ? A CA 1147 ? 1_555 OE2 ? A GLU 27  ? A GLU 27   ? 1_555 87.4  ? 
3  OE1 ? A GLU 27  ? A GLU 27   ? 1_555 CA ? D CA . ? A CA 1147 ? 1_555 OE2 ? A GLU 27  ? A GLU 27   ? 1_555 51.9  ? 
4  OE1 ? A GLU 25  ? A GLU 25   ? 1_555 CA ? D CA . ? A CA 1147 ? 1_555 O   ? A ARG 47  ? A ARG 47   ? 1_555 168.7 ? 
5  OE1 ? A GLU 27  ? A GLU 27   ? 1_555 CA ? D CA . ? A CA 1147 ? 1_555 O   ? A ARG 47  ? A ARG 47   ? 1_555 80.2  ? 
6  OE2 ? A GLU 27  ? A GLU 27   ? 1_555 CA ? D CA . ? A CA 1147 ? 1_555 O   ? A ARG 47  ? A ARG 47   ? 1_555 84.6  ? 
7  OE1 ? A GLU 25  ? A GLU 25   ? 1_555 CA ? D CA . ? A CA 1147 ? 1_555 O   ? A ASP 137 ? A ASP 137  ? 1_555 87.6  ? 
8  OE1 ? A GLU 27  ? A GLU 27   ? 1_555 CA ? D CA . ? A CA 1147 ? 1_555 O   ? A ASP 137 ? A ASP 137  ? 1_555 75.6  ? 
9  OE2 ? A GLU 27  ? A GLU 27   ? 1_555 CA ? D CA . ? A CA 1147 ? 1_555 O   ? A ASP 137 ? A ASP 137  ? 1_555 124.9 ? 
10 O   ? A ARG 47  ? A ARG 47   ? 1_555 CA ? D CA . ? A CA 1147 ? 1_555 O   ? A ASP 137 ? A ASP 137  ? 1_555 103.6 ? 
11 OE1 ? A GLU 25  ? A GLU 25   ? 1_555 CA ? D CA . ? A CA 1147 ? 1_555 OD1 ? A ASP 137 ? A ASP 137  ? 1_555 100.4 ? 
12 OE1 ? A GLU 27  ? A GLU 27   ? 1_555 CA ? D CA . ? A CA 1147 ? 1_555 OD1 ? A ASP 137 ? A ASP 137  ? 1_555 141.6 ? 
13 OE2 ? A GLU 27  ? A GLU 27   ? 1_555 CA ? D CA . ? A CA 1147 ? 1_555 OD1 ? A ASP 137 ? A ASP 137  ? 1_555 160.2 ? 
14 O   ? A ARG 47  ? A ARG 47   ? 1_555 CA ? D CA . ? A CA 1147 ? 1_555 OD1 ? A ASP 137 ? A ASP 137  ? 1_555 84.7  ? 
15 O   ? A ASP 137 ? A ASP 137  ? 1_555 CA ? D CA . ? A CA 1147 ? 1_555 OD1 ? A ASP 137 ? A ASP 137  ? 1_555 74.0  ? 
16 OE1 ? A GLU 25  ? A GLU 25   ? 1_555 CA ? D CA . ? A CA 1147 ? 1_555 O   ? F HOH .   ? A HOH 2056 ? 1_555 89.1  ? 
17 OE1 ? A GLU 27  ? A GLU 27   ? 1_555 CA ? D CA . ? A CA 1147 ? 1_555 O   ? F HOH .   ? A HOH 2056 ? 1_555 127.0 ? 
18 OE2 ? A GLU 27  ? A GLU 27   ? 1_555 CA ? D CA . ? A CA 1147 ? 1_555 O   ? F HOH .   ? A HOH 2056 ? 1_555 77.3  ? 
19 O   ? A ARG 47  ? A ARG 47   ? 1_555 CA ? D CA . ? A CA 1147 ? 1_555 O   ? F HOH .   ? A HOH 2056 ? 1_555 81.3  ? 
20 O   ? A ASP 137 ? A ASP 137  ? 1_555 CA ? D CA . ? A CA 1147 ? 1_555 O   ? F HOH .   ? A HOH 2056 ? 1_555 157.3 ? 
21 OD1 ? A ASP 137 ? A ASP 137  ? 1_555 CA ? D CA . ? A CA 1147 ? 1_555 O   ? F HOH .   ? A HOH 2056 ? 1_555 84.6  ? 
22 OG  ? A SER 35  ? A SER 35   ? 1_555 NA ? C NA . ? A NA 1146 ? 1_555 O   ? A THR 98  ? A THR 98   ? 3_545 92.4  ? 
23 OG  ? A SER 35  ? A SER 35   ? 1_555 NA ? C NA . ? A NA 1146 ? 1_555 OG1 ? A THR 115 ? A THR 115  ? 3_545 163.6 ? 
24 O   ? A THR 98  ? A THR 98   ? 3_545 NA ? C NA . ? A NA 1146 ? 1_555 OG1 ? A THR 115 ? A THR 115  ? 3_545 82.6  ? 
25 OG  ? A SER 35  ? A SER 35   ? 1_555 NA ? C NA . ? A NA 1146 ? 1_555 O   ? F HOH .   ? A HOH 2123 ? 3_545 106.4 ? 
26 O   ? A THR 98  ? A THR 98   ? 3_545 NA ? C NA . ? A NA 1146 ? 1_555 O   ? F HOH .   ? A HOH 2123 ? 3_545 100.4 ? 
27 OG1 ? A THR 115 ? A THR 115  ? 3_545 NA ? C NA . ? A NA 1146 ? 1_555 O   ? F HOH .   ? A HOH 2123 ? 3_545 89.9  ? 
28 OG  ? A SER 35  ? A SER 35   ? 1_555 NA ? C NA . ? A NA 1146 ? 1_555 O   ? F HOH .   ? A HOH 2125 ? 3_545 83.8  ? 
29 O   ? A THR 98  ? A THR 98   ? 3_545 NA ? C NA . ? A NA 1146 ? 1_555 O   ? F HOH .   ? A HOH 2125 ? 3_545 90.3  ? 
30 OG1 ? A THR 115 ? A THR 115  ? 3_545 NA ? C NA . ? A NA 1146 ? 1_555 O   ? F HOH .   ? A HOH 2125 ? 3_545 80.6  ? 
31 O   ? F HOH .   ? A HOH 2123 ? 3_545 NA ? C NA . ? A NA 1146 ? 1_555 O   ? F HOH .   ? A HOH 2125 ? 3_545 164.7 ? 
32 OG  ? A SER 35  ? A SER 35   ? 1_555 NA ? C NA . ? A NA 1146 ? 1_555 O   ? F HOH .   ? A HOH 2126 ? 3_545 98.9  ? 
33 O   ? A THR 98  ? A THR 98   ? 3_545 NA ? C NA . ? A NA 1146 ? 1_555 O   ? F HOH .   ? A HOH 2126 ? 3_545 163.6 ? 
34 OG1 ? A THR 115 ? A THR 115  ? 3_545 NA ? C NA . ? A NA 1146 ? 1_555 O   ? F HOH .   ? A HOH 2126 ? 3_545 89.5  ? 
35 O   ? F HOH .   ? A HOH 2123 ? 3_545 NA ? C NA . ? A NA 1146 ? 1_555 O   ? F HOH .   ? A HOH 2126 ? 3_545 65.1  ? 
36 O   ? F HOH .   ? A HOH 2125 ? 3_545 NA ? C NA . ? A NA 1146 ? 1_555 O   ? F HOH .   ? A HOH 2126 ? 3_545 102.6 ? 
# 
loop_
_pdbx_audit_revision_history.ordinal 
_pdbx_audit_revision_history.data_content_type 
_pdbx_audit_revision_history.major_revision 
_pdbx_audit_revision_history.minor_revision 
_pdbx_audit_revision_history.revision_date 
1 'Structure model' 1 0 2004-06-18 
2 'Structure model' 1 1 2011-05-07 
3 'Structure model' 1 2 2011-07-13 
4 'Structure model' 1 3 2017-07-05 
5 'Structure model' 2 0 2020-07-29 
6 'Structure model' 2 1 2023-12-13 
# 
loop_
_pdbx_audit_revision_details.ordinal 
_pdbx_audit_revision_details.revision_ordinal 
_pdbx_audit_revision_details.data_content_type 
_pdbx_audit_revision_details.provider 
_pdbx_audit_revision_details.type 
_pdbx_audit_revision_details.description 
_pdbx_audit_revision_details.details 
1 1 'Structure model' repository 'Initial release' ?                          ? 
2 5 'Structure model' repository Remediation       'Carbohydrate remediation' ? 
# 
loop_
_pdbx_audit_revision_group.ordinal 
_pdbx_audit_revision_group.revision_ordinal 
_pdbx_audit_revision_group.data_content_type 
_pdbx_audit_revision_group.group 
1  2 'Structure model' 'Version format compliance' 
2  3 'Structure model' 'Version format compliance' 
3  4 'Structure model' 'Data collection'           
4  5 'Structure model' 'Atomic model'              
5  5 'Structure model' 'Data collection'           
6  5 'Structure model' 'Derived calculations'      
7  5 'Structure model' Other                       
8  5 'Structure model' 'Structure summary'         
9  6 'Structure model' 'Data collection'           
10 6 'Structure model' 'Database references'       
11 6 'Structure model' 'Derived calculations'      
12 6 'Structure model' 'Refinement description'    
13 6 'Structure model' 'Structure summary'         
# 
loop_
_pdbx_audit_revision_category.ordinal 
_pdbx_audit_revision_category.revision_ordinal 
_pdbx_audit_revision_category.data_content_type 
_pdbx_audit_revision_category.category 
1  4 'Structure model' diffrn_source                 
2  5 'Structure model' atom_site                     
3  5 'Structure model' chem_comp                     
4  5 'Structure model' entity                        
5  5 'Structure model' entity_name_com               
6  5 'Structure model' pdbx_branch_scheme            
7  5 'Structure model' pdbx_chem_comp_identifier     
8  5 'Structure model' pdbx_database_status          
9  5 'Structure model' pdbx_entity_branch            
10 5 'Structure model' pdbx_entity_branch_descriptor 
11 5 'Structure model' pdbx_entity_branch_link       
12 5 'Structure model' pdbx_entity_branch_list       
13 5 'Structure model' pdbx_entity_nonpoly           
14 5 'Structure model' pdbx_molecule_features        
15 5 'Structure model' pdbx_nonpoly_scheme           
16 5 'Structure model' pdbx_struct_assembly_gen      
17 5 'Structure model' pdbx_struct_conn_angle        
18 5 'Structure model' pdbx_struct_special_symmetry  
19 5 'Structure model' struct_asym                   
20 5 'Structure model' struct_conn                   
21 5 'Structure model' struct_conn_type              
22 5 'Structure model' struct_site                   
23 5 'Structure model' struct_site_gen               
24 6 'Structure model' chem_comp                     
25 6 'Structure model' chem_comp_atom                
26 6 'Structure model' chem_comp_bond                
27 6 'Structure model' database_2                    
28 6 'Structure model' pdbx_initial_refinement_model 
29 6 'Structure model' struct_conn                   
# 
loop_
_pdbx_audit_revision_item.ordinal 
_pdbx_audit_revision_item.revision_ordinal 
_pdbx_audit_revision_item.data_content_type 
_pdbx_audit_revision_item.item 
1  4 'Structure model' '_diffrn_source.type'                         
2  5 'Structure model' '_atom_site.B_iso_or_equiv'                   
3  5 'Structure model' '_atom_site.Cartn_x'                          
4  5 'Structure model' '_atom_site.Cartn_y'                          
5  5 'Structure model' '_atom_site.Cartn_z'                          
6  5 'Structure model' '_atom_site.auth_asym_id'                     
7  5 'Structure model' '_atom_site.auth_atom_id'                     
8  5 'Structure model' '_atom_site.auth_comp_id'                     
9  5 'Structure model' '_atom_site.auth_seq_id'                      
10 5 'Structure model' '_atom_site.label_asym_id'                    
11 5 'Structure model' '_atom_site.label_atom_id'                    
12 5 'Structure model' '_atom_site.label_comp_id'                    
13 5 'Structure model' '_atom_site.label_entity_id'                  
14 5 'Structure model' '_atom_site.type_symbol'                      
15 5 'Structure model' '_chem_comp.name'                             
16 5 'Structure model' '_chem_comp.type'                             
17 5 'Structure model' '_entity.formula_weight'                      
18 5 'Structure model' '_entity.pdbx_description'                    
19 5 'Structure model' '_entity.pdbx_number_of_molecules'            
20 5 'Structure model' '_entity.src_method'                          
21 5 'Structure model' '_entity.type'                                
22 5 'Structure model' '_pdbx_database_status.status_code_sf'        
23 5 'Structure model' '_pdbx_struct_assembly_gen.asym_id_list'      
24 5 'Structure model' '_pdbx_struct_conn_angle.ptnr1_auth_comp_id'  
25 5 'Structure model' '_pdbx_struct_conn_angle.ptnr1_auth_seq_id'   
26 5 'Structure model' '_pdbx_struct_conn_angle.ptnr1_label_asym_id' 
27 5 'Structure model' '_pdbx_struct_conn_angle.ptnr1_label_atom_id' 
28 5 'Structure model' '_pdbx_struct_conn_angle.ptnr1_label_comp_id' 
29 5 'Structure model' '_pdbx_struct_conn_angle.ptnr1_label_seq_id'  
30 5 'Structure model' '_pdbx_struct_conn_angle.ptnr1_symmetry'      
31 5 'Structure model' '_pdbx_struct_conn_angle.ptnr2_auth_comp_id'  
32 5 'Structure model' '_pdbx_struct_conn_angle.ptnr2_auth_seq_id'   
33 5 'Structure model' '_pdbx_struct_conn_angle.ptnr2_label_asym_id' 
34 5 'Structure model' '_pdbx_struct_conn_angle.ptnr2_label_atom_id' 
35 5 'Structure model' '_pdbx_struct_conn_angle.ptnr2_label_comp_id' 
36 5 'Structure model' '_pdbx_struct_conn_angle.ptnr3_auth_comp_id'  
37 5 'Structure model' '_pdbx_struct_conn_angle.ptnr3_auth_seq_id'   
38 5 'Structure model' '_pdbx_struct_conn_angle.ptnr3_label_asym_id' 
39 5 'Structure model' '_pdbx_struct_conn_angle.ptnr3_label_atom_id' 
40 5 'Structure model' '_pdbx_struct_conn_angle.ptnr3_label_comp_id' 
41 5 'Structure model' '_pdbx_struct_conn_angle.ptnr3_label_seq_id'  
42 5 'Structure model' '_pdbx_struct_conn_angle.ptnr3_symmetry'      
43 5 'Structure model' '_pdbx_struct_conn_angle.value'               
44 5 'Structure model' '_pdbx_struct_special_symmetry.label_asym_id' 
45 5 'Structure model' '_struct_conn.conn_type_id'                   
46 5 'Structure model' '_struct_conn.id'                             
47 5 'Structure model' '_struct_conn.pdbx_dist_value'                
48 5 'Structure model' '_struct_conn.pdbx_leaving_atom_flag'         
49 5 'Structure model' '_struct_conn.ptnr1_auth_asym_id'             
50 5 'Structure model' '_struct_conn.ptnr1_auth_comp_id'             
51 5 'Structure model' '_struct_conn.ptnr1_auth_seq_id'              
52 5 'Structure model' '_struct_conn.ptnr1_label_asym_id'            
53 5 'Structure model' '_struct_conn.ptnr1_label_atom_id'            
54 5 'Structure model' '_struct_conn.ptnr1_label_comp_id'            
55 5 'Structure model' '_struct_conn.ptnr1_label_seq_id'             
56 5 'Structure model' '_struct_conn.ptnr1_symmetry'                 
57 5 'Structure model' '_struct_conn.ptnr2_auth_asym_id'             
58 5 'Structure model' '_struct_conn.ptnr2_auth_comp_id'             
59 5 'Structure model' '_struct_conn.ptnr2_auth_seq_id'              
60 5 'Structure model' '_struct_conn.ptnr2_label_asym_id'            
61 5 'Structure model' '_struct_conn.ptnr2_label_atom_id'            
62 5 'Structure model' '_struct_conn.ptnr2_label_comp_id'            
63 5 'Structure model' '_struct_conn.ptnr2_label_seq_id'             
64 5 'Structure model' '_struct_conn.ptnr2_symmetry'                 
65 5 'Structure model' '_struct_conn_type.id'                        
66 6 'Structure model' '_chem_comp.pdbx_synonyms'                    
67 6 'Structure model' '_database_2.pdbx_DOI'                        
68 6 'Structure model' '_database_2.pdbx_database_accession'         
69 6 'Structure model' '_struct_conn.pdbx_leaving_atom_flag'         
# 
loop_
_software.name 
_software.classification 
_software.version 
_software.citation_id 
_software.pdbx_ordinal 
REFMAC refinement       5.1.24 ? 1 
d*TREK 'data reduction' .      ? 2 
d*TREK 'data scaling'   .      ? 3 
MOLREP phasing          .      ? 4 
# 
_pdbx_database_remark.id     700 
_pdbx_database_remark.text   
;
SHEET
THE SHEET STRUCTURE OF THIS MOLECULE IS BIFURCATED. IN
ORDER TO REPRESENT THIS FEATURE IN THE SHEET RECORDS BELOW,
TWO SHEETS ARE DEFINED.
;
# 
_pdbx_validate_close_contact.id               1 
_pdbx_validate_close_contact.PDB_model_num    1 
_pdbx_validate_close_contact.auth_atom_id_1   ND2 
_pdbx_validate_close_contact.auth_asym_id_1   A 
_pdbx_validate_close_contact.auth_comp_id_1   ASN 
_pdbx_validate_close_contact.auth_seq_id_1    111 
_pdbx_validate_close_contact.PDB_ins_code_1   ? 
_pdbx_validate_close_contact.label_alt_id_1   ? 
_pdbx_validate_close_contact.auth_atom_id_2   O 
_pdbx_validate_close_contact.auth_asym_id_2   A 
_pdbx_validate_close_contact.auth_comp_id_2   HOH 
_pdbx_validate_close_contact.auth_seq_id_2    2117 
_pdbx_validate_close_contact.PDB_ins_code_2   ? 
_pdbx_validate_close_contact.label_alt_id_2   ? 
_pdbx_validate_close_contact.dist             2.18 
# 
_pdbx_validate_symm_contact.id                1 
_pdbx_validate_symm_contact.PDB_model_num     1 
_pdbx_validate_symm_contact.auth_atom_id_1    O 
_pdbx_validate_symm_contact.auth_asym_id_1    A 
_pdbx_validate_symm_contact.auth_comp_id_1    HOH 
_pdbx_validate_symm_contact.auth_seq_id_1     2116 
_pdbx_validate_symm_contact.PDB_ins_code_1    ? 
_pdbx_validate_symm_contact.label_alt_id_1    ? 
_pdbx_validate_symm_contact.site_symmetry_1   1_555 
_pdbx_validate_symm_contact.auth_atom_id_2    O 
_pdbx_validate_symm_contact.auth_asym_id_2    A 
_pdbx_validate_symm_contact.auth_comp_id_2    HOH 
_pdbx_validate_symm_contact.auth_seq_id_2     2146 
_pdbx_validate_symm_contact.PDB_ins_code_2    ? 
_pdbx_validate_symm_contact.label_alt_id_2    ? 
_pdbx_validate_symm_contact.site_symmetry_2   7_555 
_pdbx_validate_symm_contact.dist              1.96 
# 
_pdbx_validate_rmsd_angle.id                         1 
_pdbx_validate_rmsd_angle.PDB_model_num              1 
_pdbx_validate_rmsd_angle.auth_atom_id_1             CB 
_pdbx_validate_rmsd_angle.auth_asym_id_1             A 
_pdbx_validate_rmsd_angle.auth_comp_id_1             ASP 
_pdbx_validate_rmsd_angle.auth_seq_id_1              19 
_pdbx_validate_rmsd_angle.PDB_ins_code_1             ? 
_pdbx_validate_rmsd_angle.label_alt_id_1             ? 
_pdbx_validate_rmsd_angle.auth_atom_id_2             CG 
_pdbx_validate_rmsd_angle.auth_asym_id_2             A 
_pdbx_validate_rmsd_angle.auth_comp_id_2             ASP 
_pdbx_validate_rmsd_angle.auth_seq_id_2              19 
_pdbx_validate_rmsd_angle.PDB_ins_code_2             ? 
_pdbx_validate_rmsd_angle.label_alt_id_2             ? 
_pdbx_validate_rmsd_angle.auth_atom_id_3             OD1 
_pdbx_validate_rmsd_angle.auth_asym_id_3             A 
_pdbx_validate_rmsd_angle.auth_comp_id_3             ASP 
_pdbx_validate_rmsd_angle.auth_seq_id_3              19 
_pdbx_validate_rmsd_angle.PDB_ins_code_3             ? 
_pdbx_validate_rmsd_angle.label_alt_id_3             ? 
_pdbx_validate_rmsd_angle.angle_value                125.95 
_pdbx_validate_rmsd_angle.angle_target_value         118.30 
_pdbx_validate_rmsd_angle.angle_deviation            7.65 
_pdbx_validate_rmsd_angle.angle_standard_deviation   0.90 
_pdbx_validate_rmsd_angle.linker_flag                N 
# 
loop_
_pdbx_validate_torsion.id 
_pdbx_validate_torsion.PDB_model_num 
_pdbx_validate_torsion.auth_comp_id 
_pdbx_validate_torsion.auth_asym_id 
_pdbx_validate_torsion.auth_seq_id 
_pdbx_validate_torsion.PDB_ins_code 
_pdbx_validate_torsion.label_alt_id 
_pdbx_validate_torsion.phi 
_pdbx_validate_torsion.psi 
1 1 GLU A 28 ? ? -99.28 55.08  
2 1 ASP A 89 ? ? 76.09  -42.65 
# 
loop_
_pdbx_unobs_or_zero_occ_residues.id 
_pdbx_unobs_or_zero_occ_residues.PDB_model_num 
_pdbx_unobs_or_zero_occ_residues.polymer_flag 
_pdbx_unobs_or_zero_occ_residues.occupancy_flag 
_pdbx_unobs_or_zero_occ_residues.auth_asym_id 
_pdbx_unobs_or_zero_occ_residues.auth_comp_id 
_pdbx_unobs_or_zero_occ_residues.auth_seq_id 
_pdbx_unobs_or_zero_occ_residues.PDB_ins_code 
_pdbx_unobs_or_zero_occ_residues.label_asym_id 
_pdbx_unobs_or_zero_occ_residues.label_comp_id 
_pdbx_unobs_or_zero_occ_residues.label_seq_id 
1  1 Y 1 A GLY 1  ? A GLY 1  
2  1 Y 1 A SER 2  ? A SER 2  
3  1 Y 1 A HIS 3  ? A HIS 3  
4  1 Y 1 A MET 4  ? A MET 4  
5  1 Y 1 A ALA 5  ? A ALA 5  
6  1 Y 1 A SER 6  ? A SER 6  
7  1 Y 1 A PRO 7  ? A PRO 7  
8  1 Y 1 A THR 8  ? A THR 8  
9  1 Y 1 A PRO 9  ? A PRO 9  
10 1 Y 1 A ALA 10 ? A ALA 10 
11 1 Y 1 A PRO 11 ? A PRO 11 
12 1 Y 1 A SER 12 ? A SER 12 
13 1 Y 1 A GLN 13 ? A GLN 13 
# 
loop_
_chem_comp_atom.comp_id 
_chem_comp_atom.atom_id 
_chem_comp_atom.type_symbol 
_chem_comp_atom.pdbx_aromatic_flag 
_chem_comp_atom.pdbx_stereo_config 
_chem_comp_atom.pdbx_ordinal 
ALA N    N  N N 1   
ALA CA   C  N S 2   
ALA C    C  N N 3   
ALA O    O  N N 4   
ALA CB   C  N N 5   
ALA OXT  O  N N 6   
ALA H    H  N N 7   
ALA H2   H  N N 8   
ALA HA   H  N N 9   
ALA HB1  H  N N 10  
ALA HB2  H  N N 11  
ALA HB3  H  N N 12  
ALA HXT  H  N N 13  
ARG N    N  N N 14  
ARG CA   C  N S 15  
ARG C    C  N N 16  
ARG O    O  N N 17  
ARG CB   C  N N 18  
ARG CG   C  N N 19  
ARG CD   C  N N 20  
ARG NE   N  N N 21  
ARG CZ   C  N N 22  
ARG NH1  N  N N 23  
ARG NH2  N  N N 24  
ARG OXT  O  N N 25  
ARG H    H  N N 26  
ARG H2   H  N N 27  
ARG HA   H  N N 28  
ARG HB2  H  N N 29  
ARG HB3  H  N N 30  
ARG HG2  H  N N 31  
ARG HG3  H  N N 32  
ARG HD2  H  N N 33  
ARG HD3  H  N N 34  
ARG HE   H  N N 35  
ARG HH11 H  N N 36  
ARG HH12 H  N N 37  
ARG HH21 H  N N 38  
ARG HH22 H  N N 39  
ARG HXT  H  N N 40  
ASN N    N  N N 41  
ASN CA   C  N S 42  
ASN C    C  N N 43  
ASN O    O  N N 44  
ASN CB   C  N N 45  
ASN CG   C  N N 46  
ASN OD1  O  N N 47  
ASN ND2  N  N N 48  
ASN OXT  O  N N 49  
ASN H    H  N N 50  
ASN H2   H  N N 51  
ASN HA   H  N N 52  
ASN HB2  H  N N 53  
ASN HB3  H  N N 54  
ASN HD21 H  N N 55  
ASN HD22 H  N N 56  
ASN HXT  H  N N 57  
ASP N    N  N N 58  
ASP CA   C  N S 59  
ASP C    C  N N 60  
ASP O    O  N N 61  
ASP CB   C  N N 62  
ASP CG   C  N N 63  
ASP OD1  O  N N 64  
ASP OD2  O  N N 65  
ASP OXT  O  N N 66  
ASP H    H  N N 67  
ASP H2   H  N N 68  
ASP HA   H  N N 69  
ASP HB2  H  N N 70  
ASP HB3  H  N N 71  
ASP HD2  H  N N 72  
ASP HXT  H  N N 73  
CA  CA   CA N N 74  
GLN N    N  N N 75  
GLN CA   C  N S 76  
GLN C    C  N N 77  
GLN O    O  N N 78  
GLN CB   C  N N 79  
GLN CG   C  N N 80  
GLN CD   C  N N 81  
GLN OE1  O  N N 82  
GLN NE2  N  N N 83  
GLN OXT  O  N N 84  
GLN H    H  N N 85  
GLN H2   H  N N 86  
GLN HA   H  N N 87  
GLN HB2  H  N N 88  
GLN HB3  H  N N 89  
GLN HG2  H  N N 90  
GLN HG3  H  N N 91  
GLN HE21 H  N N 92  
GLN HE22 H  N N 93  
GLN HXT  H  N N 94  
GLU N    N  N N 95  
GLU CA   C  N S 96  
GLU C    C  N N 97  
GLU O    O  N N 98  
GLU CB   C  N N 99  
GLU CG   C  N N 100 
GLU CD   C  N N 101 
GLU OE1  O  N N 102 
GLU OE2  O  N N 103 
GLU OXT  O  N N 104 
GLU H    H  N N 105 
GLU H2   H  N N 106 
GLU HA   H  N N 107 
GLU HB2  H  N N 108 
GLU HB3  H  N N 109 
GLU HG2  H  N N 110 
GLU HG3  H  N N 111 
GLU HE2  H  N N 112 
GLU HXT  H  N N 113 
GLY N    N  N N 114 
GLY CA   C  N N 115 
GLY C    C  N N 116 
GLY O    O  N N 117 
GLY OXT  O  N N 118 
GLY H    H  N N 119 
GLY H2   H  N N 120 
GLY HA2  H  N N 121 
GLY HA3  H  N N 122 
GLY HXT  H  N N 123 
GOL C1   C  N N 124 
GOL O1   O  N N 125 
GOL C2   C  N N 126 
GOL O2   O  N N 127 
GOL C3   C  N N 128 
GOL O3   O  N N 129 
GOL H11  H  N N 130 
GOL H12  H  N N 131 
GOL HO1  H  N N 132 
GOL H2   H  N N 133 
GOL HO2  H  N N 134 
GOL H31  H  N N 135 
GOL H32  H  N N 136 
GOL HO3  H  N N 137 
HIS N    N  N N 138 
HIS CA   C  N S 139 
HIS C    C  N N 140 
HIS O    O  N N 141 
HIS CB   C  N N 142 
HIS CG   C  Y N 143 
HIS ND1  N  Y N 144 
HIS CD2  C  Y N 145 
HIS CE1  C  Y N 146 
HIS NE2  N  Y N 147 
HIS OXT  O  N N 148 
HIS H    H  N N 149 
HIS H2   H  N N 150 
HIS HA   H  N N 151 
HIS HB2  H  N N 152 
HIS HB3  H  N N 153 
HIS HD1  H  N N 154 
HIS HD2  H  N N 155 
HIS HE1  H  N N 156 
HIS HE2  H  N N 157 
HIS HXT  H  N N 158 
HOH O    O  N N 159 
HOH H1   H  N N 160 
HOH H2   H  N N 161 
ILE N    N  N N 162 
ILE CA   C  N S 163 
ILE C    C  N N 164 
ILE O    O  N N 165 
ILE CB   C  N S 166 
ILE CG1  C  N N 167 
ILE CG2  C  N N 168 
ILE CD1  C  N N 169 
ILE OXT  O  N N 170 
ILE H    H  N N 171 
ILE H2   H  N N 172 
ILE HA   H  N N 173 
ILE HB   H  N N 174 
ILE HG12 H  N N 175 
ILE HG13 H  N N 176 
ILE HG21 H  N N 177 
ILE HG22 H  N N 178 
ILE HG23 H  N N 179 
ILE HD11 H  N N 180 
ILE HD12 H  N N 181 
ILE HD13 H  N N 182 
ILE HXT  H  N N 183 
LEU N    N  N N 184 
LEU CA   C  N S 185 
LEU C    C  N N 186 
LEU O    O  N N 187 
LEU CB   C  N N 188 
LEU CG   C  N N 189 
LEU CD1  C  N N 190 
LEU CD2  C  N N 191 
LEU OXT  O  N N 192 
LEU H    H  N N 193 
LEU H2   H  N N 194 
LEU HA   H  N N 195 
LEU HB2  H  N N 196 
LEU HB3  H  N N 197 
LEU HG   H  N N 198 
LEU HD11 H  N N 199 
LEU HD12 H  N N 200 
LEU HD13 H  N N 201 
LEU HD21 H  N N 202 
LEU HD22 H  N N 203 
LEU HD23 H  N N 204 
LEU HXT  H  N N 205 
LYS N    N  N N 206 
LYS CA   C  N S 207 
LYS C    C  N N 208 
LYS O    O  N N 209 
LYS CB   C  N N 210 
LYS CG   C  N N 211 
LYS CD   C  N N 212 
LYS CE   C  N N 213 
LYS NZ   N  N N 214 
LYS OXT  O  N N 215 
LYS H    H  N N 216 
LYS H2   H  N N 217 
LYS HA   H  N N 218 
LYS HB2  H  N N 219 
LYS HB3  H  N N 220 
LYS HG2  H  N N 221 
LYS HG3  H  N N 222 
LYS HD2  H  N N 223 
LYS HD3  H  N N 224 
LYS HE2  H  N N 225 
LYS HE3  H  N N 226 
LYS HZ1  H  N N 227 
LYS HZ2  H  N N 228 
LYS HZ3  H  N N 229 
LYS HXT  H  N N 230 
MET N    N  N N 231 
MET CA   C  N S 232 
MET C    C  N N 233 
MET O    O  N N 234 
MET CB   C  N N 235 
MET CG   C  N N 236 
MET SD   S  N N 237 
MET CE   C  N N 238 
MET OXT  O  N N 239 
MET H    H  N N 240 
MET H2   H  N N 241 
MET HA   H  N N 242 
MET HB2  H  N N 243 
MET HB3  H  N N 244 
MET HG2  H  N N 245 
MET HG3  H  N N 246 
MET HE1  H  N N 247 
MET HE2  H  N N 248 
MET HE3  H  N N 249 
MET HXT  H  N N 250 
NA  NA   NA N N 251 
PHE N    N  N N 252 
PHE CA   C  N S 253 
PHE C    C  N N 254 
PHE O    O  N N 255 
PHE CB   C  N N 256 
PHE CG   C  Y N 257 
PHE CD1  C  Y N 258 
PHE CD2  C  Y N 259 
PHE CE1  C  Y N 260 
PHE CE2  C  Y N 261 
PHE CZ   C  Y N 262 
PHE OXT  O  N N 263 
PHE H    H  N N 264 
PHE H2   H  N N 265 
PHE HA   H  N N 266 
PHE HB2  H  N N 267 
PHE HB3  H  N N 268 
PHE HD1  H  N N 269 
PHE HD2  H  N N 270 
PHE HE1  H  N N 271 
PHE HE2  H  N N 272 
PHE HZ   H  N N 273 
PHE HXT  H  N N 274 
PRO N    N  N N 275 
PRO CA   C  N S 276 
PRO C    C  N N 277 
PRO O    O  N N 278 
PRO CB   C  N N 279 
PRO CG   C  N N 280 
PRO CD   C  N N 281 
PRO OXT  O  N N 282 
PRO H    H  N N 283 
PRO HA   H  N N 284 
PRO HB2  H  N N 285 
PRO HB3  H  N N 286 
PRO HG2  H  N N 287 
PRO HG3  H  N N 288 
PRO HD2  H  N N 289 
PRO HD3  H  N N 290 
PRO HXT  H  N N 291 
SER N    N  N N 292 
SER CA   C  N S 293 
SER C    C  N N 294 
SER O    O  N N 295 
SER CB   C  N N 296 
SER OG   O  N N 297 
SER OXT  O  N N 298 
SER H    H  N N 299 
SER H2   H  N N 300 
SER HA   H  N N 301 
SER HB2  H  N N 302 
SER HB3  H  N N 303 
SER HG   H  N N 304 
SER HXT  H  N N 305 
THR N    N  N N 306 
THR CA   C  N S 307 
THR C    C  N N 308 
THR O    O  N N 309 
THR CB   C  N R 310 
THR OG1  O  N N 311 
THR CG2  C  N N 312 
THR OXT  O  N N 313 
THR H    H  N N 314 
THR H2   H  N N 315 
THR HA   H  N N 316 
THR HB   H  N N 317 
THR HG1  H  N N 318 
THR HG21 H  N N 319 
THR HG22 H  N N 320 
THR HG23 H  N N 321 
THR HXT  H  N N 322 
TRP N    N  N N 323 
TRP CA   C  N S 324 
TRP C    C  N N 325 
TRP O    O  N N 326 
TRP CB   C  N N 327 
TRP CG   C  Y N 328 
TRP CD1  C  Y N 329 
TRP CD2  C  Y N 330 
TRP NE1  N  Y N 331 
TRP CE2  C  Y N 332 
TRP CE3  C  Y N 333 
TRP CZ2  C  Y N 334 
TRP CZ3  C  Y N 335 
TRP CH2  C  Y N 336 
TRP OXT  O  N N 337 
TRP H    H  N N 338 
TRP H2   H  N N 339 
TRP HA   H  N N 340 
TRP HB2  H  N N 341 
TRP HB3  H  N N 342 
TRP HD1  H  N N 343 
TRP HE1  H  N N 344 
TRP HE3  H  N N 345 
TRP HZ2  H  N N 346 
TRP HZ3  H  N N 347 
TRP HH2  H  N N 348 
TRP HXT  H  N N 349 
TYR N    N  N N 350 
TYR CA   C  N S 351 
TYR C    C  N N 352 
TYR O    O  N N 353 
TYR CB   C  N N 354 
TYR CG   C  Y N 355 
TYR CD1  C  Y N 356 
TYR CD2  C  Y N 357 
TYR CE1  C  Y N 358 
TYR CE2  C  Y N 359 
TYR CZ   C  Y N 360 
TYR OH   O  N N 361 
TYR OXT  O  N N 362 
TYR H    H  N N 363 
TYR H2   H  N N 364 
TYR HA   H  N N 365 
TYR HB2  H  N N 366 
TYR HB3  H  N N 367 
TYR HD1  H  N N 368 
TYR HD2  H  N N 369 
TYR HE1  H  N N 370 
TYR HE2  H  N N 371 
TYR HH   H  N N 372 
TYR HXT  H  N N 373 
VAL N    N  N N 374 
VAL CA   C  N S 375 
VAL C    C  N N 376 
VAL O    O  N N 377 
VAL CB   C  N N 378 
VAL CG1  C  N N 379 
VAL CG2  C  N N 380 
VAL OXT  O  N N 381 
VAL H    H  N N 382 
VAL H2   H  N N 383 
VAL HA   H  N N 384 
VAL HB   H  N N 385 
VAL HG11 H  N N 386 
VAL HG12 H  N N 387 
VAL HG13 H  N N 388 
VAL HG21 H  N N 389 
VAL HG22 H  N N 390 
VAL HG23 H  N N 391 
VAL HXT  H  N N 392 
XYP O1   O  N N 393 
XYP C1   C  N R 394 
XYP C2   C  N R 395 
XYP C3   C  N S 396 
XYP C4   C  N R 397 
XYP C5   C  N N 398 
XYP O2   O  N N 399 
XYP O3   O  N N 400 
XYP O4   O  N N 401 
XYP O5   O  N N 402 
XYP HO1  H  N N 403 
XYP H1   H  N N 404 
XYP H2   H  N N 405 
XYP H3   H  N N 406 
XYP H4   H  N N 407 
XYP H51  H  N N 408 
XYP H52  H  N N 409 
XYP HO2  H  N N 410 
XYP HO3  H  N N 411 
XYP HO4  H  N N 412 
# 
loop_
_chem_comp_bond.comp_id 
_chem_comp_bond.atom_id_1 
_chem_comp_bond.atom_id_2 
_chem_comp_bond.value_order 
_chem_comp_bond.pdbx_aromatic_flag 
_chem_comp_bond.pdbx_stereo_config 
_chem_comp_bond.pdbx_ordinal 
ALA N   CA   sing N N 1   
ALA N   H    sing N N 2   
ALA N   H2   sing N N 3   
ALA CA  C    sing N N 4   
ALA CA  CB   sing N N 5   
ALA CA  HA   sing N N 6   
ALA C   O    doub N N 7   
ALA C   OXT  sing N N 8   
ALA CB  HB1  sing N N 9   
ALA CB  HB2  sing N N 10  
ALA CB  HB3  sing N N 11  
ALA OXT HXT  sing N N 12  
ARG N   CA   sing N N 13  
ARG N   H    sing N N 14  
ARG N   H2   sing N N 15  
ARG CA  C    sing N N 16  
ARG CA  CB   sing N N 17  
ARG CA  HA   sing N N 18  
ARG C   O    doub N N 19  
ARG C   OXT  sing N N 20  
ARG CB  CG   sing N N 21  
ARG CB  HB2  sing N N 22  
ARG CB  HB3  sing N N 23  
ARG CG  CD   sing N N 24  
ARG CG  HG2  sing N N 25  
ARG CG  HG3  sing N N 26  
ARG CD  NE   sing N N 27  
ARG CD  HD2  sing N N 28  
ARG CD  HD3  sing N N 29  
ARG NE  CZ   sing N N 30  
ARG NE  HE   sing N N 31  
ARG CZ  NH1  sing N N 32  
ARG CZ  NH2  doub N N 33  
ARG NH1 HH11 sing N N 34  
ARG NH1 HH12 sing N N 35  
ARG NH2 HH21 sing N N 36  
ARG NH2 HH22 sing N N 37  
ARG OXT HXT  sing N N 38  
ASN N   CA   sing N N 39  
ASN N   H    sing N N 40  
ASN N   H2   sing N N 41  
ASN CA  C    sing N N 42  
ASN CA  CB   sing N N 43  
ASN CA  HA   sing N N 44  
ASN C   O    doub N N 45  
ASN C   OXT  sing N N 46  
ASN CB  CG   sing N N 47  
ASN CB  HB2  sing N N 48  
ASN CB  HB3  sing N N 49  
ASN CG  OD1  doub N N 50  
ASN CG  ND2  sing N N 51  
ASN ND2 HD21 sing N N 52  
ASN ND2 HD22 sing N N 53  
ASN OXT HXT  sing N N 54  
ASP N   CA   sing N N 55  
ASP N   H    sing N N 56  
ASP N   H2   sing N N 57  
ASP CA  C    sing N N 58  
ASP CA  CB   sing N N 59  
ASP CA  HA   sing N N 60  
ASP C   O    doub N N 61  
ASP C   OXT  sing N N 62  
ASP CB  CG   sing N N 63  
ASP CB  HB2  sing N N 64  
ASP CB  HB3  sing N N 65  
ASP CG  OD1  doub N N 66  
ASP CG  OD2  sing N N 67  
ASP OD2 HD2  sing N N 68  
ASP OXT HXT  sing N N 69  
GLN N   CA   sing N N 70  
GLN N   H    sing N N 71  
GLN N   H2   sing N N 72  
GLN CA  C    sing N N 73  
GLN CA  CB   sing N N 74  
GLN CA  HA   sing N N 75  
GLN C   O    doub N N 76  
GLN C   OXT  sing N N 77  
GLN CB  CG   sing N N 78  
GLN CB  HB2  sing N N 79  
GLN CB  HB3  sing N N 80  
GLN CG  CD   sing N N 81  
GLN CG  HG2  sing N N 82  
GLN CG  HG3  sing N N 83  
GLN CD  OE1  doub N N 84  
GLN CD  NE2  sing N N 85  
GLN NE2 HE21 sing N N 86  
GLN NE2 HE22 sing N N 87  
GLN OXT HXT  sing N N 88  
GLU N   CA   sing N N 89  
GLU N   H    sing N N 90  
GLU N   H2   sing N N 91  
GLU CA  C    sing N N 92  
GLU CA  CB   sing N N 93  
GLU CA  HA   sing N N 94  
GLU C   O    doub N N 95  
GLU C   OXT  sing N N 96  
GLU CB  CG   sing N N 97  
GLU CB  HB2  sing N N 98  
GLU CB  HB3  sing N N 99  
GLU CG  CD   sing N N 100 
GLU CG  HG2  sing N N 101 
GLU CG  HG3  sing N N 102 
GLU CD  OE1  doub N N 103 
GLU CD  OE2  sing N N 104 
GLU OE2 HE2  sing N N 105 
GLU OXT HXT  sing N N 106 
GLY N   CA   sing N N 107 
GLY N   H    sing N N 108 
GLY N   H2   sing N N 109 
GLY CA  C    sing N N 110 
GLY CA  HA2  sing N N 111 
GLY CA  HA3  sing N N 112 
GLY C   O    doub N N 113 
GLY C   OXT  sing N N 114 
GLY OXT HXT  sing N N 115 
GOL C1  O1   sing N N 116 
GOL C1  C2   sing N N 117 
GOL C1  H11  sing N N 118 
GOL C1  H12  sing N N 119 
GOL O1  HO1  sing N N 120 
GOL C2  O2   sing N N 121 
GOL C2  C3   sing N N 122 
GOL C2  H2   sing N N 123 
GOL O2  HO2  sing N N 124 
GOL C3  O3   sing N N 125 
GOL C3  H31  sing N N 126 
GOL C3  H32  sing N N 127 
GOL O3  HO3  sing N N 128 
HIS N   CA   sing N N 129 
HIS N   H    sing N N 130 
HIS N   H2   sing N N 131 
HIS CA  C    sing N N 132 
HIS CA  CB   sing N N 133 
HIS CA  HA   sing N N 134 
HIS C   O    doub N N 135 
HIS C   OXT  sing N N 136 
HIS CB  CG   sing N N 137 
HIS CB  HB2  sing N N 138 
HIS CB  HB3  sing N N 139 
HIS CG  ND1  sing Y N 140 
HIS CG  CD2  doub Y N 141 
HIS ND1 CE1  doub Y N 142 
HIS ND1 HD1  sing N N 143 
HIS CD2 NE2  sing Y N 144 
HIS CD2 HD2  sing N N 145 
HIS CE1 NE2  sing Y N 146 
HIS CE1 HE1  sing N N 147 
HIS NE2 HE2  sing N N 148 
HIS OXT HXT  sing N N 149 
HOH O   H1   sing N N 150 
HOH O   H2   sing N N 151 
ILE N   CA   sing N N 152 
ILE N   H    sing N N 153 
ILE N   H2   sing N N 154 
ILE CA  C    sing N N 155 
ILE CA  CB   sing N N 156 
ILE CA  HA   sing N N 157 
ILE C   O    doub N N 158 
ILE C   OXT  sing N N 159 
ILE CB  CG1  sing N N 160 
ILE CB  CG2  sing N N 161 
ILE CB  HB   sing N N 162 
ILE CG1 CD1  sing N N 163 
ILE CG1 HG12 sing N N 164 
ILE CG1 HG13 sing N N 165 
ILE CG2 HG21 sing N N 166 
ILE CG2 HG22 sing N N 167 
ILE CG2 HG23 sing N N 168 
ILE CD1 HD11 sing N N 169 
ILE CD1 HD12 sing N N 170 
ILE CD1 HD13 sing N N 171 
ILE OXT HXT  sing N N 172 
LEU N   CA   sing N N 173 
LEU N   H    sing N N 174 
LEU N   H2   sing N N 175 
LEU CA  C    sing N N 176 
LEU CA  CB   sing N N 177 
LEU CA  HA   sing N N 178 
LEU C   O    doub N N 179 
LEU C   OXT  sing N N 180 
LEU CB  CG   sing N N 181 
LEU CB  HB2  sing N N 182 
LEU CB  HB3  sing N N 183 
LEU CG  CD1  sing N N 184 
LEU CG  CD2  sing N N 185 
LEU CG  HG   sing N N 186 
LEU CD1 HD11 sing N N 187 
LEU CD1 HD12 sing N N 188 
LEU CD1 HD13 sing N N 189 
LEU CD2 HD21 sing N N 190 
LEU CD2 HD22 sing N N 191 
LEU CD2 HD23 sing N N 192 
LEU OXT HXT  sing N N 193 
LYS N   CA   sing N N 194 
LYS N   H    sing N N 195 
LYS N   H2   sing N N 196 
LYS CA  C    sing N N 197 
LYS CA  CB   sing N N 198 
LYS CA  HA   sing N N 199 
LYS C   O    doub N N 200 
LYS C   OXT  sing N N 201 
LYS CB  CG   sing N N 202 
LYS CB  HB2  sing N N 203 
LYS CB  HB3  sing N N 204 
LYS CG  CD   sing N N 205 
LYS CG  HG2  sing N N 206 
LYS CG  HG3  sing N N 207 
LYS CD  CE   sing N N 208 
LYS CD  HD2  sing N N 209 
LYS CD  HD3  sing N N 210 
LYS CE  NZ   sing N N 211 
LYS CE  HE2  sing N N 212 
LYS CE  HE3  sing N N 213 
LYS NZ  HZ1  sing N N 214 
LYS NZ  HZ2  sing N N 215 
LYS NZ  HZ3  sing N N 216 
LYS OXT HXT  sing N N 217 
MET N   CA   sing N N 218 
MET N   H    sing N N 219 
MET N   H2   sing N N 220 
MET CA  C    sing N N 221 
MET CA  CB   sing N N 222 
MET CA  HA   sing N N 223 
MET C   O    doub N N 224 
MET C   OXT  sing N N 225 
MET CB  CG   sing N N 226 
MET CB  HB2  sing N N 227 
MET CB  HB3  sing N N 228 
MET CG  SD   sing N N 229 
MET CG  HG2  sing N N 230 
MET CG  HG3  sing N N 231 
MET SD  CE   sing N N 232 
MET CE  HE1  sing N N 233 
MET CE  HE2  sing N N 234 
MET CE  HE3  sing N N 235 
MET OXT HXT  sing N N 236 
PHE N   CA   sing N N 237 
PHE N   H    sing N N 238 
PHE N   H2   sing N N 239 
PHE CA  C    sing N N 240 
PHE CA  CB   sing N N 241 
PHE CA  HA   sing N N 242 
PHE C   O    doub N N 243 
PHE C   OXT  sing N N 244 
PHE CB  CG   sing N N 245 
PHE CB  HB2  sing N N 246 
PHE CB  HB3  sing N N 247 
PHE CG  CD1  doub Y N 248 
PHE CG  CD2  sing Y N 249 
PHE CD1 CE1  sing Y N 250 
PHE CD1 HD1  sing N N 251 
PHE CD2 CE2  doub Y N 252 
PHE CD2 HD2  sing N N 253 
PHE CE1 CZ   doub Y N 254 
PHE CE1 HE1  sing N N 255 
PHE CE2 CZ   sing Y N 256 
PHE CE2 HE2  sing N N 257 
PHE CZ  HZ   sing N N 258 
PHE OXT HXT  sing N N 259 
PRO N   CA   sing N N 260 
PRO N   CD   sing N N 261 
PRO N   H    sing N N 262 
PRO CA  C    sing N N 263 
PRO CA  CB   sing N N 264 
PRO CA  HA   sing N N 265 
PRO C   O    doub N N 266 
PRO C   OXT  sing N N 267 
PRO CB  CG   sing N N 268 
PRO CB  HB2  sing N N 269 
PRO CB  HB3  sing N N 270 
PRO CG  CD   sing N N 271 
PRO CG  HG2  sing N N 272 
PRO CG  HG3  sing N N 273 
PRO CD  HD2  sing N N 274 
PRO CD  HD3  sing N N 275 
PRO OXT HXT  sing N N 276 
SER N   CA   sing N N 277 
SER N   H    sing N N 278 
SER N   H2   sing N N 279 
SER CA  C    sing N N 280 
SER CA  CB   sing N N 281 
SER CA  HA   sing N N 282 
SER C   O    doub N N 283 
SER C   OXT  sing N N 284 
SER CB  OG   sing N N 285 
SER CB  HB2  sing N N 286 
SER CB  HB3  sing N N 287 
SER OG  HG   sing N N 288 
SER OXT HXT  sing N N 289 
THR N   CA   sing N N 290 
THR N   H    sing N N 291 
THR N   H2   sing N N 292 
THR CA  C    sing N N 293 
THR CA  CB   sing N N 294 
THR CA  HA   sing N N 295 
THR C   O    doub N N 296 
THR C   OXT  sing N N 297 
THR CB  OG1  sing N N 298 
THR CB  CG2  sing N N 299 
THR CB  HB   sing N N 300 
THR OG1 HG1  sing N N 301 
THR CG2 HG21 sing N N 302 
THR CG2 HG22 sing N N 303 
THR CG2 HG23 sing N N 304 
THR OXT HXT  sing N N 305 
TRP N   CA   sing N N 306 
TRP N   H    sing N N 307 
TRP N   H2   sing N N 308 
TRP CA  C    sing N N 309 
TRP CA  CB   sing N N 310 
TRP CA  HA   sing N N 311 
TRP C   O    doub N N 312 
TRP C   OXT  sing N N 313 
TRP CB  CG   sing N N 314 
TRP CB  HB2  sing N N 315 
TRP CB  HB3  sing N N 316 
TRP CG  CD1  doub Y N 317 
TRP CG  CD2  sing Y N 318 
TRP CD1 NE1  sing Y N 319 
TRP CD1 HD1  sing N N 320 
TRP CD2 CE2  doub Y N 321 
TRP CD2 CE3  sing Y N 322 
TRP NE1 CE2  sing Y N 323 
TRP NE1 HE1  sing N N 324 
TRP CE2 CZ2  sing Y N 325 
TRP CE3 CZ3  doub Y N 326 
TRP CE3 HE3  sing N N 327 
TRP CZ2 CH2  doub Y N 328 
TRP CZ2 HZ2  sing N N 329 
TRP CZ3 CH2  sing Y N 330 
TRP CZ3 HZ3  sing N N 331 
TRP CH2 HH2  sing N N 332 
TRP OXT HXT  sing N N 333 
TYR N   CA   sing N N 334 
TYR N   H    sing N N 335 
TYR N   H2   sing N N 336 
TYR CA  C    sing N N 337 
TYR CA  CB   sing N N 338 
TYR CA  HA   sing N N 339 
TYR C   O    doub N N 340 
TYR C   OXT  sing N N 341 
TYR CB  CG   sing N N 342 
TYR CB  HB2  sing N N 343 
TYR CB  HB3  sing N N 344 
TYR CG  CD1  doub Y N 345 
TYR CG  CD2  sing Y N 346 
TYR CD1 CE1  sing Y N 347 
TYR CD1 HD1  sing N N 348 
TYR CD2 CE2  doub Y N 349 
TYR CD2 HD2  sing N N 350 
TYR CE1 CZ   doub Y N 351 
TYR CE1 HE1  sing N N 352 
TYR CE2 CZ   sing Y N 353 
TYR CE2 HE2  sing N N 354 
TYR CZ  OH   sing N N 355 
TYR OH  HH   sing N N 356 
TYR OXT HXT  sing N N 357 
VAL N   CA   sing N N 358 
VAL N   H    sing N N 359 
VAL N   H2   sing N N 360 
VAL CA  C    sing N N 361 
VAL CA  CB   sing N N 362 
VAL CA  HA   sing N N 363 
VAL C   O    doub N N 364 
VAL C   OXT  sing N N 365 
VAL CB  CG1  sing N N 366 
VAL CB  CG2  sing N N 367 
VAL CB  HB   sing N N 368 
VAL CG1 HG11 sing N N 369 
VAL CG1 HG12 sing N N 370 
VAL CG1 HG13 sing N N 371 
VAL CG2 HG21 sing N N 372 
VAL CG2 HG22 sing N N 373 
VAL CG2 HG23 sing N N 374 
VAL OXT HXT  sing N N 375 
XYP O1  C1   sing N N 376 
XYP O1  HO1  sing N N 377 
XYP C1  C2   sing N N 378 
XYP C1  O5   sing N N 379 
XYP C1  H1   sing N N 380 
XYP C2  C3   sing N N 381 
XYP C2  O2   sing N N 382 
XYP C2  H2   sing N N 383 
XYP C3  C4   sing N N 384 
XYP C3  O3   sing N N 385 
XYP C3  H3   sing N N 386 
XYP C4  C5   sing N N 387 
XYP C4  O4   sing N N 388 
XYP C4  H4   sing N N 389 
XYP C5  O5   sing N N 390 
XYP C5  H51  sing N N 391 
XYP C5  H52  sing N N 392 
XYP O2  HO2  sing N N 393 
XYP O3  HO3  sing N N 394 
XYP O4  HO4  sing N N 395 
# 
loop_
_pdbx_branch_scheme.asym_id 
_pdbx_branch_scheme.entity_id 
_pdbx_branch_scheme.mon_id 
_pdbx_branch_scheme.num 
_pdbx_branch_scheme.pdb_asym_id 
_pdbx_branch_scheme.pdb_mon_id 
_pdbx_branch_scheme.pdb_seq_num 
_pdbx_branch_scheme.auth_asym_id 
_pdbx_branch_scheme.auth_mon_id 
_pdbx_branch_scheme.auth_seq_num 
_pdbx_branch_scheme.hetero 
B 2 XYP 1 B XYP 1 A XYP 1148 n 
B 2 XYP 2 B XYP 2 A XYP 1149 n 
B 2 XYP 3 B XYP 3 A XYP 1150 n 
# 
loop_
_pdbx_chem_comp_identifier.comp_id 
_pdbx_chem_comp_identifier.type 
_pdbx_chem_comp_identifier.program 
_pdbx_chem_comp_identifier.program_version 
_pdbx_chem_comp_identifier.identifier 
XYP 'CONDENSED IUPAC CARBOHYDRATE SYMBOL' GMML     1.0 DXylpb           
XYP 'COMMON NAME'                         GMML     1.0 b-D-xylopyranose 
XYP 'IUPAC CARBOHYDRATE SYMBOL'           PDB-CARE 1.0 b-D-Xylp         
XYP 'SNFG CARBOHYDRATE SYMBOL'            GMML     1.0 Xyl              
# 
_pdbx_entity_branch.entity_id   2 
_pdbx_entity_branch.type        oligosaccharide 
# 
loop_
_pdbx_entity_branch_descriptor.ordinal 
_pdbx_entity_branch_descriptor.entity_id 
_pdbx_entity_branch_descriptor.descriptor 
_pdbx_entity_branch_descriptor.type 
_pdbx_entity_branch_descriptor.program 
_pdbx_entity_branch_descriptor.program_version 
1 2 DXylpb1-4DXylpb1-4DXylpb1-ROH                          'Glycam Condensed Sequence' GMML       1.0   
2 2 'WURCS=2.0/1,3,2/[a212h-1b_1-5]/1-1-1/a4-b1_b4-c1'     WURCS                       PDB2Glycan 1.1.0 
3 2 '[][b-D-Xylp]{[(4+1)][b-D-Xylp]{[(4+1)][b-D-Xylp]{}}}' LINUCS                      PDB-CARE   ?     
# 
loop_
_pdbx_entity_branch_link.link_id 
_pdbx_entity_branch_link.entity_id 
_pdbx_entity_branch_link.entity_branch_list_num_1 
_pdbx_entity_branch_link.comp_id_1 
_pdbx_entity_branch_link.atom_id_1 
_pdbx_entity_branch_link.leaving_atom_id_1 
_pdbx_entity_branch_link.entity_branch_list_num_2 
_pdbx_entity_branch_link.comp_id_2 
_pdbx_entity_branch_link.atom_id_2 
_pdbx_entity_branch_link.leaving_atom_id_2 
_pdbx_entity_branch_link.value_order 
_pdbx_entity_branch_link.details 
1 2 2 XYP C1 O1 1 XYP O4 HO4 sing ? 
2 2 3 XYP C1 O1 2 XYP O4 HO4 sing ? 
# 
loop_
_pdbx_entity_branch_list.entity_id 
_pdbx_entity_branch_list.comp_id 
_pdbx_entity_branch_list.num 
_pdbx_entity_branch_list.hetero 
2 XYP 1 n 
2 XYP 2 n 
2 XYP 3 n 
# 
loop_
_pdbx_entity_nonpoly.entity_id 
_pdbx_entity_nonpoly.name 
_pdbx_entity_nonpoly.comp_id 
3 'SODIUM ION'  NA  
4 'CALCIUM ION' CA  
5 GLYCEROL      GOL 
6 water         HOH 
# 
_pdbx_initial_refinement_model.id               1 
_pdbx_initial_refinement_model.entity_id_list   ? 
_pdbx_initial_refinement_model.type             'experimental model' 
_pdbx_initial_refinement_model.source_name      PDB 
_pdbx_initial_refinement_model.accession_code   1GMM 
_pdbx_initial_refinement_model.details          'PDB ENTRY 1GMM' 
# 
